data_1YAE
#
_entry.id   1YAE
#
_cell.length_a   246.360
_cell.length_b   106.570
_cell.length_c   172.690
_cell.angle_alpha   90.00
_cell.angle_beta   133.19
_cell.angle_gamma   90.00
#
_symmetry.space_group_name_H-M   'C 1 2 1'
#
loop_
_entity.id
_entity.type
_entity.pdbx_description
1 polymer 'Glutamate receptor, ionotropic kainate 2'
2 branched alpha-L-fucopyranose-(1-6)-2-acetamido-2-deoxy-beta-D-glucopyranose
3 non-polymer '(2S,3S,4S)-2-CARBOXY-4-[(1Z,3E,5R)-5-CARBOXY-1-METHYL-1,3-HEXADIENYL]-3-PYRROLIDINEACETIC ACID'
4 non-polymer 2-acetamido-2-deoxy-beta-D-glucopyranose
5 water water
#
_entity_poly.entity_id   1
_entity_poly.type   'polypeptide(L)'
_entity_poly.pdbx_seq_one_letter_code
;GKPANITDSLSNRSLIVTTILEEPYVLFKKSDKPLYGNDRFEGYCIDLLRELSTILGFTYEIRLVEDGKYGAQDDVNGQW
NGMVRELIDHKADLAVAPLAITYVREKVIDFSKPFMTLGISILYRKPNGTNPGVFSFLNGGSLVPRGSERMESPIDSADD
LAKQTKIEYGAVEDGATMTFFKKSKISTYDKMWAFMSSRRQSVLVKSNEEGIQRVLTSDYAFLMESTTIEFVTQRNCNLT
QIGGLIDSKGYGVGTPMGSPYRDKITIAILQLQEEGKLHMMKEKWWRGNGCPEEESKEASALGVQNHHHHHH
;
_entity_poly.pdbx_strand_id   A,B,C,D,E,F
#
# COMPACT_ATOMS: atom_id res chain seq x y z
N PRO A 3 61.23 -15.13 19.49
CA PRO A 3 60.20 -14.34 18.83
C PRO A 3 58.82 -14.98 18.96
N ALA A 4 58.10 -15.12 17.84
CA ALA A 4 56.77 -15.76 17.80
C ALA A 4 56.46 -16.31 16.41
N ASN A 5 56.31 -17.64 16.38
CA ASN A 5 56.08 -18.37 15.13
C ASN A 5 54.61 -18.78 14.98
N ILE A 6 54.04 -18.66 13.75
CA ILE A 6 52.62 -18.96 13.54
C ILE A 6 52.29 -20.00 12.46
N THR A 7 53.15 -20.15 11.46
CA THR A 7 52.89 -21.12 10.39
C THR A 7 52.36 -22.42 11.01
N ASP A 8 51.19 -22.85 10.54
CA ASP A 8 50.46 -24.02 11.05
C ASP A 8 50.12 -24.01 12.55
N SER A 9 50.31 -22.88 13.22
CA SER A 9 50.10 -22.80 14.68
C SER A 9 48.77 -23.35 15.19
N LEU A 10 47.71 -23.25 14.39
CA LEU A 10 46.43 -23.89 14.73
C LEU A 10 46.05 -24.86 13.63
N SER A 11 46.96 -25.79 13.36
CA SER A 11 46.83 -26.74 12.27
C SER A 11 45.75 -27.78 12.53
N ASN A 12 45.54 -28.09 13.80
CA ASN A 12 44.60 -29.12 14.23
C ASN A 12 43.11 -28.69 14.11
N ARG A 13 42.86 -27.39 14.19
CA ARG A 13 41.51 -26.85 14.31
C ARG A 13 40.71 -26.86 13.01
N SER A 14 39.42 -27.16 13.12
CA SER A 14 38.46 -26.85 12.05
C SER A 14 37.43 -25.83 12.54
N LEU A 15 37.31 -24.74 11.79
CA LEU A 15 36.61 -23.56 12.26
C LEU A 15 35.35 -23.26 11.49
N ILE A 16 34.42 -22.60 12.16
CA ILE A 16 33.16 -22.22 11.57
C ILE A 16 33.17 -20.70 11.41
N VAL A 17 33.15 -20.24 10.16
CA VAL A 17 33.19 -18.83 9.88
C VAL A 17 31.82 -18.34 9.46
N THR A 18 31.30 -17.36 10.20
CA THR A 18 30.06 -16.69 9.84
C THR A 18 30.38 -15.46 9.01
N THR A 19 29.52 -15.15 8.04
CA THR A 19 29.75 -14.01 7.15
C THR A 19 28.42 -13.52 6.61
N ILE A 20 28.43 -12.44 5.85
CA ILE A 20 27.21 -11.86 5.31
C ILE A 20 27.43 -11.54 3.82
N LEU A 21 26.38 -11.57 3.02
CA LEU A 21 26.52 -11.26 1.61
C LEU A 21 26.59 -9.75 1.41
N GLU A 22 27.68 -9.31 0.78
CA GLU A 22 27.95 -7.88 0.54
C GLU A 22 29.06 -7.72 -0.50
N GLU A 23 28.72 -7.11 -1.63
CA GLU A 23 29.65 -6.91 -2.74
C GLU A 23 30.68 -5.81 -2.42
N PRO A 24 31.96 -6.03 -2.74
CA PRO A 24 32.48 -7.26 -3.30
C PRO A 24 33.26 -8.11 -2.27
N TYR A 25 32.80 -8.08 -1.02
CA TYR A 25 33.45 -8.84 0.05
C TYR A 25 33.09 -10.31 0.02
N VAL A 26 31.78 -10.60 -0.07
CA VAL A 26 31.29 -11.96 -0.15
C VAL A 26 30.14 -12.03 -1.15
N LEU A 27 30.29 -12.94 -2.11
CA LEU A 27 29.29 -13.20 -3.15
C LEU A 27 29.04 -14.70 -3.21
N PHE A 28 27.92 -15.09 -3.82
CA PHE A 28 27.79 -16.45 -4.34
C PHE A 28 28.39 -16.46 -5.72
N LYS A 29 29.16 -17.50 -6.02
CA LYS A 29 29.79 -17.65 -7.33
C LYS A 29 28.68 -17.79 -8.37
N LYS A 30 28.86 -17.14 -9.52
CA LYS A 30 27.98 -17.35 -10.68
C LYS A 30 28.48 -18.61 -11.38
N SER A 31 27.60 -19.59 -11.59
CA SER A 31 27.98 -20.88 -12.20
C SER A 31 26.81 -21.67 -12.79
N ASP A 32 27.08 -22.88 -13.28
CA ASP A 32 26.07 -23.64 -14.02
C ASP A 32 25.88 -25.10 -13.53
N LYS A 33 26.96 -25.70 -13.03
CA LYS A 33 26.85 -26.91 -12.24
C LYS A 33 26.47 -26.50 -10.81
N PRO A 34 25.68 -27.34 -10.10
CA PRO A 34 25.52 -27.22 -8.63
C PRO A 34 26.85 -27.17 -7.86
N LEU A 35 27.06 -26.11 -7.07
CA LEU A 35 28.34 -25.88 -6.35
C LEU A 35 28.17 -26.00 -4.84
N TYR A 36 29.21 -26.49 -4.17
CA TYR A 36 29.07 -26.99 -2.79
C TYR A 36 30.05 -26.42 -1.75
N GLY A 37 29.52 -26.05 -0.59
CA GLY A 37 30.33 -25.64 0.54
C GLY A 37 31.02 -24.30 0.35
N ASN A 38 32.22 -24.17 0.95
CA ASN A 38 33.06 -22.99 0.78
C ASN A 38 33.15 -22.54 -0.68
N ASP A 39 33.18 -23.55 -1.54
CA ASP A 39 33.25 -23.46 -2.98
C ASP A 39 32.16 -22.58 -3.60
N ARG A 40 31.04 -22.44 -2.90
CA ARG A 40 29.91 -21.61 -3.35
C ARG A 40 30.30 -20.14 -3.44
N PHE A 41 31.16 -19.71 -2.53
CA PHE A 41 31.42 -18.30 -2.28
C PHE A 41 32.66 -17.78 -2.98
N GLU A 42 32.73 -16.46 -3.11
CA GLU A 42 33.89 -15.75 -3.63
C GLU A 42 33.85 -14.31 -3.11
N GLY A 43 34.89 -13.54 -3.38
CA GLY A 43 34.96 -12.16 -2.90
C GLY A 43 36.21 -11.89 -2.11
N TYR A 44 36.45 -10.62 -1.80
CA TYR A 44 37.66 -10.23 -1.06
C TYR A 44 37.79 -11.01 0.25
N CYS A 45 36.74 -11.03 1.06
CA CYS A 45 36.74 -11.77 2.34
C CYS A 45 37.01 -13.27 2.18
N ILE A 46 36.57 -13.81 1.05
CA ILE A 46 36.74 -15.22 0.73
C ILE A 46 38.21 -15.51 0.43
N ASP A 47 38.85 -14.63 -0.34
CA ASP A 47 40.27 -14.73 -0.58
C ASP A 47 41.03 -14.54 0.73
N LEU A 48 40.64 -13.54 1.51
CA LEU A 48 41.30 -13.31 2.80
C LEU A 48 41.28 -14.59 3.61
N LEU A 49 40.12 -15.26 3.66
CA LEU A 49 39.98 -16.51 4.40
C LEU A 49 40.94 -17.57 3.91
N ARG A 50 40.92 -17.82 2.60
CA ARG A 50 41.83 -18.77 1.98
C ARG A 50 43.24 -18.48 2.43
N GLU A 51 43.61 -17.21 2.35
CA GLU A 51 44.95 -16.74 2.67
C GLU A 51 45.30 -16.99 4.12
N LEU A 52 44.43 -16.53 5.04
CA LEU A 52 44.62 -16.76 6.46
C LEU A 52 44.70 -18.25 6.77
N SER A 53 43.89 -19.06 6.06
CA SER A 53 43.96 -20.51 6.25
C SER A 53 45.29 -21.10 5.77
N THR A 54 45.80 -20.65 4.63
CA THR A 54 47.11 -21.14 4.18
C THR A 54 48.20 -20.86 5.23
N ILE A 55 48.25 -19.64 5.76
CA ILE A 55 49.24 -19.28 6.79
C ILE A 55 49.00 -20.05 8.11
N LEU A 56 47.80 -19.95 8.67
CA LEU A 56 47.53 -20.50 10.00
C LEU A 56 47.19 -22.01 9.98
N GLY A 57 46.95 -22.55 8.79
CA GLY A 57 46.76 -23.99 8.60
C GLY A 57 45.51 -24.64 9.22
N PHE A 58 44.43 -23.89 9.34
CA PHE A 58 43.17 -24.46 9.84
C PHE A 58 42.22 -24.79 8.67
N THR A 59 41.22 -25.63 8.93
CA THR A 59 40.16 -25.88 7.97
C THR A 59 38.92 -25.15 8.43
N TYR A 60 38.08 -24.71 7.49
CA TYR A 60 36.98 -23.82 7.83
C TYR A 60 35.73 -24.04 7.01
N GLU A 61 34.58 -23.80 7.62
CA GLU A 61 33.30 -23.86 6.91
C GLU A 61 32.63 -22.50 6.96
N ILE A 62 32.32 -21.95 5.79
CA ILE A 62 31.63 -20.65 5.71
C ILE A 62 30.13 -20.85 5.88
N ARG A 63 29.51 -19.98 6.68
CA ARG A 63 28.08 -20.01 6.90
C ARG A 63 27.53 -18.59 6.93
N LEU A 64 26.51 -18.28 6.12
CA LEU A 64 25.91 -16.94 6.19
C LEU A 64 25.24 -16.74 7.54
N VAL A 65 25.31 -15.53 8.09
CA VAL A 65 24.65 -15.24 9.36
C VAL A 65 23.20 -15.65 9.22
N GLU A 66 22.74 -16.48 10.15
CA GLU A 66 21.39 -17.02 10.10
C GLU A 66 20.35 -15.89 10.13
N ASP A 67 20.55 -14.92 11.02
CA ASP A 67 19.64 -13.80 11.16
C ASP A 67 19.84 -12.70 10.10
N GLY A 68 20.97 -12.76 9.41
CA GLY A 68 21.24 -11.88 8.26
C GLY A 68 21.56 -10.44 8.59
N LYS A 69 22.07 -10.19 9.80
CA LYS A 69 22.49 -8.86 10.21
C LYS A 69 23.93 -8.84 10.75
N TYR A 70 24.53 -7.65 10.81
CA TYR A 70 25.94 -7.51 11.19
C TYR A 70 26.11 -7.63 12.69
N GLY A 71 25.30 -6.89 13.43
CA GLY A 71 25.39 -6.92 14.88
C GLY A 71 25.20 -5.56 15.48
N ALA A 72 23.97 -5.26 15.89
CA ALA A 72 23.67 -4.07 16.66
C ALA A 72 23.12 -4.48 18.02
N GLN A 73 23.19 -3.58 18.99
CA GLN A 73 22.60 -3.87 20.28
C GLN A 73 21.20 -3.32 20.31
N ASP A 74 20.26 -4.17 20.71
CA ASP A 74 18.84 -3.79 20.79
C ASP A 74 18.62 -2.70 21.84
N ASP A 75 18.01 -1.60 21.42
CA ASP A 75 17.75 -0.42 22.29
C ASP A 75 16.99 -0.81 23.57
N VAL A 76 15.83 -1.41 23.36
CA VAL A 76 14.90 -1.87 24.42
C VAL A 76 15.57 -2.76 25.48
N ASN A 77 16.04 -3.94 25.06
CA ASN A 77 16.55 -4.95 25.98
C ASN A 77 18.04 -5.22 25.90
N GLY A 78 18.79 -4.32 25.26
CA GLY A 78 20.26 -4.42 25.16
C GLY A 78 20.81 -5.79 24.78
N GLN A 79 20.21 -6.42 23.77
CA GLN A 79 20.68 -7.73 23.29
C GLN A 79 21.31 -7.63 21.90
N TRP A 80 22.38 -8.40 21.70
CA TRP A 80 23.10 -8.35 20.44
C TRP A 80 22.49 -9.26 19.40
N ASN A 81 22.57 -8.87 18.12
CA ASN A 81 21.82 -9.55 17.08
C ASN A 81 22.55 -10.25 15.94
N GLY A 82 23.43 -9.62 15.18
CA GLY A 82 23.89 -10.31 13.96
C GLY A 82 25.01 -11.31 14.13
N MET A 83 26.05 -11.14 13.31
CA MET A 83 27.29 -11.89 13.45
C MET A 83 27.87 -11.74 14.85
N VAL A 84 27.72 -10.55 15.42
CA VAL A 84 28.16 -10.26 16.77
C VAL A 84 27.54 -11.26 17.76
N ARG A 85 26.23 -11.47 17.65
CA ARG A 85 25.53 -12.46 18.47
C ARG A 85 26.08 -13.88 18.26
N GLU A 86 26.19 -14.28 17.00
CA GLU A 86 26.66 -15.62 16.64
C GLU A 86 27.94 -15.97 17.38
N LEU A 87 28.79 -14.96 17.56
CA LEU A 87 30.09 -15.17 18.19
C LEU A 87 29.96 -15.42 19.68
N ILE A 88 29.16 -14.59 20.37
CA ILE A 88 28.97 -14.73 21.80
C ILE A 88 28.48 -16.14 22.14
N ASP A 89 27.37 -16.54 21.54
CA ASP A 89 26.86 -17.88 21.75
C ASP A 89 27.80 -18.91 21.14
N HIS A 90 29.04 -18.50 20.89
CA HIS A 90 30.09 -19.37 20.39
C HIS A 90 29.68 -20.18 19.15
N LYS A 91 28.57 -19.78 18.52
CA LYS A 91 28.04 -20.48 17.35
C LYS A 91 29.00 -20.43 16.17
N ALA A 92 29.82 -19.36 16.14
CA ALA A 92 30.87 -19.22 15.14
C ALA A 92 32.22 -18.98 15.82
N ASP A 93 33.30 -19.31 15.13
CA ASP A 93 34.66 -19.03 15.61
C ASP A 93 35.12 -17.66 15.15
N LEU A 94 34.86 -17.38 13.88
CA LEU A 94 35.36 -16.20 13.20
C LEU A 94 34.24 -15.52 12.44
N ALA A 95 34.28 -14.18 12.40
CA ALA A 95 33.39 -13.42 11.55
C ALA A 95 34.20 -12.63 10.51
N VAL A 96 34.25 -13.13 9.28
CA VAL A 96 34.96 -12.46 8.19
C VAL A 96 33.97 -11.74 7.29
N ALA A 97 33.87 -10.43 7.46
CA ALA A 97 32.94 -9.59 6.70
C ALA A 97 33.36 -8.13 6.83
N PRO A 98 32.81 -7.22 6.03
CA PRO A 98 32.99 -5.79 6.27
C PRO A 98 32.36 -5.33 7.58
N LEU A 99 32.77 -5.95 8.68
CA LEU A 99 32.30 -5.67 10.02
C LEU A 99 33.19 -4.62 10.68
N ALA A 100 32.68 -3.41 10.87
CA ALA A 100 33.47 -2.31 11.44
C ALA A 100 33.87 -2.54 12.90
N ILE A 101 35.14 -2.35 13.21
CA ILE A 101 35.63 -2.39 14.58
C ILE A 101 35.10 -1.15 15.29
N THR A 102 34.11 -1.35 16.16
CA THR A 102 33.40 -0.27 16.86
C THR A 102 33.65 -0.39 18.36
N TYR A 103 33.60 0.72 19.08
CA TYR A 103 33.74 0.69 20.54
C TYR A 103 32.69 -0.22 21.17
N VAL A 104 31.43 0.06 20.86
CA VAL A 104 30.30 -0.73 21.35
C VAL A 104 30.52 -2.23 21.08
N ARG A 105 30.84 -2.56 19.84
CA ARG A 105 31.07 -3.94 19.44
C ARG A 105 32.23 -4.60 20.19
N GLU A 106 33.30 -3.82 20.37
CA GLU A 106 34.51 -4.32 21.03
C GLU A 106 34.27 -4.70 22.51
N LYS A 107 33.26 -4.08 23.13
CA LYS A 107 32.94 -4.36 24.52
C LYS A 107 32.38 -5.76 24.77
N VAL A 108 31.75 -6.35 23.75
CA VAL A 108 31.19 -7.71 23.87
C VAL A 108 31.93 -8.77 23.03
N ILE A 109 32.78 -8.33 22.13
CA ILE A 109 33.47 -9.24 21.23
C ILE A 109 34.93 -8.83 21.05
N ASP A 110 35.79 -9.78 20.68
CA ASP A 110 37.16 -9.46 20.35
C ASP A 110 37.32 -9.29 18.83
N PHE A 111 38.16 -8.34 18.45
CA PHE A 111 38.45 -8.10 17.04
C PHE A 111 39.92 -8.32 16.77
N SER A 112 40.25 -8.79 15.58
CA SER A 112 41.64 -8.74 15.11
C SER A 112 41.95 -7.30 14.76
N LYS A 113 43.19 -7.02 14.42
CA LYS A 113 43.54 -5.71 13.88
C LYS A 113 43.02 -5.64 12.46
N PRO A 114 42.74 -4.43 11.97
CA PRO A 114 42.10 -4.24 10.67
C PRO A 114 42.83 -4.91 9.51
N PHE A 115 42.06 -5.48 8.60
CA PHE A 115 42.61 -5.96 7.34
C PHE A 115 42.36 -4.91 6.25
N MET A 116 41.50 -3.95 6.58
CA MET A 116 41.24 -2.81 5.71
C MET A 116 40.92 -1.60 6.57
N THR A 117 41.44 -0.44 6.20
CA THR A 117 41.07 0.78 6.90
C THR A 117 40.24 1.65 5.99
N LEU A 118 39.28 2.35 6.57
CA LEU A 118 38.38 3.22 5.83
C LEU A 118 37.85 4.36 6.70
N GLY A 119 36.77 4.99 6.26
CA GLY A 119 36.11 6.04 7.02
C GLY A 119 34.83 6.45 6.32
N ILE A 120 33.97 7.15 7.04
CA ILE A 120 32.68 7.60 6.49
C ILE A 120 32.91 8.68 5.44
N SER A 121 32.14 8.64 4.36
CA SER A 121 32.21 9.67 3.35
C SER A 121 30.85 9.93 2.68
N ILE A 122 30.82 10.80 1.68
CA ILE A 122 29.58 11.19 1.03
C ILE A 122 29.51 10.62 -0.38
N LEU A 123 28.37 10.05 -0.72
CA LEU A 123 28.12 9.54 -2.05
C LEU A 123 26.99 10.37 -2.64
N TYR A 124 27.31 11.08 -3.72
CA TYR A 124 26.35 11.97 -4.32
C TYR A 124 26.26 11.66 -5.81
N ARG A 125 25.32 12.32 -6.47
CA ARG A 125 25.17 12.21 -7.92
C ARG A 125 26.20 13.16 -8.50
N LYS A 126 26.88 12.76 -9.56
CA LYS A 126 27.88 13.63 -10.15
C LYS A 126 27.27 14.91 -10.76
N ILE A 155 28.68 22.25 -2.91
CA ILE A 155 28.74 21.39 -1.71
C ILE A 155 29.84 20.32 -1.81
N ASP A 156 30.79 20.34 -0.87
CA ASP A 156 31.84 19.30 -0.84
C ASP A 156 32.49 19.04 0.54
N SER A 157 31.66 19.09 1.58
CA SER A 157 32.12 18.95 2.95
C SER A 157 31.03 18.26 3.74
N ALA A 158 31.40 17.56 4.80
CA ALA A 158 30.39 17.05 5.73
C ALA A 158 29.61 18.23 6.31
N ASP A 159 30.31 19.34 6.55
CA ASP A 159 29.65 20.54 7.05
C ASP A 159 28.96 21.38 5.98
N ASP A 160 29.50 21.39 4.75
CA ASP A 160 28.76 21.98 3.62
C ASP A 160 27.35 21.40 3.58
N LEU A 161 27.19 20.25 4.21
CA LEU A 161 25.97 19.50 4.17
C LEU A 161 25.16 19.79 5.43
N ALA A 162 25.81 19.71 6.60
CA ALA A 162 25.16 19.90 7.89
C ALA A 162 24.65 21.32 8.03
N LYS A 163 25.39 22.26 7.45
CA LYS A 163 25.06 23.67 7.53
C LYS A 163 23.91 24.06 6.60
N GLN A 164 23.30 23.09 5.94
CA GLN A 164 22.22 23.36 4.99
C GLN A 164 21.03 22.42 5.12
N THR A 165 19.99 22.71 4.33
CA THR A 165 18.68 22.07 4.48
C THR A 165 18.06 21.57 3.17
N LYS A 166 18.53 22.11 2.03
CA LYS A 166 18.03 21.80 0.68
C LYS A 166 18.10 20.34 0.27
N ILE A 167 19.34 19.82 0.22
CA ILE A 167 19.67 18.44 -0.14
C ILE A 167 19.64 17.54 1.09
N GLU A 168 18.79 16.52 1.06
CA GLU A 168 18.68 15.59 2.18
C GLU A 168 19.84 14.61 2.23
N TYR A 169 20.13 14.11 3.43
CA TYR A 169 21.21 13.14 3.66
C TYR A 169 20.91 12.15 4.76
N GLY A 170 21.48 10.96 4.66
CA GLY A 170 21.29 9.91 5.68
C GLY A 170 22.28 8.76 5.60
N ALA A 171 22.07 7.76 6.45
CA ALA A 171 22.93 6.58 6.50
C ALA A 171 22.12 5.31 6.72
N VAL A 172 22.81 4.16 6.73
CA VAL A 172 22.21 2.88 7.07
C VAL A 172 21.87 2.84 8.57
N GLU A 173 20.60 2.58 8.87
CA GLU A 173 20.07 2.62 10.24
C GLU A 173 20.72 1.58 11.14
N ASP A 174 21.16 2.04 12.31
CA ASP A 174 21.82 1.21 13.32
C ASP A 174 23.13 0.57 12.87
N GLY A 175 23.73 1.14 11.83
CA GLY A 175 25.04 0.70 11.36
C GLY A 175 26.13 1.54 12.00
N ALA A 176 27.38 1.16 11.75
CA ALA A 176 28.53 1.88 12.30
C ALA A 176 28.50 3.35 11.90
N THR A 177 28.08 3.62 10.66
CA THR A 177 28.00 4.99 10.16
C THR A 177 27.06 5.81 11.01
N MET A 178 25.85 5.30 11.22
CA MET A 178 24.87 6.00 12.03
C MET A 178 25.36 6.17 13.46
N THR A 179 25.80 5.07 14.07
CA THR A 179 26.32 5.05 15.42
C THR A 179 27.39 6.10 15.66
N PHE A 180 28.18 6.39 14.63
CA PHE A 180 29.20 7.45 14.70
C PHE A 180 28.60 8.80 15.07
N PHE A 181 27.55 9.19 14.36
CA PHE A 181 26.88 10.48 14.57
C PHE A 181 26.07 10.51 15.83
N LYS A 182 25.30 9.45 16.04
CA LYS A 182 24.57 9.21 17.28
C LYS A 182 25.44 9.48 18.50
N LYS A 183 26.67 8.98 18.46
CA LYS A 183 27.60 9.06 19.59
C LYS A 183 28.45 10.33 19.65
N SER A 184 28.56 11.04 18.53
CA SER A 184 29.58 12.08 18.37
C SER A 184 29.31 13.32 19.20
N LYS A 185 30.37 13.80 19.86
CA LYS A 185 30.33 15.05 20.63
C LYS A 185 30.89 16.22 19.82
N ILE A 186 31.39 15.94 18.62
CA ILE A 186 31.83 17.02 17.74
C ILE A 186 30.59 17.73 17.27
N SER A 187 30.63 19.06 17.24
CA SER A 187 29.45 19.86 16.92
C SER A 187 28.86 19.57 15.55
N THR A 188 29.70 19.47 14.52
CA THR A 188 29.21 19.23 13.15
C THR A 188 28.35 17.98 13.09
N TYR A 189 28.90 16.88 13.59
CA TYR A 189 28.29 15.55 13.43
C TYR A 189 27.09 15.36 14.33
N ASP A 190 27.13 15.97 15.52
CA ASP A 190 25.96 16.04 16.37
C ASP A 190 24.93 16.98 15.76
N LYS A 191 25.34 18.03 15.07
CA LYS A 191 24.38 18.77 14.29
C LYS A 191 23.68 17.85 13.30
N MET A 192 24.44 17.07 12.54
CA MET A 192 23.88 16.22 11.48
C MET A 192 23.06 15.10 12.03
N TRP A 193 23.46 14.58 13.19
CA TRP A 193 22.72 13.51 13.86
C TRP A 193 21.35 13.99 14.27
N ALA A 194 21.28 15.20 14.80
CA ALA A 194 20.00 15.83 15.11
C ALA A 194 19.08 15.87 13.88
N PHE A 195 19.62 16.31 12.74
CA PHE A 195 18.87 16.32 11.49
C PHE A 195 18.27 14.96 11.15
N MET A 196 19.12 13.93 11.07
CA MET A 196 18.72 12.57 10.68
C MET A 196 17.81 11.93 11.70
N SER A 197 18.08 12.19 12.98
CA SER A 197 17.28 11.64 14.07
C SER A 197 15.84 12.12 13.95
N SER A 198 15.67 13.43 13.79
CA SER A 198 14.35 14.04 13.61
C SER A 198 13.60 13.52 12.37
N ARG A 199 14.35 13.14 11.34
CA ARG A 199 13.80 12.61 10.08
C ARG A 199 14.10 11.13 9.87
N ARG A 200 14.11 10.37 10.97
CA ARG A 200 14.45 8.94 11.03
C ARG A 200 13.90 8.09 9.90
N GLN A 201 12.59 8.11 9.71
CA GLN A 201 11.94 7.18 8.78
C GLN A 201 12.00 7.57 7.30
N SER A 202 12.31 8.84 7.01
CA SER A 202 12.41 9.27 5.62
C SER A 202 13.83 9.32 5.12
N VAL A 203 14.80 9.39 6.03
CA VAL A 203 16.18 9.69 5.65
C VAL A 203 17.19 8.59 5.94
N LEU A 204 16.89 7.72 6.90
CA LEU A 204 17.72 6.55 7.17
C LEU A 204 17.27 5.41 6.29
N VAL A 205 18.24 4.76 5.64
CA VAL A 205 17.94 3.62 4.76
C VAL A 205 18.31 2.30 5.45
N LYS A 206 17.91 1.18 4.86
CA LYS A 206 18.15 -0.11 5.52
C LYS A 206 19.32 -0.96 4.99
N SER A 207 19.87 -0.57 3.85
CA SER A 207 21.05 -1.22 3.27
C SER A 207 21.80 -0.32 2.29
N ASN A 208 23.01 -0.72 1.94
CA ASN A 208 23.83 0.01 0.98
C ASN A 208 23.11 0.26 -0.34
N GLU A 209 22.56 -0.81 -0.93
CA GLU A 209 21.88 -0.77 -2.22
C GLU A 209 20.70 0.20 -2.20
N GLU A 210 19.97 0.19 -1.08
CA GLU A 210 18.87 1.11 -0.84
C GLU A 210 19.36 2.55 -0.87
N GLY A 211 20.50 2.79 -0.23
CA GLY A 211 21.11 4.11 -0.22
C GLY A 211 21.55 4.58 -1.60
N ILE A 212 22.28 3.72 -2.32
CA ILE A 212 22.76 3.99 -3.68
C ILE A 212 21.61 4.43 -4.55
N GLN A 213 20.58 3.57 -4.59
CA GLN A 213 19.36 3.77 -5.35
C GLN A 213 18.67 5.09 -4.98
N ARG A 214 18.69 5.42 -3.69
CA ARG A 214 18.08 6.63 -3.16
C ARG A 214 18.86 7.89 -3.54
N VAL A 215 20.14 7.72 -3.87
CA VAL A 215 20.97 8.81 -4.37
C VAL A 215 20.61 9.07 -5.82
N LEU A 216 20.56 7.99 -6.59
CA LEU A 216 20.26 8.05 -8.00
C LEU A 216 18.82 8.53 -8.27
N THR A 217 17.91 8.23 -7.35
CA THR A 217 16.48 8.48 -7.53
C THR A 217 16.04 9.85 -7.02
N SER A 218 16.52 10.24 -5.85
CA SER A 218 16.11 11.52 -5.26
C SER A 218 17.27 12.50 -5.26
N ASP A 219 17.19 13.55 -4.46
CA ASP A 219 18.31 14.47 -4.29
C ASP A 219 18.92 14.30 -2.89
N TYR A 220 19.80 13.32 -2.78
CA TYR A 220 20.18 12.74 -1.50
C TYR A 220 21.66 12.43 -1.47
N ALA A 221 22.31 12.83 -0.39
CA ALA A 221 23.69 12.49 -0.14
C ALA A 221 23.73 11.33 0.84
N PHE A 222 24.38 10.26 0.44
CA PHE A 222 24.41 9.04 1.24
C PHE A 222 25.70 8.95 2.02
N LEU A 223 25.57 8.85 3.34
CA LEU A 223 26.71 8.69 4.22
C LEU A 223 27.12 7.23 4.29
N MET A 224 28.16 6.89 3.54
CA MET A 224 28.56 5.54 3.22
C MET A 224 30.04 5.34 3.50
N GLU A 225 30.45 4.11 3.76
CA GLU A 225 31.84 3.81 4.05
C GLU A 225 32.71 3.94 2.80
N SER A 226 33.75 4.77 2.90
CA SER A 226 34.63 5.10 1.77
C SER A 226 35.00 3.91 0.92
N THR A 227 35.34 2.82 1.61
CA THR A 227 35.74 1.58 0.97
C THR A 227 34.68 1.10 -0.02
N THR A 228 33.41 1.16 0.37
CA THR A 228 32.32 0.74 -0.51
C THR A 228 31.96 1.79 -1.55
N ILE A 229 32.17 3.07 -1.24
CA ILE A 229 31.97 4.15 -2.23
C ILE A 229 32.91 3.94 -3.40
N GLU A 230 34.18 3.76 -3.06
CA GLU A 230 35.25 3.51 -4.02
C GLU A 230 34.90 2.39 -4.97
N PHE A 231 34.12 1.42 -4.50
CA PHE A 231 33.68 0.31 -5.33
C PHE A 231 32.63 0.72 -6.35
N VAL A 232 31.55 1.33 -5.87
CA VAL A 232 30.45 1.73 -6.77
C VAL A 232 30.84 2.87 -7.70
N THR A 233 31.79 3.69 -7.25
CA THR A 233 32.26 4.83 -7.99
C THR A 233 32.88 4.42 -9.33
N GLN A 234 33.66 3.34 -9.34
CA GLN A 234 34.25 2.89 -10.60
C GLN A 234 33.43 1.80 -11.29
N ARG A 235 32.15 1.75 -10.96
CA ARG A 235 31.22 0.80 -11.55
C ARG A 235 29.97 1.53 -12.09
N ASN A 236 29.69 2.71 -11.53
CA ASN A 236 28.64 3.58 -12.02
C ASN A 236 29.20 4.99 -12.19
N CYS A 237 29.05 5.52 -13.38
CA CYS A 237 29.78 6.72 -13.75
C CYS A 237 29.09 8.03 -13.40
N ASN A 238 27.89 7.93 -12.83
CA ASN A 238 27.07 9.08 -12.41
C ASN A 238 27.25 9.40 -10.93
N LEU A 239 27.96 8.54 -10.21
CA LEU A 239 28.12 8.66 -8.76
C LEU A 239 29.51 9.12 -8.43
N THR A 240 29.63 10.04 -7.48
CA THR A 240 30.95 10.48 -7.03
C THR A 240 31.02 10.63 -5.53
N GLN A 241 32.26 10.63 -5.02
CA GLN A 241 32.51 10.85 -3.62
C GLN A 241 32.72 12.34 -3.38
N ILE A 242 32.14 12.86 -2.32
CA ILE A 242 32.26 14.27 -1.99
C ILE A 242 33.05 14.43 -0.70
N GLY A 243 34.14 15.18 -0.76
CA GLY A 243 34.98 15.39 0.41
C GLY A 243 35.87 14.20 0.72
N GLY A 244 36.57 14.26 1.85
CA GLY A 244 37.42 13.16 2.28
C GLY A 244 36.74 12.24 3.29
N LEU A 245 37.51 11.79 4.29
CA LEU A 245 37.07 10.81 5.26
C LEU A 245 36.61 11.49 6.54
N ILE A 246 35.35 11.31 6.89
CA ILE A 246 34.79 11.92 8.10
C ILE A 246 35.41 11.35 9.39
N ASP A 247 35.71 10.06 9.42
CA ASP A 247 36.45 9.46 10.52
C ASP A 247 37.41 8.42 9.98
N SER A 248 37.84 7.49 10.82
CA SER A 248 38.56 6.32 10.32
C SER A 248 38.26 5.04 11.09
N LYS A 249 37.78 4.06 10.35
CA LYS A 249 37.43 2.77 10.90
C LYS A 249 38.44 1.77 10.41
N GLY A 250 38.21 0.52 10.74
CA GLY A 250 38.91 -0.62 10.16
C GLY A 250 37.93 -1.76 10.16
N TYR A 251 38.08 -2.70 9.23
CA TYR A 251 37.31 -3.93 9.30
C TYR A 251 38.22 -4.95 9.92
N GLY A 252 37.77 -5.56 11.00
CA GLY A 252 38.57 -6.58 11.65
C GLY A 252 37.91 -7.93 11.62
N VAL A 253 38.72 -8.97 11.48
CA VAL A 253 38.24 -10.33 11.68
C VAL A 253 37.65 -10.44 13.10
N GLY A 254 36.39 -10.84 13.19
CA GLY A 254 35.66 -10.94 14.44
C GLY A 254 35.83 -12.27 15.13
N THR A 255 35.80 -12.24 16.47
CA THR A 255 36.24 -13.34 17.29
C THR A 255 35.55 -13.21 18.66
N PRO A 256 35.04 -14.31 19.22
CA PRO A 256 34.42 -14.26 20.55
C PRO A 256 35.33 -13.65 21.61
N MET A 257 34.73 -13.11 22.66
CA MET A 257 35.47 -12.48 23.75
C MET A 257 36.57 -13.40 24.28
N GLY A 258 37.81 -12.96 24.15
CA GLY A 258 38.97 -13.72 24.66
C GLY A 258 39.45 -14.92 23.84
N SER A 259 38.93 -15.08 22.62
CA SER A 259 39.34 -16.19 21.76
C SER A 259 40.86 -16.28 21.66
N PRO A 260 41.40 -17.50 21.75
CA PRO A 260 42.83 -17.71 21.59
C PRO A 260 43.32 -17.32 20.20
N TYR A 261 42.58 -17.73 19.16
CA TYR A 261 42.98 -17.56 17.76
C TYR A 261 43.33 -16.14 17.31
N ARG A 262 42.59 -15.16 17.86
CA ARG A 262 42.72 -13.75 17.51
C ARG A 262 44.14 -13.24 17.23
N ASP A 263 44.97 -13.19 18.27
CA ASP A 263 46.31 -12.61 18.21
C ASP A 263 47.10 -13.17 17.05
N LYS A 264 46.81 -14.41 16.68
CA LYS A 264 47.45 -15.08 15.58
C LYS A 264 46.91 -14.51 14.27
N ILE A 265 45.59 -14.38 14.17
CA ILE A 265 44.96 -13.81 12.97
C ILE A 265 45.49 -12.41 12.67
N THR A 266 45.67 -11.59 13.71
CA THR A 266 46.30 -10.28 13.55
C THR A 266 47.67 -10.40 12.88
N ILE A 267 48.55 -11.23 13.42
CA ILE A 267 49.90 -11.42 12.84
C ILE A 267 49.84 -11.96 11.41
N ALA A 268 48.98 -12.95 11.20
CA ALA A 268 48.76 -13.51 9.87
C ALA A 268 48.25 -12.44 8.90
N ILE A 269 47.50 -11.46 9.41
CA ILE A 269 47.03 -10.34 8.58
C ILE A 269 48.21 -9.48 8.14
N LEU A 270 48.86 -8.83 9.10
CA LEU A 270 50.02 -7.98 8.82
C LEU A 270 51.03 -8.63 7.88
N GLN A 271 51.12 -9.96 7.94
CA GLN A 271 52.04 -10.71 7.08
C GLN A 271 51.61 -10.65 5.61
N LEU A 272 50.30 -10.70 5.38
CA LEU A 272 49.75 -10.56 4.03
C LEU A 272 49.92 -9.11 3.57
N GLN A 273 49.57 -8.19 4.47
CA GLN A 273 49.70 -6.75 4.26
C GLN A 273 51.13 -6.41 3.91
N GLU A 274 52.06 -7.03 4.63
CA GLU A 274 53.47 -6.82 4.43
C GLU A 274 53.83 -7.00 2.97
N GLU A 275 53.67 -8.22 2.49
CA GLU A 275 54.13 -8.60 1.17
C GLU A 275 53.31 -7.95 0.06
N GLY A 276 52.15 -7.41 0.43
CA GLY A 276 51.32 -6.67 -0.49
C GLY A 276 50.28 -7.54 -1.14
N LYS A 277 49.85 -8.59 -0.45
CA LYS A 277 48.73 -9.41 -0.93
C LYS A 277 47.41 -8.70 -0.74
N LEU A 278 47.25 -8.04 0.40
CA LEU A 278 46.01 -7.34 0.69
C LEU A 278 45.77 -6.29 -0.37
N HIS A 279 46.78 -5.46 -0.64
CA HIS A 279 46.75 -4.51 -1.76
C HIS A 279 46.32 -5.14 -3.10
N MET A 280 46.76 -6.37 -3.35
CA MET A 280 46.46 -7.06 -4.59
C MET A 280 45.03 -7.62 -4.60
N MET A 281 44.57 -8.06 -3.44
CA MET A 281 43.21 -8.54 -3.31
C MET A 281 42.27 -7.35 -3.51
N LYS A 282 42.61 -6.25 -2.84
CA LYS A 282 41.93 -5.00 -3.00
C LYS A 282 41.91 -4.65 -4.47
N GLU A 283 43.08 -4.58 -5.10
CA GLU A 283 43.12 -4.27 -6.53
C GLU A 283 42.19 -5.19 -7.32
N LYS A 284 42.26 -6.49 -7.07
CA LYS A 284 41.47 -7.49 -7.82
C LYS A 284 39.99 -7.16 -7.88
N TRP A 285 39.31 -7.09 -6.72
CA TRP A 285 37.86 -6.95 -6.80
C TRP A 285 37.36 -5.54 -7.14
N TRP A 286 38.14 -4.51 -6.86
CA TRP A 286 37.77 -3.08 -6.95
C TRP A 286 38.02 -2.34 -8.27
N ARG A 287 39.16 -2.63 -8.80
CA ARG A 287 39.54 -2.13 -10.06
C ARG A 287 38.64 -2.75 -11.12
N GLY A 288 38.45 -2.06 -12.24
CA GLY A 288 37.61 -2.62 -13.29
C GLY A 288 37.34 -1.64 -14.45
N ASN A 289 36.09 -1.59 -14.88
CA ASN A 289 35.57 -0.70 -15.93
C ASN A 289 36.29 0.67 -15.90
N GLY A 290 35.79 1.65 -15.07
CA GLY A 290 36.40 3.01 -14.96
C GLY A 290 35.42 4.23 -14.78
N CYS A 291 35.87 5.46 -15.16
CA CYS A 291 35.19 6.79 -15.08
C CYS A 291 36.16 7.96 -14.94
N ASN B 5 -27.31 5.76 3.61
CA ASN B 5 -26.80 7.16 3.45
C ASN B 5 -25.45 7.34 4.14
N ILE B 6 -24.48 7.86 3.40
CA ILE B 6 -23.09 7.93 3.87
C ILE B 6 -22.52 9.32 4.15
N THR B 7 -23.11 10.36 3.53
CA THR B 7 -22.61 11.72 3.72
C THR B 7 -22.63 12.07 5.20
N ASP B 8 -21.46 12.49 5.70
CA ASP B 8 -21.17 12.72 7.14
C ASP B 8 -21.50 11.56 8.08
N SER B 9 -21.59 10.33 7.56
CA SER B 9 -21.83 9.14 8.39
C SER B 9 -21.10 9.20 9.72
N LEU B 10 -19.89 9.74 9.69
CA LEU B 10 -19.06 9.94 10.87
C LEU B 10 -18.48 11.36 10.85
N SER B 11 -19.39 12.34 10.93
CA SER B 11 -19.01 13.74 10.86
C SER B 11 -18.27 14.20 12.10
N ASN B 12 -18.79 13.89 13.28
CA ASN B 12 -18.11 14.33 14.48
C ASN B 12 -17.10 13.27 14.95
N ARG B 13 -16.20 12.84 14.07
CA ARG B 13 -15.16 11.89 14.48
C ARG B 13 -13.75 12.24 14.00
N SER B 14 -12.80 12.22 14.93
CA SER B 14 -11.43 12.56 14.60
C SER B 14 -10.55 11.31 14.63
N LEU B 15 -9.91 11.02 13.48
CA LEU B 15 -9.26 9.73 13.26
C LEU B 15 -7.73 9.80 13.19
N ILE B 16 -7.08 8.72 13.60
CA ILE B 16 -5.64 8.56 13.52
C ILE B 16 -5.35 7.61 12.37
N VAL B 17 -4.70 8.12 11.32
CA VAL B 17 -4.37 7.30 10.15
C VAL B 17 -2.90 6.96 10.19
N THR B 18 -2.59 5.67 10.24
CA THR B 18 -1.22 5.18 10.15
C THR B 18 -0.91 4.85 8.69
N THR B 19 0.30 5.15 8.25
CA THR B 19 0.70 4.87 6.87
C THR B 19 2.21 4.66 6.78
N ILE B 20 2.70 4.39 5.58
CA ILE B 20 4.10 4.12 5.38
C ILE B 20 4.60 4.88 4.14
N LEU B 21 5.88 5.26 4.12
CA LEU B 21 6.40 5.99 2.97
C LEU B 21 6.68 5.03 1.83
N GLU B 22 6.06 5.28 0.68
CA GLU B 22 6.23 4.42 -0.49
C GLU B 22 5.69 5.14 -1.73
N GLU B 23 6.58 5.37 -2.68
CA GLU B 23 6.24 6.14 -3.87
C GLU B 23 5.42 5.31 -4.86
N PRO B 24 4.37 5.88 -5.48
CA PRO B 24 3.91 7.24 -5.27
C PRO B 24 2.63 7.30 -4.41
N TYR B 25 2.53 6.41 -3.43
CA TYR B 25 1.36 6.36 -2.58
C TYR B 25 1.43 7.40 -1.46
N VAL B 26 2.58 7.47 -0.79
CA VAL B 26 2.77 8.40 0.31
C VAL B 26 4.20 8.91 0.22
N LEU B 27 4.36 10.23 0.13
CA LEU B 27 5.69 10.83 0.18
C LEU B 27 5.67 12.19 0.85
N PHE B 28 6.82 12.61 1.35
CA PHE B 28 6.90 13.93 1.93
C PHE B 28 7.00 14.90 0.78
N LYS B 29 6.31 16.02 0.91
CA LYS B 29 6.38 17.06 -0.08
C LYS B 29 7.79 17.61 -0.08
N LYS B 30 8.33 17.91 -1.27
CA LYS B 30 9.52 18.76 -1.40
C LYS B 30 9.07 20.20 -1.13
N SER B 31 9.78 20.91 -0.23
CA SER B 31 9.52 22.34 -0.01
C SER B 31 10.69 23.13 0.55
N ASP B 32 10.66 24.42 0.29
CA ASP B 32 11.66 25.34 0.82
C ASP B 32 11.30 25.73 2.27
N LYS B 33 10.02 26.05 2.49
CA LYS B 33 9.53 26.32 3.84
C LYS B 33 9.17 25.00 4.55
N PRO B 34 9.23 24.98 5.87
CA PRO B 34 8.76 23.83 6.64
C PRO B 34 7.27 23.58 6.41
N LEU B 35 6.86 22.32 6.41
CA LEU B 35 5.44 21.99 6.31
C LEU B 35 5.04 21.33 7.60
N TYR B 36 3.81 21.57 8.03
CA TYR B 36 3.38 21.11 9.35
C TYR B 36 2.15 20.21 9.29
N GLY B 37 2.22 19.12 10.05
CA GLY B 37 1.09 18.21 10.19
C GLY B 37 0.81 17.43 8.92
N ASN B 38 -0.46 17.23 8.62
CA ASN B 38 -0.87 16.50 7.42
C ASN B 38 -0.38 17.16 6.16
N ASP B 39 -0.23 18.48 6.21
CA ASP B 39 0.25 19.24 5.08
C ASP B 39 1.61 18.76 4.55
N ARG B 40 2.34 18.00 5.35
CA ARG B 40 3.68 17.53 4.99
C ARG B 40 3.71 16.53 3.85
N PHE B 41 2.57 15.92 3.56
CA PHE B 41 2.49 14.75 2.68
C PHE B 41 1.72 14.97 1.41
N GLU B 42 2.11 14.20 0.39
CA GLU B 42 1.31 14.06 -0.81
C GLU B 42 1.37 12.62 -1.25
N GLY B 43 0.69 12.30 -2.33
CA GLY B 43 0.70 10.97 -2.88
C GLY B 43 -0.70 10.47 -3.12
N TYR B 44 -0.81 9.38 -3.87
CA TYR B 44 -2.10 8.77 -4.15
C TYR B 44 -2.95 8.58 -2.89
N CYS B 45 -2.41 7.89 -1.89
CA CYS B 45 -3.16 7.59 -0.69
C CYS B 45 -3.52 8.83 0.10
N ILE B 46 -2.73 9.88 -0.01
CA ILE B 46 -3.03 11.14 0.65
C ILE B 46 -4.26 11.78 0.00
N ASP B 47 -4.30 11.76 -1.33
CA ASP B 47 -5.47 12.25 -2.09
C ASP B 47 -6.68 11.40 -1.75
N LEU B 48 -6.50 10.09 -1.73
CA LEU B 48 -7.59 9.19 -1.33
C LEU B 48 -8.14 9.57 0.04
N LEU B 49 -7.26 9.85 0.99
CA LEU B 49 -7.70 10.18 2.33
C LEU B 49 -8.49 11.47 2.33
N ARG B 50 -7.96 12.49 1.68
CA ARG B 50 -8.64 13.77 1.49
C ARG B 50 -10.05 13.53 0.95
N GLU B 51 -10.14 12.71 -0.09
CA GLU B 51 -11.40 12.37 -0.72
C GLU B 51 -12.35 11.64 0.21
N LEU B 52 -11.89 10.58 0.85
CA LEU B 52 -12.68 9.86 1.83
C LEU B 52 -13.17 10.78 2.94
N SER B 53 -12.32 11.71 3.36
CA SER B 53 -12.72 12.69 4.36
C SER B 53 -13.82 13.63 3.85
N THR B 54 -13.67 14.16 2.63
CA THR B 54 -14.73 14.96 1.98
C THR B 54 -16.06 14.25 2.16
N ILE B 55 -16.14 13.01 1.67
CA ILE B 55 -17.39 12.24 1.68
C ILE B 55 -17.89 11.92 3.07
N LEU B 56 -17.05 11.28 3.88
CA LEU B 56 -17.49 10.78 5.17
C LEU B 56 -17.45 11.84 6.29
N GLY B 57 -16.78 12.95 6.00
CA GLY B 57 -16.75 14.13 6.89
C GLY B 57 -16.03 14.02 8.23
N PHE B 58 -14.98 13.20 8.29
CA PHE B 58 -14.19 13.05 9.50
C PHE B 58 -12.94 13.92 9.43
N THR B 59 -12.34 14.21 10.58
CA THR B 59 -11.02 14.85 10.65
C THR B 59 -9.97 13.79 10.96
N TYR B 60 -8.76 13.93 10.43
CA TYR B 60 -7.74 12.90 10.57
C TYR B 60 -6.32 13.42 10.75
N GLU B 61 -5.51 12.66 11.47
CA GLU B 61 -4.08 12.93 11.61
C GLU B 61 -3.27 11.77 11.02
N ILE B 62 -2.43 12.09 10.05
CA ILE B 62 -1.57 11.08 9.44
C ILE B 62 -0.34 10.87 10.32
N ARG B 63 0.04 9.61 10.50
CA ARG B 63 1.18 9.27 11.32
C ARG B 63 1.89 8.11 10.66
N LEU B 64 3.19 8.20 10.37
CA LEU B 64 3.82 7.02 9.80
C LEU B 64 4.06 5.94 10.83
N VAL B 65 3.96 4.69 10.38
CA VAL B 65 4.09 3.53 11.24
C VAL B 65 5.34 3.67 12.06
N GLU B 66 5.20 3.60 13.38
CA GLU B 66 6.36 3.79 14.27
C GLU B 66 7.45 2.78 13.96
N ASP B 67 7.08 1.51 13.82
CA ASP B 67 8.08 0.48 13.56
C ASP B 67 8.50 0.41 12.09
N GLY B 68 7.75 1.08 11.22
CA GLY B 68 8.13 1.21 9.81
C GLY B 68 7.97 -0.03 8.94
N LYS B 69 7.05 -0.91 9.34
CA LYS B 69 6.74 -2.17 8.63
C LYS B 69 5.26 -2.22 8.23
N TYR B 70 4.94 -3.00 7.20
CA TYR B 70 3.54 -3.14 6.78
C TYR B 70 2.72 -4.00 7.73
N GLY B 71 3.23 -5.18 8.07
CA GLY B 71 2.56 -6.09 8.97
C GLY B 71 2.73 -7.53 8.54
N ALA B 72 3.72 -8.19 9.11
CA ALA B 72 3.91 -9.63 8.95
C ALA B 72 3.67 -10.32 10.29
N GLN B 73 3.38 -11.61 10.23
CA GLN B 73 3.26 -12.40 11.45
C GLN B 73 4.62 -13.00 11.74
N ASP B 74 5.12 -12.76 12.95
CA ASP B 74 6.38 -13.34 13.41
C ASP B 74 6.31 -14.88 13.42
N ASP B 75 7.24 -15.49 12.70
CA ASP B 75 7.37 -16.95 12.59
C ASP B 75 7.40 -17.67 13.95
N VAL B 76 8.41 -17.30 14.76
CA VAL B 76 8.67 -17.88 16.07
C VAL B 76 7.50 -17.71 17.06
N ASN B 77 7.10 -16.48 17.37
CA ASN B 77 6.06 -16.25 18.38
C ASN B 77 4.68 -15.79 17.89
N GLY B 78 4.43 -15.91 16.58
CA GLY B 78 3.14 -15.51 15.98
C GLY B 78 2.59 -14.16 16.40
N GLN B 79 3.46 -13.15 16.43
CA GLN B 79 3.04 -11.77 16.75
C GLN B 79 3.09 -10.83 15.54
N TRP B 80 2.09 -9.98 15.44
CA TRP B 80 1.97 -9.06 14.31
C TRP B 80 2.77 -7.80 14.52
N ASN B 81 3.30 -7.23 13.43
CA ASN B 81 4.27 -6.17 13.58
C ASN B 81 3.99 -4.80 12.99
N GLY B 82 3.69 -4.62 11.72
CA GLY B 82 3.67 -3.25 11.22
C GLY B 82 2.43 -2.43 11.50
N MET B 83 1.87 -1.84 10.44
CA MET B 83 0.59 -1.15 10.53
C MET B 83 -0.48 -2.10 11.02
N VAL B 84 -0.36 -3.37 10.67
CA VAL B 84 -1.31 -4.40 11.10
C VAL B 84 -1.37 -4.44 12.63
N ARG B 85 -0.20 -4.40 13.27
CA ARG B 85 -0.10 -4.34 14.72
C ARG B 85 -0.72 -3.08 15.29
N GLU B 86 -0.35 -1.92 14.74
CA GLU B 86 -0.88 -0.64 15.22
C GLU B 86 -2.40 -0.62 15.27
N LEU B 87 -3.04 -1.35 14.36
CA LEU B 87 -4.49 -1.41 14.32
C LEU B 87 -5.07 -2.23 15.46
N ILE B 88 -4.50 -3.40 15.72
CA ILE B 88 -4.98 -4.27 16.79
C ILE B 88 -4.88 -3.55 18.12
N ASP B 89 -3.67 -3.05 18.37
CA ASP B 89 -3.35 -2.33 19.59
C ASP B 89 -4.11 -1.01 19.65
N HIS B 90 -5.08 -0.83 18.75
CA HIS B 90 -5.87 0.39 18.66
C HIS B 90 -5.04 1.67 18.84
N LYS B 91 -3.83 1.72 18.28
CA LYS B 91 -3.08 2.98 18.22
C LYS B 91 -3.54 3.80 17.02
N ALA B 92 -4.19 3.12 16.06
CA ALA B 92 -4.69 3.73 14.82
C ALA B 92 -6.11 3.30 14.48
N ASP B 93 -6.83 4.16 13.77
CA ASP B 93 -8.18 3.85 13.29
C ASP B 93 -8.15 3.23 11.89
N LEU B 94 -7.32 3.80 11.03
CA LEU B 94 -7.28 3.42 9.64
C LEU B 94 -5.84 3.26 9.19
N ALA B 95 -5.60 2.32 8.28
CA ALA B 95 -4.30 2.16 7.63
C ALA B 95 -4.43 2.41 6.13
N VAL B 96 -3.98 3.58 5.67
CA VAL B 96 -4.11 3.95 4.28
C VAL B 96 -2.74 3.88 3.61
N ALA B 97 -2.50 2.81 2.85
CA ALA B 97 -1.19 2.52 2.24
C ALA B 97 -1.33 1.40 1.22
N PRO B 98 -0.32 1.14 0.40
CA PRO B 98 -0.33 -0.03 -0.47
C PRO B 98 -0.24 -1.35 0.34
N LEU B 99 -1.21 -1.54 1.24
CA LEU B 99 -1.29 -2.70 2.09
C LEU B 99 -2.17 -3.74 1.40
N ALA B 100 -1.59 -4.85 0.98
CA ALA B 100 -2.33 -5.91 0.27
C ALA B 100 -3.33 -6.60 1.18
N ILE B 101 -4.55 -6.77 0.69
CA ILE B 101 -5.56 -7.57 1.39
C ILE B 101 -5.18 -9.04 1.22
N THR B 102 -4.71 -9.62 2.31
CA THR B 102 -4.18 -10.98 2.37
C THR B 102 -5.07 -11.82 3.27
N TYR B 103 -5.14 -13.12 3.00
CA TYR B 103 -5.88 -14.04 3.85
C TYR B 103 -5.40 -13.96 5.29
N VAL B 104 -4.11 -14.17 5.49
CA VAL B 104 -3.46 -14.09 6.80
C VAL B 104 -3.78 -12.78 7.52
N ARG B 105 -3.61 -11.65 6.82
CA ARG B 105 -3.89 -10.35 7.40
C ARG B 105 -5.37 -10.16 7.76
N GLU B 106 -6.25 -10.68 6.91
CA GLU B 106 -7.69 -10.52 7.12
C GLU B 106 -8.14 -11.25 8.39
N LYS B 107 -7.39 -12.26 8.81
CA LYS B 107 -7.74 -13.05 9.99
C LYS B 107 -7.65 -12.25 11.29
N VAL B 108 -6.86 -11.19 11.29
CA VAL B 108 -6.65 -10.41 12.51
C VAL B 108 -7.13 -8.96 12.40
N ILE B 109 -7.33 -8.54 11.16
CA ILE B 109 -7.70 -7.16 10.84
C ILE B 109 -8.86 -7.13 9.87
N ASP B 110 -9.64 -6.06 9.91
CA ASP B 110 -10.63 -5.87 8.88
C ASP B 110 -10.13 -4.97 7.78
N PHE B 111 -10.52 -5.29 6.56
CA PHE B 111 -10.14 -4.50 5.41
C PHE B 111 -11.38 -3.92 4.76
N SER B 112 -11.28 -2.73 4.19
CA SER B 112 -12.28 -2.22 3.26
C SER B 112 -12.17 -3.03 1.96
N LYS B 113 -13.09 -2.81 1.03
CA LYS B 113 -12.93 -3.39 -0.31
C LYS B 113 -11.85 -2.57 -1.02
N PRO B 114 -11.16 -3.18 -1.99
CA PRO B 114 -9.98 -2.54 -2.60
C PRO B 114 -10.27 -1.19 -3.23
N PHE B 115 -9.34 -0.26 -3.07
CA PHE B 115 -9.38 0.98 -3.82
C PHE B 115 -8.50 0.88 -5.07
N MET B 116 -7.70 -0.19 -5.12
CA MET B 116 -6.89 -0.53 -6.27
C MET B 116 -6.77 -2.04 -6.37
N THR B 117 -6.86 -2.57 -7.59
CA THR B 117 -6.57 -3.98 -7.80
C THR B 117 -5.31 -4.16 -8.63
N LEU B 118 -4.59 -5.23 -8.31
CA LEU B 118 -3.30 -5.49 -8.96
C LEU B 118 -3.00 -7.00 -8.90
N GLY B 119 -1.74 -7.34 -9.17
CA GLY B 119 -1.26 -8.72 -9.02
C GLY B 119 0.26 -8.78 -9.16
N ILE B 120 0.84 -9.92 -8.79
CA ILE B 120 2.28 -10.13 -8.91
C ILE B 120 2.67 -10.13 -10.38
N SER B 121 3.82 -9.54 -10.70
CA SER B 121 4.39 -9.64 -12.05
C SER B 121 5.93 -9.61 -12.02
N ILE B 122 6.54 -9.57 -13.21
CA ILE B 122 8.00 -9.63 -13.33
C ILE B 122 8.56 -8.30 -13.79
N LEU B 123 9.63 -7.86 -13.13
CA LEU B 123 10.34 -6.62 -13.47
C LEU B 123 11.74 -7.01 -13.93
N TYR B 124 12.11 -6.62 -15.15
CA TYR B 124 13.38 -7.02 -15.71
C TYR B 124 13.87 -6.02 -16.74
N ARG B 125 15.19 -5.86 -16.79
CA ARG B 125 15.82 -4.95 -17.72
C ARG B 125 15.30 -5.16 -19.13
N LYS B 126 15.27 -4.04 -19.84
CA LYS B 126 14.90 -4.14 -21.22
C LYS B 126 15.98 -4.99 -21.94
N PRO B 127 15.58 -5.98 -22.78
CA PRO B 127 16.61 -6.83 -23.43
C PRO B 127 17.64 -6.06 -24.26
N ASN B 128 17.26 -4.86 -24.63
CA ASN B 128 18.15 -4.00 -25.35
C ASN B 128 17.74 -2.56 -25.18
N ILE B 155 11.75 -16.64 -22.74
CA ILE B 155 11.59 -15.78 -21.56
C ILE B 155 10.45 -14.76 -21.73
N ASP B 156 9.20 -15.19 -21.49
CA ASP B 156 8.02 -14.31 -21.58
C ASP B 156 6.91 -14.62 -20.53
N SER B 157 6.98 -15.80 -19.93
CA SER B 157 5.99 -16.22 -18.93
C SER B 157 6.62 -16.36 -17.54
N ALA B 158 5.76 -16.56 -16.54
CA ALA B 158 6.21 -16.85 -15.18
C ALA B 158 6.70 -18.29 -15.08
N ASP B 159 6.17 -19.17 -15.95
CA ASP B 159 6.64 -20.55 -16.06
C ASP B 159 8.08 -20.56 -16.57
N ASP B 160 8.33 -19.74 -17.60
CA ASP B 160 9.67 -19.58 -18.20
C ASP B 160 10.77 -19.41 -17.15
N LEU B 161 10.53 -18.53 -16.18
CA LEU B 161 11.47 -18.35 -15.10
C LEU B 161 11.66 -19.66 -14.33
N ALA B 162 10.56 -20.29 -13.94
CA ALA B 162 10.63 -21.48 -13.11
C ALA B 162 11.27 -22.67 -13.81
N LYS B 163 11.26 -22.64 -15.15
CA LYS B 163 11.81 -23.74 -15.96
C LYS B 163 13.33 -23.69 -15.97
N GLN B 164 13.89 -22.49 -16.02
CA GLN B 164 15.33 -22.32 -16.09
C GLN B 164 15.95 -21.87 -14.77
N THR B 165 17.24 -21.55 -14.81
CA THR B 165 18.02 -21.33 -13.60
C THR B 165 19.09 -20.21 -13.69
N LYS B 166 19.48 -19.84 -14.92
CA LYS B 166 20.60 -18.90 -15.15
C LYS B 166 20.29 -17.43 -14.90
N ILE B 167 19.02 -17.08 -14.97
CA ILE B 167 18.56 -15.75 -14.51
C ILE B 167 17.93 -15.94 -13.14
N GLU B 168 18.52 -15.33 -12.13
CA GLU B 168 17.98 -15.41 -10.76
C GLU B 168 16.74 -14.54 -10.59
N TYR B 169 15.88 -14.93 -9.65
CA TYR B 169 14.66 -14.19 -9.36
C TYR B 169 14.26 -14.25 -7.87
N GLY B 170 13.57 -13.22 -7.40
CA GLY B 170 13.12 -13.15 -6.01
C GLY B 170 12.08 -12.08 -5.74
N ALA B 171 11.72 -11.93 -4.47
CA ALA B 171 10.70 -10.99 -4.02
C ALA B 171 11.09 -10.31 -2.71
N VAL B 172 10.29 -9.35 -2.25
CA VAL B 172 10.57 -8.76 -0.94
C VAL B 172 10.13 -9.71 0.19
N GLU B 173 11.08 -9.96 1.09
CA GLU B 173 10.95 -10.96 2.15
C GLU B 173 9.78 -10.69 3.07
N ASP B 174 9.00 -11.72 3.33
CA ASP B 174 7.82 -11.66 4.22
C ASP B 174 6.73 -10.70 3.76
N GLY B 175 6.76 -10.31 2.49
CA GLY B 175 5.70 -9.48 1.93
C GLY B 175 4.61 -10.34 1.33
N ALA B 176 3.53 -9.71 0.89
CA ALA B 176 2.43 -10.42 0.25
C ALA B 176 2.87 -11.21 -0.98
N THR B 177 3.81 -10.65 -1.73
CA THR B 177 4.32 -11.32 -2.89
C THR B 177 4.99 -12.64 -2.54
N MET B 178 5.89 -12.63 -1.56
CA MET B 178 6.54 -13.86 -1.11
C MET B 178 5.51 -14.83 -0.50
N THR B 179 4.70 -14.32 0.44
CA THR B 179 3.58 -15.03 1.05
C THR B 179 2.74 -15.83 0.05
N PHE B 180 2.54 -15.27 -1.13
CA PHE B 180 1.79 -15.95 -2.19
C PHE B 180 2.43 -17.26 -2.59
N PHE B 181 3.74 -17.24 -2.84
CA PHE B 181 4.45 -18.44 -3.27
C PHE B 181 4.54 -19.44 -2.15
N LYS B 182 4.61 -18.94 -0.92
CA LYS B 182 4.56 -19.76 0.27
C LYS B 182 3.31 -20.66 0.32
N LYS B 183 2.13 -20.11 0.01
CA LYS B 183 0.85 -20.83 0.15
C LYS B 183 0.43 -21.56 -1.12
N SER B 184 0.79 -20.99 -2.27
CA SER B 184 0.35 -21.50 -3.57
C SER B 184 0.70 -22.98 -3.76
N LYS B 185 -0.29 -23.74 -4.22
CA LYS B 185 -0.06 -25.13 -4.58
C LYS B 185 -0.35 -25.36 -6.06
N ILE B 186 -0.10 -24.34 -6.86
CA ILE B 186 0.02 -24.49 -8.30
C ILE B 186 1.44 -24.97 -8.52
N SER B 187 1.63 -25.91 -9.44
CA SER B 187 2.95 -26.47 -9.68
C SER B 187 4.00 -25.39 -9.90
N THR B 188 3.72 -24.46 -10.81
CA THR B 188 4.70 -23.45 -11.22
C THR B 188 5.15 -22.55 -10.07
N TYR B 189 4.21 -22.10 -9.25
CA TYR B 189 4.52 -21.16 -8.17
C TYR B 189 4.99 -21.86 -6.90
N ASP B 190 4.77 -23.17 -6.80
CA ASP B 190 5.32 -23.97 -5.71
C ASP B 190 6.75 -24.36 -6.04
N LYS B 191 7.01 -24.61 -7.32
CA LYS B 191 8.35 -24.80 -7.79
C LYS B 191 9.21 -23.57 -7.49
N MET B 192 8.71 -22.37 -7.80
CA MET B 192 9.46 -21.12 -7.67
C MET B 192 9.79 -20.82 -6.22
N TRP B 193 8.85 -21.15 -5.35
CA TRP B 193 9.01 -20.93 -3.92
C TRP B 193 10.15 -21.78 -3.37
N ALA B 194 10.21 -23.03 -3.79
CA ALA B 194 11.31 -23.91 -3.45
C ALA B 194 12.65 -23.28 -3.83
N PHE B 195 12.75 -22.76 -5.06
CA PHE B 195 13.94 -22.08 -5.54
C PHE B 195 14.37 -20.94 -4.62
N MET B 196 13.49 -19.97 -4.38
CA MET B 196 13.87 -18.82 -3.56
C MET B 196 14.02 -19.13 -2.07
N SER B 197 13.27 -20.12 -1.59
CA SER B 197 13.40 -20.56 -0.21
C SER B 197 14.80 -21.09 0.05
N SER B 198 15.27 -21.98 -0.83
CA SER B 198 16.62 -22.54 -0.73
C SER B 198 17.71 -21.47 -0.85
N ARG B 199 17.42 -20.38 -1.55
CA ARG B 199 18.38 -19.30 -1.73
C ARG B 199 17.93 -18.00 -1.06
N ARG B 200 17.34 -18.12 0.12
CA ARG B 200 16.69 -16.97 0.76
C ARG B 200 17.55 -15.72 0.97
N GLN B 201 18.80 -15.90 1.39
CA GLN B 201 19.62 -14.74 1.74
C GLN B 201 20.23 -14.04 0.53
N SER B 202 20.32 -14.73 -0.59
CA SER B 202 20.91 -14.13 -1.78
C SER B 202 19.87 -13.56 -2.74
N VAL B 203 18.65 -14.07 -2.67
CA VAL B 203 17.65 -13.81 -3.71
C VAL B 203 16.48 -12.94 -3.22
N LEU B 204 16.13 -13.06 -1.95
CA LEU B 204 15.08 -12.24 -1.35
C LEU B 204 15.62 -10.90 -0.93
N VAL B 205 14.88 -9.85 -1.27
CA VAL B 205 15.29 -8.49 -1.07
C VAL B 205 14.47 -7.89 0.09
N LYS B 206 14.87 -6.72 0.60
CA LYS B 206 14.21 -6.14 1.77
C LYS B 206 13.20 -5.04 1.48
N SER B 207 13.26 -4.47 0.27
CA SER B 207 12.35 -3.41 -0.14
C SER B 207 12.29 -3.28 -1.66
N ASN B 208 11.29 -2.54 -2.15
CA ASN B 208 11.12 -2.36 -3.57
C ASN B 208 12.34 -1.74 -4.24
N GLU B 209 12.89 -0.70 -3.63
CA GLU B 209 14.08 0.01 -4.13
C GLU B 209 15.25 -0.92 -4.28
N GLU B 210 15.41 -1.76 -3.27
CA GLU B 210 16.45 -2.78 -3.25
C GLU B 210 16.29 -3.74 -4.42
N GLY B 211 15.06 -4.14 -4.68
CA GLY B 211 14.74 -5.03 -5.81
C GLY B 211 15.04 -4.39 -7.14
N ILE B 212 14.53 -3.17 -7.34
CA ILE B 212 14.75 -2.38 -8.57
C ILE B 212 16.23 -2.30 -8.89
N GLN B 213 16.99 -1.85 -7.91
CA GLN B 213 18.42 -1.73 -7.99
C GLN B 213 19.09 -3.03 -8.36
N ARG B 214 18.60 -4.12 -7.77
CA ARG B 214 19.14 -5.46 -7.99
C ARG B 214 18.85 -6.00 -9.38
N VAL B 215 17.83 -5.44 -10.03
CA VAL B 215 17.50 -5.79 -11.40
C VAL B 215 18.47 -5.06 -12.31
N LEU B 216 18.65 -3.76 -12.05
CA LEU B 216 19.53 -2.94 -12.85
C LEU B 216 21.00 -3.34 -12.70
N THR B 217 21.36 -3.88 -11.55
CA THR B 217 22.75 -4.18 -11.24
C THR B 217 23.18 -5.61 -11.60
N SER B 218 22.34 -6.60 -11.34
CA SER B 218 22.71 -7.99 -11.63
C SER B 218 21.85 -8.54 -12.77
N ASP B 219 21.78 -9.86 -12.90
CA ASP B 219 20.85 -10.45 -13.88
C ASP B 219 19.69 -11.13 -13.18
N TYR B 220 18.69 -10.33 -12.86
CA TYR B 220 17.70 -10.68 -11.85
C TYR B 220 16.32 -10.21 -12.27
N ALA B 221 15.35 -11.11 -12.13
CA ALA B 221 13.96 -10.78 -12.35
C ALA B 221 13.31 -10.57 -10.99
N PHE B 222 12.74 -9.38 -10.79
CA PHE B 222 12.12 -9.04 -9.51
C PHE B 222 10.63 -9.25 -9.54
N LEU B 223 10.15 -10.09 -8.63
CA LEU B 223 8.73 -10.36 -8.49
C LEU B 223 8.08 -9.27 -7.65
N MET B 224 7.45 -8.32 -8.34
CA MET B 224 6.95 -7.11 -7.74
C MET B 224 5.48 -6.88 -8.13
N GLU B 225 4.76 -6.09 -7.35
CA GLU B 225 3.34 -5.82 -7.60
C GLU B 225 3.14 -4.96 -8.82
N SER B 226 2.35 -5.47 -9.79
CA SER B 226 2.09 -4.82 -11.06
C SER B 226 1.91 -3.32 -10.96
N THR B 227 1.12 -2.93 -9.98
CA THR B 227 0.83 -1.54 -9.68
C THR B 227 2.11 -0.71 -9.59
N THR B 228 3.10 -1.20 -8.85
CA THR B 228 4.35 -0.50 -8.65
C THR B 228 5.30 -0.64 -9.84
N ILE B 229 5.20 -1.75 -10.57
CA ILE B 229 5.97 -1.94 -11.82
C ILE B 229 5.60 -0.85 -12.79
N GLU B 230 4.29 -0.74 -13.04
CA GLU B 230 3.70 0.25 -13.90
C GLU B 230 4.22 1.66 -13.63
N PHE B 231 4.56 1.92 -12.38
CA PHE B 231 5.09 3.23 -11.97
C PHE B 231 6.51 3.43 -12.43
N VAL B 232 7.35 2.46 -12.08
CA VAL B 232 8.77 2.53 -12.34
C VAL B 232 9.08 2.35 -13.85
N THR B 233 8.20 1.63 -14.54
CA THR B 233 8.36 1.40 -15.97
C THR B 233 8.29 2.70 -16.79
N GLN B 234 7.38 3.60 -16.42
CA GLN B 234 7.22 4.89 -17.10
C GLN B 234 8.14 5.97 -16.55
N ARG B 235 9.15 5.57 -15.78
CA ARG B 235 10.05 6.50 -15.11
C ARG B 235 11.49 6.14 -15.43
N ASN B 236 11.72 4.86 -15.70
CA ASN B 236 13.03 4.34 -16.09
C ASN B 236 12.85 3.53 -17.36
N CYS B 237 13.58 3.93 -18.40
CA CYS B 237 13.29 3.41 -19.72
C CYS B 237 13.98 2.09 -20.05
N ASN B 238 14.78 1.55 -19.12
CA ASN B 238 15.42 0.26 -19.37
C ASN B 238 14.81 -0.88 -18.58
N LEU B 239 13.71 -0.59 -17.88
CA LEU B 239 12.97 -1.60 -17.13
C LEU B 239 11.66 -1.93 -17.82
N THR B 240 11.33 -3.23 -17.85
CA THR B 240 10.16 -3.74 -18.55
C THR B 240 9.41 -4.70 -17.64
N GLN B 241 8.10 -4.80 -17.83
CA GLN B 241 7.31 -5.86 -17.24
C GLN B 241 7.31 -7.08 -18.16
N ILE B 242 7.50 -8.26 -17.59
CA ILE B 242 7.49 -9.50 -18.35
C ILE B 242 6.26 -10.31 -17.98
N GLY B 243 5.44 -10.63 -18.98
CA GLY B 243 4.22 -11.40 -18.77
C GLY B 243 3.12 -10.57 -18.16
N GLY B 244 2.01 -11.22 -17.83
CA GLY B 244 0.87 -10.54 -17.20
C GLY B 244 0.89 -10.65 -15.69
N LEU B 245 -0.29 -10.79 -15.10
CA LEU B 245 -0.43 -10.89 -13.66
C LEU B 245 -0.33 -12.33 -13.16
N ILE B 246 0.46 -12.53 -12.11
CA ILE B 246 0.62 -13.85 -11.53
C ILE B 246 -0.53 -14.18 -10.59
N ASP B 247 -1.30 -13.18 -10.17
CA ASP B 247 -2.47 -13.41 -9.29
C ASP B 247 -3.45 -12.24 -9.27
N SER B 248 -4.26 -12.20 -8.21
CA SER B 248 -5.36 -11.24 -8.07
C SER B 248 -5.37 -10.64 -6.66
N LYS B 249 -4.58 -9.59 -6.47
CA LYS B 249 -4.54 -8.87 -5.21
C LYS B 249 -5.35 -7.60 -5.37
N GLY B 250 -5.55 -6.89 -4.25
CA GLY B 250 -6.00 -5.49 -4.23
C GLY B 250 -5.62 -4.84 -2.92
N TYR B 251 -5.32 -3.53 -2.94
CA TYR B 251 -5.02 -2.77 -1.71
C TYR B 251 -6.29 -2.20 -1.11
N GLY B 252 -6.48 -2.38 0.19
CA GLY B 252 -7.68 -1.86 0.86
C GLY B 252 -7.36 -1.16 2.16
N VAL B 253 -8.20 -0.20 2.54
CA VAL B 253 -8.03 0.52 3.80
C VAL B 253 -8.04 -0.43 5.00
N GLY B 254 -7.04 -0.30 5.85
CA GLY B 254 -6.93 -1.14 7.03
C GLY B 254 -7.86 -0.66 8.10
N THR B 255 -8.19 -1.55 9.02
CA THR B 255 -9.15 -1.27 10.07
C THR B 255 -9.00 -2.24 11.21
N PRO B 256 -8.99 -1.75 12.44
CA PRO B 256 -9.00 -2.62 13.63
C PRO B 256 -10.21 -3.54 13.59
N MET B 257 -10.01 -4.82 13.90
CA MET B 257 -11.04 -5.83 13.75
C MET B 257 -12.45 -5.33 14.05
N GLY B 258 -13.39 -5.71 13.19
CA GLY B 258 -14.80 -5.38 13.36
C GLY B 258 -15.08 -3.94 13.69
N SER B 259 -14.56 -3.03 12.86
CA SER B 259 -14.72 -1.59 13.07
C SER B 259 -16.09 -1.16 12.62
N PRO B 260 -16.68 -0.14 13.25
CA PRO B 260 -17.92 0.44 12.77
C PRO B 260 -17.67 1.31 11.54
N TYR B 261 -16.41 1.65 11.27
CA TYR B 261 -16.06 2.55 10.17
C TYR B 261 -15.84 1.88 8.81
N ARG B 262 -15.44 0.62 8.78
CA ARG B 262 -14.94 0.04 7.54
C ARG B 262 -16.01 -0.06 6.44
N ASP B 263 -17.18 -0.62 6.77
CA ASP B 263 -18.30 -0.72 5.83
C ASP B 263 -18.61 0.61 5.14
N LYS B 264 -18.52 1.69 5.89
CA LYS B 264 -18.78 3.02 5.36
C LYS B 264 -17.70 3.43 4.36
N ILE B 265 -16.43 3.14 4.66
CA ILE B 265 -15.31 3.45 3.75
C ILE B 265 -15.50 2.74 2.42
N THR B 266 -15.82 1.46 2.51
CA THR B 266 -16.15 0.62 1.36
C THR B 266 -17.24 1.19 0.44
N ILE B 267 -18.35 1.68 0.99
CA ILE B 267 -19.34 2.38 0.18
C ILE B 267 -18.69 3.62 -0.44
N ALA B 268 -18.00 4.40 0.39
CA ALA B 268 -17.32 5.61 -0.07
C ALA B 268 -16.31 5.31 -1.19
N ILE B 269 -15.71 4.12 -1.16
CA ILE B 269 -14.69 3.72 -2.13
C ILE B 269 -15.33 3.41 -3.47
N LEU B 270 -16.49 2.74 -3.41
CA LEU B 270 -17.21 2.35 -4.61
C LEU B 270 -17.72 3.57 -5.34
N GLN B 271 -18.14 4.56 -4.57
CA GLN B 271 -18.54 5.87 -5.11
C GLN B 271 -17.44 6.56 -5.92
N LEU B 272 -16.27 6.72 -5.31
CA LEU B 272 -15.13 7.35 -5.95
C LEU B 272 -14.68 6.60 -7.20
N GLN B 273 -14.89 5.29 -7.21
CA GLN B 273 -14.61 4.48 -8.40
C GLN B 273 -15.63 4.79 -9.52
N GLU B 274 -16.92 4.59 -9.20
CA GLU B 274 -18.04 4.94 -10.08
C GLU B 274 -17.80 6.31 -10.71
N GLU B 275 -17.72 7.31 -9.84
CA GLU B 275 -17.42 8.68 -10.21
C GLU B 275 -16.27 8.75 -11.19
N GLY B 276 -15.24 7.94 -10.95
CA GLY B 276 -14.02 7.96 -11.73
C GLY B 276 -12.99 8.90 -11.15
N LYS B 277 -13.09 9.17 -9.85
CA LYS B 277 -12.07 9.95 -9.15
C LYS B 277 -10.82 9.10 -9.04
N LEU B 278 -11.03 7.81 -8.82
CA LEU B 278 -9.94 6.86 -8.69
C LEU B 278 -9.11 6.79 -9.97
N HIS B 279 -9.77 6.63 -11.12
CA HIS B 279 -9.04 6.68 -12.39
C HIS B 279 -8.28 8.00 -12.63
N MET B 280 -8.84 9.11 -12.15
CA MET B 280 -8.21 10.41 -12.28
C MET B 280 -6.98 10.60 -11.38
N MET B 281 -7.04 10.10 -10.14
CA MET B 281 -5.89 10.13 -9.24
C MET B 281 -4.78 9.24 -9.77
N LYS B 282 -5.15 8.04 -10.19
CA LYS B 282 -4.21 7.12 -10.83
C LYS B 282 -3.48 7.80 -11.98
N GLU B 283 -4.20 8.61 -12.76
CA GLU B 283 -3.57 9.33 -13.86
C GLU B 283 -2.60 10.39 -13.36
N LYS B 284 -2.95 10.96 -12.21
CA LYS B 284 -2.17 12.05 -11.64
C LYS B 284 -0.78 11.60 -11.20
N TRP B 285 -0.71 10.44 -10.55
CA TRP B 285 0.53 10.01 -9.88
C TRP B 285 1.43 9.11 -10.72
N TRP B 286 0.88 8.54 -11.79
CA TRP B 286 1.61 7.56 -12.57
C TRP B 286 1.74 8.12 -13.96
N ARG B 287 2.76 8.94 -14.17
CA ARG B 287 3.01 9.51 -15.48
C ARG B 287 4.23 10.44 -15.53
N GLY B 288 5.31 9.94 -16.12
CA GLY B 288 6.38 10.80 -16.68
C GLY B 288 6.01 10.87 -18.15
N ASN B 289 7.00 10.85 -19.05
CA ASN B 289 6.66 10.69 -20.48
C ASN B 289 7.58 9.87 -21.40
N GLY B 290 6.93 9.04 -22.24
CA GLY B 290 7.62 8.27 -23.26
C GLY B 290 7.92 6.83 -22.88
N CYS B 291 8.95 6.27 -23.53
CA CYS B 291 9.36 4.86 -23.40
C CYS B 291 8.68 3.96 -24.42
N ASN C 5 27.39 24.54 54.29
CA ASN C 5 27.11 25.15 52.96
C ASN C 5 27.02 24.11 51.83
N ILE C 6 26.94 24.60 50.58
CA ILE C 6 26.79 23.76 49.38
C ILE C 6 27.92 23.94 48.36
N THR C 7 28.81 24.91 48.61
CA THR C 7 29.89 25.21 47.67
C THR C 7 30.83 24.00 47.55
N ASP C 8 31.00 23.52 46.31
CA ASP C 8 31.78 22.33 45.96
C ASP C 8 31.20 21.01 46.48
N SER C 9 29.96 21.06 46.99
CA SER C 9 29.35 19.92 47.68
C SER C 9 29.19 18.69 46.80
N LEU C 10 29.42 18.85 45.49
CA LEU C 10 29.36 17.74 44.56
C LEU C 10 30.62 17.63 43.70
N SER C 11 31.78 17.89 44.31
CA SER C 11 33.07 17.72 43.63
C SER C 11 33.26 16.28 43.11
N ASN C 12 33.07 15.29 43.98
CA ASN C 12 33.22 13.87 43.59
C ASN C 12 32.62 13.57 42.19
N ARG C 13 31.50 14.23 41.89
CA ARG C 13 30.57 13.80 40.84
C ARG C 13 30.84 14.24 39.38
N SER C 14 30.49 13.34 38.45
CA SER C 14 30.43 13.63 37.02
C SER C 14 29.01 13.32 36.49
N LEU C 15 28.33 14.34 35.97
CA LEU C 15 26.89 14.26 35.66
C LEU C 15 26.56 14.25 34.17
N ILE C 16 25.46 13.57 33.83
CA ILE C 16 24.91 13.55 32.47
C ILE C 16 23.66 14.42 32.44
N VAL C 17 23.74 15.52 31.70
CA VAL C 17 22.63 16.45 31.56
C VAL C 17 21.93 16.21 30.24
N THR C 18 20.63 15.88 30.29
CA THR C 18 19.83 15.84 29.08
C THR C 18 19.13 17.19 28.88
N THR C 19 19.01 17.61 27.62
CA THR C 19 18.37 18.87 27.28
C THR C 19 17.73 18.78 25.89
N ILE C 20 17.05 19.84 25.47
CA ILE C 20 16.43 19.89 24.15
C ILE C 20 16.75 21.21 23.49
N LEU C 21 16.77 21.23 22.15
CA LEU C 21 17.04 22.47 21.41
C LEU C 21 15.83 23.37 21.42
N GLU C 22 15.99 24.60 21.92
CA GLU C 22 14.90 25.57 22.00
C GLU C 22 15.46 26.95 22.32
N GLU C 23 15.24 27.88 21.40
CA GLU C 23 15.75 29.24 21.54
C GLU C 23 14.98 30.05 22.60
N PRO C 24 15.66 30.84 23.43
CA PRO C 24 17.12 30.95 23.47
C PRO C 24 17.73 30.21 24.65
N TYR C 25 17.12 29.08 25.01
CA TYR C 25 17.55 28.32 26.16
C TYR C 25 18.73 27.42 25.83
N VAL C 26 18.63 26.68 24.73
CA VAL C 26 19.70 25.79 24.27
C VAL C 26 19.85 25.86 22.73
N LEU C 27 21.09 25.98 22.25
CA LEU C 27 21.41 26.14 20.81
C LEU C 27 22.73 25.52 20.35
N PHE C 28 22.79 25.17 19.07
CA PHE C 28 24.06 24.80 18.43
C PHE C 28 24.88 26.05 18.11
N LYS C 29 25.88 26.34 18.96
CA LYS C 29 26.70 27.54 18.79
C LYS C 29 27.37 27.54 17.43
N LYS C 30 27.03 28.52 16.59
CA LYS C 30 27.64 28.63 15.28
C LYS C 30 29.08 29.12 15.37
N SER C 31 29.95 28.46 14.63
CA SER C 31 31.40 28.64 14.73
C SER C 31 32.06 28.04 13.49
N ASP C 32 33.26 28.54 13.18
CA ASP C 32 33.92 28.24 11.91
C ASP C 32 34.76 26.98 11.95
N LYS C 33 34.99 26.47 13.14
CA LYS C 33 35.68 25.20 13.33
C LYS C 33 34.88 24.29 14.28
N PRO C 34 35.22 23.00 14.34
CA PRO C 34 34.55 22.07 15.25
C PRO C 34 34.67 22.45 16.74
N LEU C 35 33.56 22.31 17.45
CA LEU C 35 33.50 22.50 18.89
C LEU C 35 33.18 21.16 19.54
N TYR C 36 33.84 20.86 20.65
CA TYR C 36 33.69 19.56 21.31
C TYR C 36 33.14 19.63 22.73
N GLY C 37 32.35 18.63 23.08
CA GLY C 37 31.81 18.48 24.42
C GLY C 37 30.67 19.44 24.69
N ASN C 38 30.81 20.20 25.76
CA ASN C 38 29.81 21.15 26.19
C ASN C 38 30.01 22.46 25.48
N ASP C 39 31.11 22.57 24.74
CA ASP C 39 31.44 23.81 24.07
C ASP C 39 30.63 23.93 22.80
N ARG C 40 29.99 22.83 22.42
CA ARG C 40 29.17 22.77 21.20
C ARG C 40 27.83 23.52 21.31
N PHE C 41 27.48 23.96 22.53
CA PHE C 41 26.18 24.57 22.87
C PHE C 41 26.26 25.97 23.46
N GLU C 42 25.26 26.80 23.16
CA GLU C 42 25.09 28.10 23.81
C GLU C 42 23.61 28.40 24.16
N GLY C 43 23.37 29.21 25.19
CA GLY C 43 22.01 29.59 25.59
C GLY C 43 21.82 29.79 27.09
N TYR C 44 20.66 30.29 27.48
CA TYR C 44 20.34 30.53 28.87
C TYR C 44 20.66 29.33 29.74
N CYS C 45 20.09 28.18 29.40
CA CYS C 45 20.29 26.95 30.16
C CYS C 45 21.75 26.52 30.23
N ILE C 46 22.50 26.81 29.18
CA ILE C 46 23.92 26.46 29.14
C ILE C 46 24.70 27.30 30.15
N ASP C 47 24.41 28.60 30.19
CA ASP C 47 24.97 29.49 31.19
C ASP C 47 24.57 29.05 32.60
N LEU C 48 23.28 28.78 32.77
CA LEU C 48 22.76 28.27 34.04
C LEU C 48 23.56 27.07 34.51
N LEU C 49 23.83 26.16 33.58
CA LEU C 49 24.56 24.95 33.89
C LEU C 49 25.97 25.25 34.34
N ARG C 50 26.67 26.08 33.57
CA ARG C 50 28.04 26.40 33.96
C ARG C 50 28.04 27.08 35.33
N GLU C 51 27.05 27.94 35.57
CA GLU C 51 26.87 28.58 36.87
C GLU C 51 26.66 27.58 38.01
N LEU C 52 25.67 26.70 37.84
CA LEU C 52 25.40 25.63 38.80
C LEU C 52 26.65 24.81 39.05
N SER C 53 27.41 24.53 37.99
CA SER C 53 28.65 23.75 38.14
C SER C 53 29.70 24.52 38.95
N THR C 54 29.86 25.81 38.65
CA THR C 54 30.74 26.68 39.43
C THR C 54 30.50 26.45 40.91
N ILE C 55 29.25 26.63 41.32
CA ILE C 55 28.86 26.58 42.73
C ILE C 55 28.97 25.17 43.31
N LEU C 56 28.32 24.20 42.68
CA LEU C 56 28.26 22.86 43.25
C LEU C 56 29.48 22.00 42.92
N GLY C 57 30.30 22.48 41.97
CA GLY C 57 31.60 21.85 41.64
C GLY C 57 31.60 20.47 41.01
N PHE C 58 30.58 20.16 40.22
CA PHE C 58 30.51 18.89 39.49
C PHE C 58 30.95 19.08 38.04
N THR C 59 31.32 17.97 37.40
CA THR C 59 31.60 17.97 35.95
C THR C 59 30.40 17.37 35.23
N TYR C 60 30.14 17.85 34.01
CA TYR C 60 28.91 17.46 33.34
C TYR C 60 29.05 17.31 31.83
N GLU C 61 28.27 16.39 31.26
CA GLU C 61 28.21 16.29 29.82
C GLU C 61 26.77 16.49 29.33
N ILE C 62 26.61 17.43 28.42
CA ILE C 62 25.30 17.72 27.85
C ILE C 62 24.99 16.74 26.71
N ARG C 63 23.78 16.20 26.70
CA ARG C 63 23.30 15.32 25.65
C ARG C 63 21.88 15.72 25.31
N LEU C 64 21.57 15.94 24.03
CA LEU C 64 20.18 16.23 23.71
C LEU C 64 19.29 15.00 23.78
N VAL C 65 18.06 15.20 24.22
CA VAL C 65 17.11 14.10 24.38
C VAL C 65 17.11 13.25 23.15
N GLU C 66 17.36 11.97 23.33
CA GLU C 66 17.43 11.06 22.22
C GLU C 66 16.14 11.04 21.41
N ASP C 67 15.00 10.92 22.09
CA ASP C 67 13.71 10.93 21.37
C ASP C 67 13.20 12.33 21.03
N GLY C 68 13.88 13.35 21.52
CA GLY C 68 13.60 14.72 21.12
C GLY C 68 12.30 15.33 21.60
N LYS C 69 11.78 14.86 22.72
CA LYS C 69 10.55 15.38 23.33
C LYS C 69 10.78 15.77 24.81
N TYR C 70 9.92 16.62 25.34
CA TYR C 70 10.04 17.08 26.72
C TYR C 70 9.64 16.01 27.73
N GLY C 71 8.48 15.40 27.52
CA GLY C 71 7.99 14.38 28.41
C GLY C 71 6.50 14.50 28.62
N ALA C 72 5.75 13.71 27.88
CA ALA C 72 4.31 13.59 28.05
C ALA C 72 4.02 12.18 28.50
N GLN C 73 2.88 11.98 29.14
CA GLN C 73 2.45 10.63 29.47
C GLN C 73 1.55 10.12 28.36
N ASP C 74 1.89 8.94 27.83
CA ASP C 74 1.12 8.32 26.75
C ASP C 74 -0.29 8.01 27.22
N ASP C 75 -1.29 8.52 26.50
CA ASP C 75 -2.72 8.31 26.83
C ASP C 75 -3.12 6.82 26.93
N VAL C 76 -2.84 6.06 25.86
CA VAL C 76 -3.18 4.62 25.79
C VAL C 76 -2.51 3.77 26.91
N ASN C 77 -1.18 3.77 26.97
CA ASN C 77 -0.45 2.89 27.90
C ASN C 77 0.22 3.55 29.12
N GLY C 78 -0.11 4.82 29.37
CA GLY C 78 0.47 5.58 30.50
C GLY C 78 1.98 5.49 30.68
N GLN C 79 2.72 5.66 29.58
CA GLN C 79 4.17 5.57 29.61
C GLN C 79 4.81 6.94 29.29
N TRP C 80 5.88 7.28 30.01
CA TRP C 80 6.53 8.57 29.88
C TRP C 80 7.54 8.60 28.74
N ASN C 81 7.69 9.75 28.09
CA ASN C 81 8.45 9.77 26.85
C ASN C 81 9.70 10.65 26.71
N GLY C 82 9.68 11.94 26.92
CA GLY C 82 10.88 12.70 26.60
C GLY C 82 12.03 12.68 27.61
N MET C 83 12.47 13.88 27.95
CA MET C 83 13.44 14.12 28.99
C MET C 83 12.97 13.48 30.30
N VAL C 84 11.66 13.51 30.55
CA VAL C 84 11.06 12.92 31.74
C VAL C 84 11.38 11.43 31.82
N ARG C 85 11.24 10.74 30.69
CA ARG C 85 11.57 9.31 30.62
C ARG C 85 13.06 9.08 30.86
N GLU C 86 13.91 9.85 30.20
CA GLU C 86 15.36 9.67 30.33
C GLU C 86 15.80 9.70 31.80
N LEU C 87 15.07 10.45 32.61
CA LEU C 87 15.38 10.58 34.03
C LEU C 87 15.04 9.32 34.80
N ILE C 88 13.83 8.80 34.59
CA ILE C 88 13.35 7.60 35.27
C ILE C 88 14.32 6.46 35.02
N ASP C 89 14.55 6.18 33.73
CA ASP C 89 15.50 5.16 33.31
C ASP C 89 16.96 5.53 33.65
N HIS C 90 17.13 6.47 34.59
CA HIS C 90 18.45 6.94 35.03
C HIS C 90 19.48 7.04 33.89
N LYS C 91 19.02 7.43 32.71
CA LYS C 91 19.92 7.60 31.57
C LYS C 91 20.61 8.95 31.64
N ALA C 92 20.07 9.85 32.47
CA ALA C 92 20.67 11.15 32.82
C ALA C 92 20.32 11.54 34.26
N ASP C 93 21.14 12.45 34.79
CA ASP C 93 21.02 12.90 36.18
C ASP C 93 20.17 14.15 36.31
N LEU C 94 20.31 15.05 35.33
CA LEU C 94 19.68 16.35 35.36
C LEU C 94 19.04 16.66 34.02
N ALA C 95 17.90 17.33 34.05
CA ALA C 95 17.26 17.84 32.84
C ALA C 95 17.19 19.37 32.90
N VAL C 96 18.12 20.03 32.20
CA VAL C 96 18.10 21.49 32.16
C VAL C 96 17.55 22.01 30.85
N ALA C 97 16.31 22.49 30.90
CA ALA C 97 15.57 22.92 29.72
C ALA C 97 14.37 23.74 30.15
N PRO C 98 13.72 24.45 29.23
CA PRO C 98 12.40 25.03 29.50
C PRO C 98 11.33 23.97 29.79
N LEU C 99 11.59 23.13 30.78
CA LEU C 99 10.67 22.07 31.21
C LEU C 99 9.79 22.58 32.33
N ALA C 100 8.49 22.71 32.08
CA ALA C 100 7.54 23.23 33.08
C ALA C 100 7.36 22.27 34.24
N ILE C 101 7.40 22.79 35.45
CA ILE C 101 7.10 22.02 36.65
C ILE C 101 5.59 21.83 36.72
N THR C 102 5.14 20.63 36.41
CA THR C 102 3.73 20.31 36.28
C THR C 102 3.37 19.24 37.32
N TYR C 103 2.11 19.26 37.76
CA TYR C 103 1.58 18.26 38.67
C TYR C 103 1.85 16.84 38.19
N VAL C 104 1.39 16.51 36.98
CA VAL C 104 1.62 15.17 36.40
C VAL C 104 3.08 14.80 36.38
N ARG C 105 3.92 15.71 35.90
CA ARG C 105 5.35 15.45 35.80
C ARG C 105 5.98 15.23 37.17
N GLU C 106 5.53 16.00 38.17
CA GLU C 106 6.10 15.92 39.51
C GLU C 106 5.80 14.57 40.17
N LYS C 107 4.73 13.90 39.73
CA LYS C 107 4.37 12.63 40.34
C LYS C 107 5.34 11.50 39.96
N VAL C 108 6.08 11.73 38.88
CA VAL C 108 6.96 10.76 38.27
C VAL C 108 8.45 11.14 38.38
N ILE C 109 8.72 12.43 38.56
CA ILE C 109 10.10 12.94 38.74
C ILE C 109 10.19 14.02 39.80
N ASP C 110 11.42 14.27 40.24
CA ASP C 110 11.71 15.37 41.14
C ASP C 110 12.09 16.61 40.34
N PHE C 111 11.60 17.77 40.77
CA PHE C 111 12.05 19.04 40.21
C PHE C 111 12.75 19.88 41.27
N SER C 112 13.74 20.67 40.84
CA SER C 112 14.27 21.74 41.67
C SER C 112 13.21 22.82 41.75
N LYS C 113 13.46 23.82 42.58
CA LYS C 113 12.61 25.00 42.61
C LYS C 113 12.93 25.80 41.34
N PRO C 114 11.97 26.59 40.84
CA PRO C 114 12.09 27.24 39.55
C PRO C 114 13.28 28.16 39.43
N PHE C 115 13.95 28.13 38.28
CA PHE C 115 14.99 29.10 37.97
C PHE C 115 14.38 30.24 37.14
N MET C 116 13.15 30.03 36.68
CA MET C 116 12.41 31.05 35.96
C MET C 116 10.92 30.85 36.20
N THR C 117 10.19 31.93 36.41
CA THR C 117 8.75 31.88 36.61
C THR C 117 8.07 32.46 35.40
N LEU C 118 6.94 31.89 35.01
CA LEU C 118 6.19 32.35 33.85
C LEU C 118 4.71 32.03 33.94
N GLY C 119 4.00 32.09 32.81
CA GLY C 119 2.61 31.67 32.72
C GLY C 119 2.14 31.68 31.28
N ILE C 120 1.00 31.04 31.01
CA ILE C 120 0.40 31.05 29.67
C ILE C 120 -0.02 32.45 29.28
N SER C 121 0.18 32.83 28.02
CA SER C 121 -0.41 34.05 27.51
C SER C 121 -0.74 33.93 26.02
N ILE C 122 -1.17 35.04 25.41
CA ILE C 122 -1.61 35.05 24.01
C ILE C 122 -0.62 35.77 23.10
N LEU C 123 -0.28 35.12 21.98
CA LEU C 123 0.58 35.71 20.96
C LEU C 123 -0.24 35.98 19.71
N TYR C 124 -0.19 37.23 19.23
CA TYR C 124 -1.02 37.68 18.12
C TYR C 124 -0.30 38.82 17.41
N ARG C 125 -0.74 39.17 16.21
CA ARG C 125 -0.17 40.33 15.50
C ARG C 125 -0.98 41.63 15.65
N LYS C 126 -0.28 42.79 15.68
CA LYS C 126 -0.94 44.08 15.78
C LYS C 126 -2.10 44.19 14.81
N PRO C 127 -3.30 44.54 15.29
CA PRO C 127 -4.54 44.60 14.48
C PRO C 127 -4.36 45.02 13.00
N ASP C 156 -7.28 43.82 24.02
CA ASP C 156 -7.78 42.44 23.93
C ASP C 156 -7.45 41.66 25.21
N SER C 157 -8.29 40.67 25.53
CA SER C 157 -8.20 39.96 26.80
C SER C 157 -8.31 38.44 26.66
N ALA C 158 -8.21 37.73 27.79
CA ALA C 158 -8.34 36.27 27.80
C ALA C 158 -9.78 35.80 27.55
N ASP C 159 -10.72 36.36 28.33
CA ASP C 159 -12.16 36.04 28.19
C ASP C 159 -12.72 36.56 26.87
N ASP C 160 -12.11 37.64 26.38
CA ASP C 160 -12.42 38.26 25.09
C ASP C 160 -12.50 37.20 23.99
N LEU C 161 -11.37 36.52 23.76
CA LEU C 161 -11.22 35.45 22.78
C LEU C 161 -12.32 34.42 22.84
N ALA C 162 -12.55 33.91 24.06
CA ALA C 162 -13.32 32.69 24.32
C ALA C 162 -14.78 32.65 23.84
N LYS C 163 -15.41 33.81 23.74
CA LYS C 163 -16.80 33.90 23.30
C LYS C 163 -16.96 33.94 21.76
N GLN C 164 -16.12 34.72 21.09
CA GLN C 164 -16.21 34.94 19.63
C GLN C 164 -15.72 33.78 18.74
N THR C 165 -15.99 33.88 17.43
CA THR C 165 -15.82 32.76 16.50
C THR C 165 -14.89 33.05 15.30
N LYS C 166 -14.68 34.32 14.98
CA LYS C 166 -13.84 34.69 13.83
C LYS C 166 -12.37 34.28 14.00
N ILE C 167 -11.82 34.48 15.21
CA ILE C 167 -10.39 34.26 15.41
C ILE C 167 -10.07 32.96 16.15
N GLU C 168 -9.44 32.05 15.42
CA GLU C 168 -9.01 30.73 15.91
C GLU C 168 -7.87 30.84 16.93
N TYR C 169 -7.79 29.86 17.84
CA TYR C 169 -6.75 29.82 18.86
C TYR C 169 -6.38 28.39 19.23
N GLY C 170 -5.11 28.19 19.61
CA GLY C 170 -4.63 26.87 20.02
C GLY C 170 -3.29 26.89 20.75
N ALA C 171 -2.80 25.69 21.05
CA ALA C 171 -1.58 25.53 21.82
C ALA C 171 -0.75 24.37 21.28
N VAL C 172 0.45 24.19 21.82
CA VAL C 172 1.29 23.04 21.53
C VAL C 172 0.67 21.78 22.12
N GLU C 173 0.40 20.79 21.27
CA GLU C 173 -0.32 19.56 21.65
C GLU C 173 0.46 18.74 22.66
N ASP C 174 -0.25 18.35 23.71
CA ASP C 174 0.29 17.57 24.83
C ASP C 174 1.41 18.26 25.64
N GLY C 175 1.48 19.58 25.52
CA GLY C 175 2.42 20.38 26.27
C GLY C 175 1.77 20.90 27.54
N ALA C 176 2.57 21.54 28.39
CA ALA C 176 2.09 22.07 29.66
C ALA C 176 0.95 23.06 29.46
N THR C 177 1.06 23.88 28.42
CA THR C 177 0.01 24.83 28.08
C THR C 177 -1.32 24.11 27.83
N MET C 178 -1.30 23.11 26.95
CA MET C 178 -2.50 22.36 26.66
C MET C 178 -3.03 21.64 27.89
N THR C 179 -2.16 20.89 28.57
CA THR C 179 -2.51 20.18 29.79
C THR C 179 -3.20 21.07 30.84
N PHE C 180 -2.85 22.35 30.87
CA PHE C 180 -3.52 23.30 31.77
C PHE C 180 -5.02 23.36 31.52
N PHE C 181 -5.39 23.56 30.26
CA PHE C 181 -6.81 23.68 29.88
C PHE C 181 -7.58 22.38 30.08
N LYS C 182 -6.92 21.25 29.81
CA LYS C 182 -7.48 19.96 30.18
C LYS C 182 -8.04 20.12 31.59
N LYS C 183 -7.21 20.57 32.52
CA LYS C 183 -7.49 20.46 33.96
C LYS C 183 -8.26 21.60 34.64
N SER C 184 -8.16 22.82 34.13
CA SER C 184 -8.76 23.98 34.79
C SER C 184 -10.21 23.75 35.21
N LYS C 185 -10.55 24.24 36.40
CA LYS C 185 -11.94 24.24 36.88
C LYS C 185 -12.59 25.62 36.75
N ILE C 186 -11.89 26.55 36.09
CA ILE C 186 -12.45 27.87 35.74
C ILE C 186 -13.27 27.73 34.46
N SER C 187 -14.35 28.50 34.37
CA SER C 187 -15.32 28.39 33.28
C SER C 187 -14.77 28.83 31.92
N THR C 188 -14.27 30.05 31.82
CA THR C 188 -13.84 30.56 30.53
C THR C 188 -12.66 29.76 29.97
N TYR C 189 -11.93 29.11 30.87
CA TYR C 189 -10.79 28.28 30.49
C TYR C 189 -11.21 26.87 30.14
N ASP C 190 -12.08 26.28 30.95
CA ASP C 190 -12.69 25.00 30.62
C ASP C 190 -13.45 25.10 29.31
N LYS C 191 -14.08 26.25 29.08
CA LYS C 191 -14.72 26.53 27.83
C LYS C 191 -13.76 26.42 26.65
N MET C 192 -12.58 27.03 26.77
CA MET C 192 -11.60 27.09 25.67
C MET C 192 -11.08 25.72 25.29
N TRP C 193 -10.91 24.87 26.30
CA TRP C 193 -10.44 23.50 26.15
C TRP C 193 -11.39 22.72 25.28
N ALA C 194 -12.69 22.87 25.55
CA ALA C 194 -13.73 22.27 24.72
C ALA C 194 -13.56 22.68 23.25
N PHE C 195 -13.35 23.98 23.01
CA PHE C 195 -13.14 24.50 21.67
C PHE C 195 -11.99 23.79 20.96
N MET C 196 -10.81 23.83 21.58
CA MET C 196 -9.59 23.25 21.01
C MET C 196 -9.69 21.73 20.87
N SER C 197 -10.33 21.09 21.84
CA SER C 197 -10.48 19.64 21.84
C SER C 197 -11.27 19.20 20.61
N SER C 198 -12.40 19.85 20.38
CA SER C 198 -13.24 19.54 19.22
C SER C 198 -12.55 19.83 17.88
N ARG C 199 -11.60 20.77 17.87
CA ARG C 199 -10.88 21.12 16.64
C ARG C 199 -9.40 20.76 16.73
N ARG C 200 -9.12 19.62 17.34
CA ARG C 200 -7.77 19.15 17.67
C ARG C 200 -6.75 19.22 16.52
N GLN C 201 -7.12 18.67 15.36
CA GLN C 201 -6.20 18.52 14.23
C GLN C 201 -5.90 19.83 13.50
N SER C 202 -6.83 20.77 13.61
CA SER C 202 -6.78 22.02 12.87
C SER C 202 -6.17 23.12 13.73
N VAL C 203 -6.40 22.99 15.04
CA VAL C 203 -6.14 24.05 16.01
C VAL C 203 -4.81 23.87 16.74
N LEU C 204 -4.51 22.65 17.17
CA LEU C 204 -3.31 22.37 17.96
C LEU C 204 -2.10 22.22 17.07
N VAL C 205 -1.00 22.81 17.52
CA VAL C 205 0.25 22.91 16.81
C VAL C 205 1.25 21.92 17.42
N LYS C 206 2.36 21.64 16.73
CA LYS C 206 3.32 20.65 17.21
C LYS C 206 4.58 21.23 17.88
N SER C 207 4.83 22.52 17.68
CA SER C 207 5.99 23.20 18.24
C SER C 207 5.80 24.73 18.26
N ASN C 208 6.66 25.41 19.01
CA ASN C 208 6.61 26.87 19.12
C ASN C 208 6.68 27.56 17.76
N GLU C 209 7.68 27.20 16.97
CA GLU C 209 7.89 27.80 15.65
C GLU C 209 6.67 27.62 14.75
N GLU C 210 6.06 26.43 14.84
CA GLU C 210 4.85 26.15 14.08
C GLU C 210 3.74 27.10 14.49
N GLY C 211 3.62 27.34 15.79
CA GLY C 211 2.60 28.25 16.33
C GLY C 211 2.82 29.68 15.88
N ILE C 212 4.06 30.16 16.03
CA ILE C 212 4.43 31.52 15.67
C ILE C 212 4.12 31.78 14.21
N GLN C 213 4.55 30.87 13.35
CA GLN C 213 4.34 31.00 11.92
C GLN C 213 2.85 30.89 11.56
N ARG C 214 2.10 30.12 12.33
CA ARG C 214 0.63 29.99 12.20
C ARG C 214 -0.11 31.26 12.61
N VAL C 215 0.54 32.08 13.43
CA VAL C 215 0.00 33.38 13.84
C VAL C 215 0.24 34.38 12.72
N LEU C 216 1.46 34.39 12.21
CA LEU C 216 1.86 35.24 11.08
C LEU C 216 1.08 34.95 9.79
N THR C 217 0.72 33.68 9.61
CA THR C 217 0.17 33.16 8.36
C THR C 217 -1.36 33.22 8.33
N SER C 218 -1.98 32.85 9.45
CA SER C 218 -3.43 32.71 9.55
C SER C 218 -4.00 33.85 10.42
N ASP C 219 -5.25 33.72 10.82
CA ASP C 219 -5.87 34.62 11.79
C ASP C 219 -6.03 33.86 13.11
N TYR C 220 -4.93 33.79 13.86
CA TYR C 220 -4.73 32.79 14.89
C TYR C 220 -4.06 33.37 16.14
N ALA C 221 -4.65 33.11 17.30
CA ALA C 221 -4.07 33.48 18.58
C ALA C 221 -3.37 32.25 19.16
N PHE C 222 -2.07 32.38 19.40
CA PHE C 222 -1.27 31.26 19.90
C PHE C 222 -1.12 31.33 21.41
N LEU C 223 -1.57 30.28 22.10
CA LEU C 223 -1.40 30.16 23.54
C LEU C 223 -0.04 29.58 23.89
N MET C 224 0.89 30.47 24.20
CA MET C 224 2.26 30.08 24.49
C MET C 224 2.78 30.72 25.79
N GLU C 225 3.88 30.19 26.29
CA GLU C 225 4.41 30.60 27.59
C GLU C 225 5.02 31.99 27.49
N SER C 226 4.57 32.85 28.40
CA SER C 226 4.95 34.27 28.44
C SER C 226 6.43 34.49 28.21
N THR C 227 7.22 33.66 28.87
CA THR C 227 8.66 33.70 28.80
C THR C 227 9.17 33.64 27.35
N THR C 228 8.56 32.76 26.54
CA THR C 228 8.96 32.62 25.14
C THR C 228 8.33 33.69 24.26
N ILE C 229 7.13 34.18 24.64
CA ILE C 229 6.49 35.33 23.96
C ILE C 229 7.41 36.53 24.01
N GLU C 230 7.81 36.86 25.23
CA GLU C 230 8.71 37.97 25.55
C GLU C 230 9.96 37.95 24.67
N PHE C 231 10.39 36.76 24.28
CA PHE C 231 11.57 36.59 23.43
C PHE C 231 11.28 36.97 21.97
N VAL C 232 10.22 36.37 21.42
CA VAL C 232 9.80 36.58 20.04
C VAL C 232 9.31 38.01 19.79
N THR C 233 8.68 38.59 20.81
CA THR C 233 8.13 39.95 20.73
C THR C 233 9.19 40.99 20.42
N GLN C 234 10.34 40.90 21.08
CA GLN C 234 11.42 41.86 20.82
C GLN C 234 12.38 41.43 19.69
N ARG C 235 11.93 40.49 18.86
CA ARG C 235 12.70 40.05 17.70
C ARG C 235 11.88 40.17 16.42
N ASN C 236 10.56 40.15 16.54
CA ASN C 236 9.68 40.38 15.40
C ASN C 236 8.69 41.45 15.80
N CYS C 237 8.62 42.52 15.02
CA CYS C 237 7.86 43.68 15.49
C CYS C 237 6.39 43.69 15.09
N ASN C 238 5.95 42.58 14.51
CA ASN C 238 4.59 42.35 14.02
C ASN C 238 3.76 41.63 15.06
N LEU C 239 4.43 41.08 16.07
CA LEU C 239 3.80 40.18 17.03
C LEU C 239 3.73 40.83 18.39
N THR C 240 2.59 40.67 19.05
CA THR C 240 2.39 41.24 20.38
C THR C 240 1.76 40.23 21.33
N GLN C 241 1.95 40.48 22.62
CA GLN C 241 1.28 39.71 23.64
C GLN C 241 -0.06 40.37 23.95
N ILE C 242 -1.10 39.55 24.10
CA ILE C 242 -2.41 40.06 24.44
C ILE C 242 -2.79 39.59 25.84
N GLY C 243 -3.09 40.56 26.71
CA GLY C 243 -3.48 40.26 28.09
C GLY C 243 -2.26 39.93 28.94
N GLY C 244 -2.52 39.51 30.18
CA GLY C 244 -1.47 39.14 31.12
C GLY C 244 -1.22 37.66 31.14
N LEU C 245 -0.76 37.17 32.28
CA LEU C 245 -0.58 35.75 32.49
C LEU C 245 -1.96 35.11 32.65
N ILE C 246 -2.08 33.86 32.26
CA ILE C 246 -3.33 33.10 32.39
C ILE C 246 -3.20 32.04 33.50
N ASP C 247 -1.96 31.66 33.84
CA ASP C 247 -1.70 30.86 35.04
C ASP C 247 -0.33 31.20 35.65
N SER C 248 0.03 30.49 36.72
CA SER C 248 1.36 30.61 37.32
C SER C 248 2.10 29.29 37.11
N LYS C 249 3.26 29.37 36.43
CA LYS C 249 3.98 28.17 36.02
C LYS C 249 5.38 28.03 36.63
N GLY C 250 6.43 28.38 35.88
CA GLY C 250 7.81 28.15 36.36
C GLY C 250 8.53 26.91 35.82
N TYR C 251 9.79 27.08 35.43
CA TYR C 251 10.66 26.00 34.96
C TYR C 251 11.62 25.56 36.05
N GLY C 252 11.82 24.26 36.18
CA GLY C 252 12.80 23.76 37.12
C GLY C 252 13.82 22.85 36.46
N VAL C 253 14.98 22.70 37.10
CA VAL C 253 15.88 21.62 36.75
C VAL C 253 15.15 20.33 37.07
N GLY C 254 15.28 19.33 36.22
CA GLY C 254 14.61 18.07 36.43
C GLY C 254 15.61 17.05 36.90
N THR C 255 15.13 16.05 37.64
CA THR C 255 15.99 15.01 38.20
C THR C 255 15.19 13.77 38.60
N PRO C 256 15.74 12.58 38.35
CA PRO C 256 15.06 11.32 38.66
C PRO C 256 14.58 11.27 40.11
N MET C 257 13.47 10.56 40.32
CA MET C 257 12.77 10.52 41.59
C MET C 257 13.70 10.44 42.79
N GLY C 258 13.55 11.37 43.72
CA GLY C 258 14.32 11.39 44.97
C GLY C 258 15.82 11.35 44.80
N SER C 259 16.39 12.39 44.19
CA SER C 259 17.82 12.43 43.92
C SER C 259 18.62 13.12 45.02
N PRO C 260 19.85 12.67 45.26
CA PRO C 260 20.76 13.36 46.17
C PRO C 260 21.01 14.81 45.75
N TYR C 261 20.84 15.08 44.46
CA TYR C 261 21.25 16.34 43.86
C TYR C 261 20.20 17.43 43.91
N ARG C 262 18.93 17.04 43.82
CA ARG C 262 17.85 18.03 43.70
C ARG C 262 17.96 19.18 44.68
N ASP C 263 18.04 18.86 45.98
CA ASP C 263 18.06 19.87 47.02
C ASP C 263 19.27 20.78 46.96
N LYS C 264 20.42 20.25 46.55
CA LYS C 264 21.62 21.06 46.40
C LYS C 264 21.43 22.11 45.32
N ILE C 265 20.87 21.68 44.19
CA ILE C 265 20.65 22.54 43.03
C ILE C 265 19.70 23.70 43.35
N THR C 266 18.63 23.41 44.09
CA THR C 266 17.68 24.42 44.55
C THR C 266 18.36 25.53 45.37
N ILE C 267 19.20 25.14 46.30
CA ILE C 267 19.93 26.13 47.09
C ILE C 267 20.80 26.96 46.13
N ALA C 268 21.43 26.30 45.16
CA ALA C 268 22.26 26.96 44.16
C ALA C 268 21.47 27.97 43.35
N ILE C 269 20.29 27.56 42.88
CA ILE C 269 19.39 28.40 42.10
C ILE C 269 18.97 29.65 42.86
N LEU C 270 18.75 29.53 44.16
CA LEU C 270 18.34 30.69 44.96
C LEU C 270 19.53 31.62 45.11
N GLN C 271 20.70 31.01 45.34
CA GLN C 271 21.94 31.77 45.49
C GLN C 271 22.17 32.64 44.27
N LEU C 272 22.09 32.01 43.09
CA LEU C 272 22.25 32.71 41.80
C LEU C 272 21.18 33.77 41.57
N GLN C 273 19.95 33.48 42.03
CA GLN C 273 18.82 34.40 41.90
C GLN C 273 19.11 35.69 42.65
N GLU C 274 19.56 35.54 43.91
CA GLU C 274 19.73 36.69 44.77
C GLU C 274 21.02 37.45 44.45
N GLU C 275 21.97 36.76 43.82
CA GLU C 275 23.22 37.40 43.42
C GLU C 275 23.03 38.25 42.17
N GLY C 276 21.88 38.10 41.51
CA GLY C 276 21.59 38.84 40.28
C GLY C 276 21.89 38.09 39.00
N LYS C 277 22.63 36.97 39.12
CA LYS C 277 23.05 36.14 37.99
C LYS C 277 21.87 35.66 37.14
N LEU C 278 20.72 35.49 37.77
CA LEU C 278 19.57 34.98 37.07
C LEU C 278 18.97 36.05 36.20
N HIS C 279 18.99 37.27 36.69
CA HIS C 279 18.55 38.42 35.91
C HIS C 279 19.55 38.69 34.78
N MET C 280 20.83 38.80 35.15
CA MET C 280 21.93 38.97 34.19
C MET C 280 21.71 38.16 32.93
N MET C 281 21.55 36.86 33.10
CA MET C 281 21.40 35.93 32.00
C MET C 281 20.15 36.22 31.18
N LYS C 282 18.99 36.21 31.83
CA LYS C 282 17.76 36.56 31.13
C LYS C 282 18.02 37.82 30.31
N GLU C 283 18.57 38.85 30.96
CA GLU C 283 18.89 40.12 30.30
C GLU C 283 19.69 39.86 29.01
N LYS C 284 20.75 39.07 29.15
CA LYS C 284 21.63 38.68 28.06
C LYS C 284 20.87 38.05 26.88
N TRP C 285 20.16 36.95 27.16
CA TRP C 285 19.59 36.12 26.10
C TRP C 285 18.26 36.62 25.55
N TRP C 286 17.60 37.52 26.25
CA TRP C 286 16.34 38.03 25.76
C TRP C 286 16.46 39.40 25.08
N ARG C 287 17.70 39.89 24.97
CA ARG C 287 17.98 41.16 24.28
C ARG C 287 17.50 41.10 22.82
N GLY C 288 17.21 42.28 22.25
CA GLY C 288 16.62 42.41 20.91
C GLY C 288 17.58 42.51 19.74
N ASN C 289 18.28 41.40 19.45
CA ASN C 289 19.22 41.25 18.32
C ASN C 289 19.98 39.90 18.41
N ASN D 5 -10.74 -18.25 13.75
CA ASN D 5 -10.89 -19.56 13.08
C ASN D 5 -12.23 -19.63 12.34
N ILE D 6 -12.23 -20.22 11.15
CA ILE D 6 -13.45 -20.31 10.36
C ILE D 6 -13.75 -21.70 9.77
N THR D 7 -12.83 -22.64 9.92
CA THR D 7 -13.10 -24.00 9.51
C THR D 7 -14.37 -24.45 10.26
N ASP D 8 -15.37 -24.89 9.50
CA ASP D 8 -16.65 -25.36 10.04
C ASP D 8 -17.48 -24.30 10.77
N SER D 9 -16.95 -23.09 10.92
CA SER D 9 -17.63 -22.03 11.70
C SER D 9 -19.05 -21.69 11.25
N LEU D 10 -19.46 -22.22 10.10
CA LEU D 10 -20.83 -22.03 9.62
C LEU D 10 -21.54 -23.35 9.35
N SER D 11 -20.97 -24.46 9.84
CA SER D 11 -21.68 -25.74 9.86
C SER D 11 -22.99 -25.50 10.60
N ASN D 12 -23.86 -26.49 10.68
CA ASN D 12 -25.03 -26.31 11.53
C ASN D 12 -26.02 -25.29 10.95
N ARG D 13 -25.63 -24.70 9.80
CA ARG D 13 -26.48 -23.79 9.03
C ARG D 13 -26.77 -24.37 7.66
N SER D 14 -28.05 -24.46 7.33
CA SER D 14 -28.51 -24.86 5.98
C SER D 14 -28.93 -23.62 5.20
N LEU D 15 -28.28 -23.39 4.07
CA LEU D 15 -28.42 -22.13 3.35
C LEU D 15 -29.18 -22.24 2.02
N ILE D 16 -29.91 -21.18 1.67
CA ILE D 16 -30.57 -21.06 0.36
C ILE D 16 -29.75 -20.12 -0.48
N VAL D 17 -29.20 -20.65 -1.57
CA VAL D 17 -28.41 -19.86 -2.49
C VAL D 17 -29.23 -19.56 -3.74
N THR D 18 -29.45 -18.28 -4.01
CA THR D 18 -30.06 -17.87 -5.27
C THR D 18 -28.99 -17.57 -6.31
N THR D 19 -29.27 -17.90 -7.56
CA THR D 19 -28.33 -17.68 -8.65
C THR D 19 -29.07 -17.49 -9.97
N ILE D 20 -28.33 -17.19 -11.03
CA ILE D 20 -28.93 -16.97 -12.33
C ILE D 20 -28.16 -17.79 -13.39
N LEU D 21 -28.84 -18.21 -14.45
CA LEU D 21 -28.18 -18.96 -15.54
C LEU D 21 -27.32 -18.03 -16.39
N GLU D 22 -26.04 -18.34 -16.50
CA GLU D 22 -25.10 -17.49 -17.22
C GLU D 22 -23.77 -18.23 -17.43
N GLU D 23 -23.44 -18.51 -18.69
CA GLU D 23 -22.25 -19.29 -19.02
C GLU D 23 -20.98 -18.45 -18.88
N PRO D 24 -19.91 -19.02 -18.33
CA PRO D 24 -19.86 -20.36 -17.79
C PRO D 24 -19.91 -20.39 -16.25
N TYR D 25 -20.64 -19.46 -15.65
CA TYR D 25 -20.74 -19.35 -14.20
C TYR D 25 -21.73 -20.34 -13.64
N VAL D 26 -22.91 -20.40 -14.26
CA VAL D 26 -24.00 -21.26 -13.82
C VAL D 26 -24.70 -21.84 -15.04
N LEU D 27 -24.91 -23.15 -15.05
CA LEU D 27 -25.50 -23.83 -16.18
C LEU D 27 -26.25 -25.06 -15.65
N PHE D 28 -27.26 -25.53 -16.40
CA PHE D 28 -27.84 -26.83 -16.13
C PHE D 28 -26.96 -27.85 -16.82
N LYS D 29 -26.63 -28.93 -16.10
CA LYS D 29 -25.79 -29.99 -16.64
C LYS D 29 -26.44 -30.61 -17.87
N LYS D 30 -25.65 -31.01 -18.86
CA LYS D 30 -26.20 -31.85 -19.91
C LYS D 30 -26.09 -33.28 -19.46
N SER D 31 -27.24 -33.93 -19.31
CA SER D 31 -27.30 -35.35 -18.98
C SER D 31 -28.31 -35.93 -19.92
N ASP D 32 -28.42 -37.26 -19.93
CA ASP D 32 -29.56 -37.92 -20.58
C ASP D 32 -30.19 -38.88 -19.58
N LYS D 33 -30.10 -38.47 -18.32
CA LYS D 33 -30.81 -39.07 -17.21
C LYS D 33 -31.20 -37.91 -16.30
N PRO D 34 -32.35 -38.00 -15.64
CA PRO D 34 -32.72 -37.03 -14.59
C PRO D 34 -31.61 -36.79 -13.53
N LEU D 35 -31.33 -35.53 -13.22
CA LEU D 35 -30.44 -35.18 -12.11
C LEU D 35 -31.24 -34.43 -11.04
N TYR D 36 -30.79 -34.54 -9.78
CA TYR D 36 -31.58 -34.07 -8.65
C TYR D 36 -30.86 -33.11 -7.71
N GLY D 37 -31.47 -31.93 -7.49
CA GLY D 37 -30.97 -30.94 -6.54
C GLY D 37 -29.75 -30.22 -7.07
N ASN D 38 -28.92 -29.70 -6.15
CA ASN D 38 -27.70 -28.96 -6.53
C ASN D 38 -26.93 -29.67 -7.65
N ASP D 39 -27.12 -30.98 -7.72
CA ASP D 39 -26.43 -31.82 -8.68
C ASP D 39 -26.82 -31.56 -10.15
N ARG D 40 -27.94 -30.86 -10.40
CA ARG D 40 -28.23 -30.53 -11.80
C ARG D 40 -27.52 -29.25 -12.28
N PHE D 41 -26.79 -28.62 -11.36
CA PHE D 41 -26.04 -27.39 -11.62
C PHE D 41 -24.52 -27.60 -11.76
N GLU D 42 -23.91 -26.87 -12.68
CA GLU D 42 -22.47 -26.89 -12.84
C GLU D 42 -22.03 -25.54 -13.41
N GLY D 43 -20.75 -25.24 -13.23
CA GLY D 43 -20.17 -23.95 -13.66
C GLY D 43 -19.23 -23.40 -12.60
N TYR D 44 -18.54 -22.31 -12.95
CA TYR D 44 -17.57 -21.71 -12.04
C TYR D 44 -18.17 -21.46 -10.66
N CYS D 45 -19.32 -20.79 -10.62
CA CYS D 45 -19.96 -20.42 -9.36
C CYS D 45 -20.45 -21.62 -8.58
N ILE D 46 -20.71 -22.71 -9.29
CA ILE D 46 -21.15 -23.92 -8.61
C ILE D 46 -19.95 -24.57 -7.91
N ASP D 47 -18.79 -24.58 -8.59
CA ASP D 47 -17.55 -25.05 -7.96
C ASP D 47 -17.18 -24.16 -6.78
N LEU D 48 -17.30 -22.85 -6.97
CA LEU D 48 -17.01 -21.91 -5.91
C LEU D 48 -17.86 -22.23 -4.69
N LEU D 49 -19.14 -22.52 -4.91
CA LEU D 49 -20.05 -22.80 -3.81
C LEU D 49 -19.65 -24.08 -3.10
N ARG D 50 -19.37 -25.14 -3.86
CA ARG D 50 -18.93 -26.40 -3.26
C ARG D 50 -17.69 -26.16 -2.42
N GLU D 51 -16.75 -25.37 -2.96
CA GLU D 51 -15.52 -25.01 -2.25
C GLU D 51 -15.78 -24.24 -0.96
N LEU D 52 -16.54 -23.16 -1.06
CA LEU D 52 -16.94 -22.39 0.12
C LEU D 52 -17.60 -23.28 1.17
N SER D 53 -18.39 -24.24 0.70
CA SER D 53 -19.07 -25.17 1.59
C SER D 53 -18.07 -26.07 2.28
N THR D 54 -17.09 -26.59 1.53
CA THR D 54 -16.05 -27.44 2.14
C THR D 54 -15.41 -26.71 3.33
N ILE D 55 -14.94 -25.49 3.08
CA ILE D 55 -14.28 -24.68 4.12
C ILE D 55 -15.22 -24.30 5.27
N LEU D 56 -16.33 -23.62 4.95
CA LEU D 56 -17.25 -23.12 5.97
C LEU D 56 -18.18 -24.16 6.58
N GLY D 57 -18.30 -25.30 5.90
CA GLY D 57 -19.03 -26.46 6.42
C GLY D 57 -20.53 -26.33 6.53
N PHE D 58 -21.14 -25.53 5.65
CA PHE D 58 -22.60 -25.38 5.63
C PHE D 58 -23.22 -26.28 4.56
N THR D 59 -24.52 -26.50 4.69
CA THR D 59 -25.32 -27.21 3.68
C THR D 59 -26.13 -26.17 2.90
N TYR D 60 -26.32 -26.38 1.60
CA TYR D 60 -26.96 -25.36 0.76
C TYR D 60 -27.90 -25.91 -0.33
N GLU D 61 -28.94 -25.14 -0.63
CA GLU D 61 -29.83 -25.43 -1.76
C GLU D 61 -29.73 -24.32 -2.82
N ILE D 62 -29.37 -24.69 -4.04
CA ILE D 62 -29.32 -23.75 -5.15
C ILE D 62 -30.74 -23.54 -5.67
N ARG D 63 -31.10 -22.28 -5.92
CA ARG D 63 -32.39 -21.91 -6.54
C ARG D 63 -32.19 -20.80 -7.55
N LEU D 64 -32.69 -20.95 -8.77
CA LEU D 64 -32.60 -19.84 -9.73
C LEU D 64 -33.47 -18.69 -9.27
N VAL D 65 -33.02 -17.46 -9.49
CA VAL D 65 -33.81 -16.28 -9.17
C VAL D 65 -35.16 -16.42 -9.80
N GLU D 66 -36.20 -16.28 -8.97
CA GLU D 66 -37.57 -16.49 -9.42
C GLU D 66 -37.94 -15.53 -10.54
N ASP D 67 -37.62 -14.26 -10.38
CA ASP D 67 -37.93 -13.27 -11.42
C ASP D 67 -36.91 -13.25 -12.55
N GLY D 68 -35.78 -13.92 -12.36
CA GLY D 68 -34.80 -14.12 -13.42
C GLY D 68 -34.01 -12.89 -13.81
N LYS D 69 -33.82 -11.97 -12.86
CA LYS D 69 -32.97 -10.80 -13.11
C LYS D 69 -31.91 -10.63 -11.99
N TYR D 70 -30.85 -9.85 -12.27
CA TYR D 70 -29.75 -9.69 -11.33
C TYR D 70 -30.13 -8.79 -10.16
N GLY D 71 -30.68 -7.63 -10.47
CA GLY D 71 -31.06 -6.67 -9.43
C GLY D 71 -30.77 -5.26 -9.85
N ALA D 72 -31.78 -4.59 -10.38
CA ALA D 72 -31.70 -3.17 -10.68
C ALA D 72 -32.71 -2.45 -9.80
N GLN D 73 -32.49 -1.16 -9.56
CA GLN D 73 -33.53 -0.41 -8.87
C GLN D 73 -34.47 0.29 -9.87
N ASP D 74 -35.76 0.05 -9.67
CA ASP D 74 -36.83 0.56 -10.50
C ASP D 74 -36.80 2.10 -10.51
N ASP D 75 -36.71 2.69 -11.69
CA ASP D 75 -36.60 4.15 -11.79
C ASP D 75 -37.80 4.89 -11.20
N VAL D 76 -39.01 4.49 -11.63
CA VAL D 76 -40.29 5.04 -11.15
C VAL D 76 -40.43 5.00 -9.62
N ASN D 77 -40.46 3.79 -9.06
CA ASN D 77 -40.79 3.58 -7.64
C ASN D 77 -39.62 3.18 -6.74
N GLY D 78 -38.41 3.26 -7.27
CA GLY D 78 -37.18 2.91 -6.52
C GLY D 78 -37.24 1.59 -5.76
N GLN D 79 -37.70 0.53 -6.41
CA GLN D 79 -37.72 -0.77 -5.78
C GLN D 79 -36.79 -1.74 -6.47
N TRP D 80 -36.19 -2.62 -5.66
CA TRP D 80 -35.21 -3.55 -6.19
C TRP D 80 -35.84 -4.84 -6.70
N ASN D 81 -35.21 -5.44 -7.69
CA ASN D 81 -35.86 -6.53 -8.41
C ASN D 81 -35.23 -7.90 -8.44
N GLY D 82 -34.00 -8.10 -8.86
CA GLY D 82 -33.56 -9.49 -9.06
C GLY D 82 -33.15 -10.27 -7.84
N MET D 83 -31.95 -10.85 -7.92
CA MET D 83 -31.31 -11.51 -6.79
C MET D 83 -31.12 -10.55 -5.63
N VAL D 84 -30.88 -9.27 -5.95
CA VAL D 84 -30.76 -8.23 -4.94
C VAL D 84 -32.03 -8.19 -4.07
N ARG D 85 -33.19 -8.22 -4.73
CA ARG D 85 -34.46 -8.21 -4.02
C ARG D 85 -34.64 -9.46 -3.16
N GLU D 86 -34.38 -10.63 -3.74
CA GLU D 86 -34.50 -11.92 -3.04
C GLU D 86 -33.75 -11.91 -1.69
N LEU D 87 -32.61 -11.21 -1.65
CA LEU D 87 -31.82 -11.08 -0.43
C LEU D 87 -32.49 -10.21 0.64
N ILE D 88 -32.94 -9.02 0.26
CA ILE D 88 -33.60 -8.12 1.20
C ILE D 88 -34.78 -8.84 1.87
N ASP D 89 -35.66 -9.38 1.05
CA ASP D 89 -36.85 -10.09 1.53
C ASP D 89 -36.45 -11.24 2.46
N HIS D 90 -35.13 -11.50 2.53
CA HIS D 90 -34.58 -12.57 3.39
C HIS D 90 -34.93 -13.97 2.89
N LYS D 91 -35.38 -14.06 1.64
CA LYS D 91 -35.81 -15.31 1.04
C LYS D 91 -34.62 -16.12 0.47
N ALA D 92 -33.43 -15.54 0.58
CA ALA D 92 -32.16 -16.16 0.18
C ALA D 92 -31.06 -15.73 1.13
N ASP D 93 -30.12 -16.62 1.41
CA ASP D 93 -29.00 -16.27 2.28
C ASP D 93 -27.83 -15.68 1.49
N LEU D 94 -27.56 -16.28 0.34
CA LEU D 94 -26.39 -15.95 -0.45
C LEU D 94 -26.80 -15.84 -1.91
N ALA D 95 -26.15 -14.95 -2.65
CA ALA D 95 -26.32 -14.86 -4.09
C ALA D 95 -24.97 -15.10 -4.76
N VAL D 96 -24.80 -16.29 -5.33
CA VAL D 96 -23.56 -16.65 -5.99
C VAL D 96 -23.76 -16.61 -7.51
N ALA D 97 -23.30 -15.55 -8.14
CA ALA D 97 -23.45 -15.34 -9.59
C ALA D 97 -22.49 -14.26 -10.06
N PRO D 98 -22.40 -14.00 -11.37
CA PRO D 98 -21.62 -12.88 -11.88
C PRO D 98 -22.32 -11.54 -11.57
N LEU D 99 -22.57 -11.30 -10.29
CA LEU D 99 -23.21 -10.07 -9.82
C LEU D 99 -22.14 -9.07 -9.43
N ALA D 100 -22.07 -7.96 -10.17
CA ALA D 100 -21.03 -6.95 -9.92
C ALA D 100 -21.31 -6.19 -8.65
N ILE D 101 -20.25 -6.01 -7.86
CA ILE D 101 -20.32 -5.17 -6.67
C ILE D 101 -20.35 -3.72 -7.14
N THR D 102 -21.51 -3.10 -7.02
CA THR D 102 -21.66 -1.70 -7.40
C THR D 102 -22.08 -0.88 -6.21
N TYR D 103 -21.85 0.43 -6.34
CA TYR D 103 -22.18 1.39 -5.31
C TYR D 103 -23.65 1.32 -4.93
N VAL D 104 -24.51 1.44 -5.94
CA VAL D 104 -25.96 1.39 -5.79
C VAL D 104 -26.40 0.11 -5.07
N ARG D 105 -25.93 -1.02 -5.54
CA ARG D 105 -26.23 -2.34 -4.93
C ARG D 105 -25.76 -2.45 -3.50
N GLU D 106 -24.57 -1.92 -3.23
CA GLU D 106 -23.98 -2.03 -1.91
C GLU D 106 -24.76 -1.25 -0.85
N LYS D 107 -25.50 -0.23 -1.30
CA LYS D 107 -26.35 0.56 -0.40
C LYS D 107 -27.46 -0.24 0.27
N VAL D 108 -27.93 -1.30 -0.40
CA VAL D 108 -29.06 -2.07 0.12
C VAL D 108 -28.66 -3.49 0.55
N ILE D 109 -27.55 -3.95 -0.01
CA ILE D 109 -27.09 -5.31 0.21
C ILE D 109 -25.65 -5.32 0.67
N ASP D 110 -25.28 -6.37 1.39
CA ASP D 110 -23.87 -6.59 1.70
C ASP D 110 -23.23 -7.52 0.67
N PHE D 111 -21.98 -7.24 0.34
CA PHE D 111 -21.23 -8.09 -0.55
C PHE D 111 -20.01 -8.63 0.17
N SER D 112 -19.57 -9.82 -0.23
CA SER D 112 -18.25 -10.29 0.16
C SER D 112 -17.25 -9.54 -0.68
N LYS D 113 -15.97 -9.75 -0.39
CA LYS D 113 -14.92 -9.24 -1.26
C LYS D 113 -14.92 -10.08 -2.53
N PRO D 114 -14.47 -9.49 -3.64
CA PRO D 114 -14.54 -10.16 -4.95
C PRO D 114 -13.89 -11.53 -4.98
N PHE D 115 -14.54 -12.48 -5.66
CA PHE D 115 -13.88 -13.74 -5.98
C PHE D 115 -13.31 -13.69 -7.38
N MET D 116 -13.67 -12.63 -8.11
CA MET D 116 -13.18 -12.36 -9.46
C MET D 116 -13.10 -10.86 -9.66
N THR D 117 -12.04 -10.38 -10.30
CA THR D 117 -11.96 -8.96 -10.65
C THR D 117 -11.97 -8.82 -12.15
N LEU D 118 -12.60 -7.75 -12.63
CA LEU D 118 -12.77 -7.50 -14.06
C LEU D 118 -12.97 -6.02 -14.33
N GLY D 119 -13.45 -5.72 -15.53
CA GLY D 119 -13.77 -4.35 -15.95
C GLY D 119 -14.48 -4.34 -17.29
N ILE D 120 -15.11 -3.21 -17.63
CA ILE D 120 -15.81 -3.10 -18.90
C ILE D 120 -14.79 -3.05 -20.05
N SER D 121 -15.09 -3.73 -21.16
CA SER D 121 -14.27 -3.61 -22.36
C SER D 121 -15.12 -3.71 -23.62
N ILE D 122 -14.47 -3.75 -24.78
CA ILE D 122 -15.16 -3.74 -26.08
C ILE D 122 -15.03 -5.09 -26.78
N LEU D 123 -16.17 -5.57 -27.30
CA LEU D 123 -16.24 -6.82 -28.07
C LEU D 123 -16.63 -6.49 -29.51
N TYR D 124 -15.80 -6.90 -30.47
CA TYR D 124 -15.93 -6.47 -31.87
C TYR D 124 -15.31 -7.52 -32.80
N ARG D 125 -15.51 -7.38 -34.11
CA ARG D 125 -14.79 -8.23 -35.08
C ARG D 125 -13.60 -7.50 -35.73
N LYS D 126 -12.49 -8.19 -35.95
CA LYS D 126 -11.24 -7.55 -36.37
C LYS D 126 -11.33 -7.06 -37.81
N ILE D 155 -9.96 2.40 -34.46
CA ILE D 155 -10.72 1.69 -33.44
C ILE D 155 -9.77 0.94 -32.52
N ASP D 156 -9.44 1.54 -31.39
CA ASP D 156 -8.50 0.89 -30.48
C ASP D 156 -8.80 1.07 -28.99
N SER D 157 -9.75 1.94 -28.66
CA SER D 157 -10.09 2.25 -27.28
C SER D 157 -11.50 2.80 -27.16
N ALA D 158 -11.96 3.02 -25.93
CA ALA D 158 -13.26 3.64 -25.71
C ALA D 158 -13.25 5.12 -26.14
N ASP D 159 -12.07 5.73 -26.08
CA ASP D 159 -11.84 7.06 -26.64
C ASP D 159 -12.21 7.00 -28.11
N ASP D 160 -11.59 6.05 -28.81
CA ASP D 160 -11.79 5.83 -30.25
C ASP D 160 -13.27 5.68 -30.60
N LEU D 161 -14.01 4.88 -29.82
CA LEU D 161 -15.46 4.73 -29.99
C LEU D 161 -16.21 6.05 -29.85
N ALA D 162 -15.93 6.79 -28.79
CA ALA D 162 -16.67 8.01 -28.44
C ALA D 162 -16.57 9.09 -29.51
N LYS D 163 -15.35 9.31 -30.00
CA LYS D 163 -15.07 10.33 -30.99
C LYS D 163 -15.59 9.99 -32.39
N GLN D 164 -15.56 8.71 -32.75
CA GLN D 164 -15.99 8.30 -34.09
C GLN D 164 -17.52 8.23 -34.20
N THR D 165 -18.02 8.38 -35.43
CA THR D 165 -19.45 8.61 -35.70
C THR D 165 -20.19 7.35 -36.18
N LYS D 166 -19.57 6.59 -37.07
CA LYS D 166 -20.20 5.48 -37.80
C LYS D 166 -20.58 4.29 -36.92
N ILE D 167 -19.60 3.42 -36.61
CA ILE D 167 -19.78 2.17 -35.84
C ILE D 167 -20.58 2.37 -34.57
N GLU D 168 -21.76 1.76 -34.50
CA GLU D 168 -22.60 1.89 -33.30
C GLU D 168 -22.12 1.00 -32.14
N TYR D 169 -22.47 1.43 -30.91
CA TYR D 169 -22.06 0.72 -29.69
C TYR D 169 -23.10 0.81 -28.60
N GLY D 170 -23.14 -0.21 -27.75
CA GLY D 170 -24.05 -0.21 -26.61
C GLY D 170 -23.73 -1.25 -25.56
N ALA D 171 -24.60 -1.36 -24.57
CA ALA D 171 -24.42 -2.32 -23.48
C ALA D 171 -25.76 -2.93 -23.05
N VAL D 172 -25.71 -3.84 -22.08
CA VAL D 172 -26.91 -4.45 -21.53
C VAL D 172 -27.64 -3.42 -20.67
N GLU D 173 -28.92 -3.23 -20.98
CA GLU D 173 -29.73 -2.17 -20.34
C GLU D 173 -29.96 -2.39 -18.86
N ASP D 174 -29.75 -1.34 -18.07
CA ASP D 174 -29.94 -1.42 -16.62
C ASP D 174 -28.92 -2.32 -15.90
N GLY D 175 -27.84 -2.69 -16.59
CA GLY D 175 -26.77 -3.51 -16.01
C GLY D 175 -25.65 -2.65 -15.45
N ALA D 176 -24.72 -3.27 -14.74
CA ALA D 176 -23.62 -2.55 -14.13
C ALA D 176 -22.83 -1.78 -15.17
N THR D 177 -22.69 -2.37 -16.35
CA THR D 177 -21.97 -1.74 -17.46
C THR D 177 -22.63 -0.44 -17.85
N MET D 178 -23.95 -0.49 -18.04
CA MET D 178 -24.75 0.68 -18.35
C MET D 178 -24.64 1.71 -17.24
N THR D 179 -24.95 1.28 -16.04
CA THR D 179 -24.88 2.06 -14.78
C THR D 179 -23.58 2.88 -14.67
N PHE D 180 -22.48 2.25 -15.04
CA PHE D 180 -21.17 2.92 -15.06
C PHE D 180 -21.14 4.07 -16.01
N PHE D 181 -21.77 3.91 -17.18
CA PHE D 181 -21.72 5.08 -18.09
C PHE D 181 -22.61 6.23 -17.61
N LYS D 182 -23.76 5.88 -17.04
CA LYS D 182 -24.67 6.87 -16.43
C LYS D 182 -23.87 7.67 -15.41
N LYS D 183 -23.08 6.97 -14.55
CA LYS D 183 -22.41 7.78 -13.55
C LYS D 183 -20.93 8.15 -13.63
N SER D 184 -20.20 7.81 -14.65
CA SER D 184 -18.80 8.35 -14.86
C SER D 184 -18.71 9.87 -15.18
N LYS D 185 -17.89 10.55 -14.41
CA LYS D 185 -17.69 11.96 -14.52
C LYS D 185 -16.74 12.30 -15.72
N ILE D 186 -15.94 11.29 -16.23
CA ILE D 186 -14.97 11.44 -17.29
C ILE D 186 -15.62 11.67 -18.66
N SER D 187 -15.02 12.66 -19.29
CA SER D 187 -15.37 13.15 -20.60
C SER D 187 -15.67 11.99 -21.54
N THR D 188 -14.66 11.17 -21.81
CA THR D 188 -14.76 10.10 -22.82
C THR D 188 -15.84 9.08 -22.52
N TYR D 189 -16.08 8.80 -21.24
CA TYR D 189 -17.13 7.85 -20.84
C TYR D 189 -18.47 8.52 -20.75
N ASP D 190 -18.50 9.75 -20.26
CA ASP D 190 -19.73 10.54 -20.19
C ASP D 190 -20.30 10.81 -21.57
N LYS D 191 -19.46 11.29 -22.49
CA LYS D 191 -19.89 11.48 -23.86
C LYS D 191 -20.62 10.27 -24.41
N MET D 192 -20.09 9.07 -24.15
CA MET D 192 -20.65 7.82 -24.68
C MET D 192 -22.04 7.52 -24.16
N TRP D 193 -22.27 7.89 -22.91
CA TRP D 193 -23.56 7.69 -22.26
C TRP D 193 -24.63 8.54 -22.95
N ALA D 194 -24.29 9.78 -23.28
CA ALA D 194 -25.17 10.65 -24.07
C ALA D 194 -25.58 9.96 -25.37
N PHE D 195 -24.59 9.40 -26.08
CA PHE D 195 -24.82 8.68 -27.32
C PHE D 195 -25.86 7.57 -27.14
N MET D 196 -25.59 6.65 -26.23
CA MET D 196 -26.45 5.49 -25.99
C MET D 196 -27.81 5.87 -25.44
N SER D 197 -27.83 6.87 -24.57
CA SER D 197 -29.07 7.35 -23.96
C SER D 197 -30.03 7.83 -25.04
N SER D 198 -29.52 8.69 -25.93
CA SER D 198 -30.23 9.20 -27.09
C SER D 198 -30.79 8.09 -27.99
N ARG D 199 -30.06 6.99 -28.08
CA ARG D 199 -30.42 5.89 -28.98
C ARG D 199 -30.77 4.62 -28.19
N ARG D 200 -31.46 4.83 -27.06
CA ARG D 200 -31.80 3.77 -26.09
C ARG D 200 -32.36 2.46 -26.70
N GLN D 201 -33.39 2.59 -27.52
CA GLN D 201 -34.13 1.45 -28.04
C GLN D 201 -33.39 0.67 -29.13
N SER D 202 -32.48 1.33 -29.82
CA SER D 202 -31.78 0.71 -30.94
C SER D 202 -30.40 0.17 -30.56
N VAL D 203 -29.77 0.78 -29.56
CA VAL D 203 -28.41 0.48 -29.19
C VAL D 203 -28.29 -0.50 -28.00
N LEU D 204 -29.09 -0.27 -26.96
CA LEU D 204 -29.03 -1.08 -25.75
C LEU D 204 -29.69 -2.43 -25.96
N VAL D 205 -28.98 -3.46 -25.49
CA VAL D 205 -29.36 -4.86 -25.65
C VAL D 205 -29.93 -5.39 -24.32
N LYS D 206 -30.57 -6.55 -24.36
CA LYS D 206 -31.27 -7.10 -23.19
C LYS D 206 -30.46 -8.17 -22.43
N SER D 207 -29.49 -8.78 -23.10
CA SER D 207 -28.63 -9.80 -22.48
C SER D 207 -27.32 -9.98 -23.25
N ASN D 208 -26.39 -10.70 -22.64
CA ASN D 208 -25.08 -10.96 -23.24
C ASN D 208 -25.17 -11.56 -24.62
N GLU D 209 -25.95 -12.64 -24.76
CA GLU D 209 -26.06 -13.34 -26.06
C GLU D 209 -26.66 -12.45 -27.13
N GLU D 210 -27.62 -11.60 -26.74
CA GLU D 210 -28.19 -10.65 -27.69
C GLU D 210 -27.11 -9.67 -28.17
N GLY D 211 -26.23 -9.24 -27.26
CA GLY D 211 -25.15 -8.35 -27.61
C GLY D 211 -24.17 -9.01 -28.56
N ILE D 212 -23.74 -10.22 -28.22
CA ILE D 212 -22.77 -10.99 -29.03
C ILE D 212 -23.29 -11.19 -30.45
N GLN D 213 -24.52 -11.69 -30.57
CA GLN D 213 -25.18 -11.87 -31.86
C GLN D 213 -25.26 -10.56 -32.62
N ARG D 214 -25.48 -9.47 -31.91
CA ARG D 214 -25.65 -8.15 -32.54
C ARG D 214 -24.31 -7.58 -33.01
N VAL D 215 -23.22 -8.11 -32.48
CA VAL D 215 -21.88 -7.76 -32.97
C VAL D 215 -21.59 -8.55 -34.25
N LEU D 216 -21.91 -9.85 -34.20
CA LEU D 216 -21.75 -10.75 -35.35
C LEU D 216 -22.64 -10.37 -36.53
N THR D 217 -23.83 -9.83 -36.26
CA THR D 217 -24.77 -9.54 -37.35
C THR D 217 -24.78 -8.09 -37.86
N SER D 218 -24.53 -7.12 -36.98
CA SER D 218 -24.47 -5.71 -37.38
C SER D 218 -23.04 -5.20 -37.41
N ASP D 219 -22.87 -3.88 -37.48
CA ASP D 219 -21.57 -3.26 -37.28
C ASP D 219 -21.56 -2.53 -35.94
N TYR D 220 -21.32 -3.32 -34.91
CA TYR D 220 -21.62 -2.93 -33.53
C TYR D 220 -20.50 -3.34 -32.58
N ALA D 221 -20.08 -2.41 -31.73
CA ALA D 221 -19.17 -2.71 -30.65
C ALA D 221 -19.98 -2.90 -29.35
N PHE D 222 -19.83 -4.05 -28.71
CA PHE D 222 -20.60 -4.35 -27.50
C PHE D 222 -19.75 -4.12 -26.27
N LEU D 223 -20.27 -3.27 -25.38
CA LEU D 223 -19.60 -2.95 -24.12
C LEU D 223 -19.96 -3.97 -23.09
N MET D 224 -19.09 -4.96 -22.92
CA MET D 224 -19.36 -6.05 -21.97
C MET D 224 -18.20 -6.30 -21.03
N GLU D 225 -18.48 -7.08 -19.99
CA GLU D 225 -17.50 -7.34 -18.94
C GLU D 225 -16.35 -8.19 -19.44
N SER D 226 -15.12 -7.69 -19.27
CA SER D 226 -13.89 -8.35 -19.74
C SER D 226 -13.89 -9.86 -19.49
N THR D 227 -14.28 -10.21 -18.27
CA THR D 227 -14.37 -11.56 -17.82
C THR D 227 -15.18 -12.44 -18.80
N THR D 228 -16.35 -11.96 -19.24
CA THR D 228 -17.18 -12.70 -20.19
C THR D 228 -16.66 -12.59 -21.64
N ILE D 229 -15.99 -11.49 -21.99
CA ILE D 229 -15.41 -11.36 -23.32
C ILE D 229 -14.36 -12.44 -23.50
N GLU D 230 -13.47 -12.54 -22.52
CA GLU D 230 -12.40 -13.53 -22.46
C GLU D 230 -12.91 -14.95 -22.68
N PHE D 231 -14.15 -15.23 -22.26
CA PHE D 231 -14.77 -16.54 -22.48
C PHE D 231 -15.19 -16.76 -23.93
N VAL D 232 -15.92 -15.80 -24.48
CA VAL D 232 -16.44 -15.89 -25.85
C VAL D 232 -15.32 -15.79 -26.89
N THR D 233 -14.28 -15.04 -26.57
CA THR D 233 -13.13 -14.87 -27.44
C THR D 233 -12.41 -16.18 -27.78
N GLN D 234 -12.22 -17.02 -26.76
CA GLN D 234 -11.59 -18.34 -26.92
C GLN D 234 -12.56 -19.42 -27.40
N ARG D 235 -13.75 -19.04 -27.82
CA ARG D 235 -14.73 -20.01 -28.28
C ARG D 235 -15.32 -19.65 -29.64
N ASN D 236 -15.21 -18.38 -30.01
CA ASN D 236 -15.58 -17.94 -31.35
C ASN D 236 -14.43 -17.11 -31.88
N CYS D 237 -13.93 -17.50 -33.05
CA CYS D 237 -12.66 -16.88 -33.40
C CYS D 237 -12.70 -15.72 -34.37
N ASN D 238 -13.92 -15.21 -34.64
CA ASN D 238 -13.94 -13.90 -35.30
C ASN D 238 -14.37 -12.71 -34.41
N LEU D 239 -14.40 -12.98 -33.09
CA LEU D 239 -14.62 -11.94 -32.10
C LEU D 239 -13.32 -11.61 -31.36
N THR D 240 -13.08 -10.32 -31.16
CA THR D 240 -11.89 -9.87 -30.40
C THR D 240 -12.26 -8.81 -29.40
N GLN D 241 -11.41 -8.65 -28.39
CA GLN D 241 -11.49 -7.55 -27.44
C GLN D 241 -10.70 -6.35 -28.00
N ILE D 242 -11.29 -5.17 -27.92
CA ILE D 242 -10.64 -3.93 -28.36
C ILE D 242 -10.26 -3.09 -27.14
N GLY D 243 -8.98 -2.78 -26.99
CA GLY D 243 -8.51 -1.97 -25.87
C GLY D 243 -8.43 -2.74 -24.56
N GLY D 244 -8.11 -2.04 -23.48
CA GLY D 244 -7.99 -2.65 -22.16
C GLY D 244 -9.30 -2.57 -21.42
N LEU D 245 -9.25 -2.54 -20.09
CA LEU D 245 -10.48 -2.41 -19.33
C LEU D 245 -10.81 -0.97 -18.97
N ILE D 246 -12.06 -0.62 -19.20
CA ILE D 246 -12.52 0.74 -19.04
C ILE D 246 -12.59 1.13 -17.56
N ASP D 247 -13.18 0.27 -16.74
CA ASP D 247 -13.17 0.52 -15.30
C ASP D 247 -12.54 -0.63 -14.53
N SER D 248 -12.65 -0.54 -13.21
CA SER D 248 -12.22 -1.58 -12.29
C SER D 248 -13.43 -2.05 -11.45
N LYS D 249 -13.70 -3.35 -11.49
CA LYS D 249 -14.94 -3.91 -10.97
C LYS D 249 -14.64 -5.27 -10.36
N GLY D 250 -15.65 -5.97 -9.86
CA GLY D 250 -15.46 -7.34 -9.39
C GLY D 250 -16.71 -8.02 -8.89
N TYR D 251 -16.84 -9.32 -9.20
CA TYR D 251 -17.94 -10.15 -8.72
C TYR D 251 -17.70 -10.61 -7.30
N GLY D 252 -18.74 -10.58 -6.48
CA GLY D 252 -18.63 -11.02 -5.11
C GLY D 252 -19.88 -11.74 -4.67
N VAL D 253 -19.74 -12.60 -3.66
CA VAL D 253 -20.89 -13.30 -3.09
C VAL D 253 -21.79 -12.27 -2.42
N GLY D 254 -23.04 -12.21 -2.88
CA GLY D 254 -24.02 -11.27 -2.32
C GLY D 254 -24.67 -11.78 -1.05
N THR D 255 -25.09 -10.86 -0.19
CA THR D 255 -25.61 -11.21 1.14
C THR D 255 -26.56 -10.12 1.67
N PRO D 256 -27.59 -10.50 2.45
CA PRO D 256 -28.48 -9.50 3.05
C PRO D 256 -27.72 -8.51 3.92
N MET D 257 -28.01 -7.23 3.72
CA MET D 257 -27.49 -6.16 4.57
C MET D 257 -27.25 -6.59 6.03
N GLY D 258 -25.99 -6.79 6.40
CA GLY D 258 -25.62 -7.08 7.78
C GLY D 258 -25.49 -8.55 8.14
N SER D 259 -25.40 -9.40 7.13
CA SER D 259 -25.31 -10.84 7.34
C SER D 259 -24.07 -11.20 8.16
N PRO D 260 -24.22 -12.13 9.11
CA PRO D 260 -23.08 -12.70 9.84
C PRO D 260 -22.13 -13.45 8.90
N TYR D 261 -22.68 -14.04 7.84
CA TYR D 261 -21.93 -14.84 6.89
C TYR D 261 -20.87 -14.10 6.05
N ARG D 262 -21.13 -12.84 5.69
CA ARG D 262 -20.33 -12.15 4.66
C ARG D 262 -18.82 -12.09 4.91
N ASP D 263 -18.43 -11.77 6.14
CA ASP D 263 -17.01 -11.66 6.52
C ASP D 263 -16.36 -13.04 6.49
N LYS D 264 -17.05 -14.03 7.09
CA LYS D 264 -16.66 -15.43 7.06
C LYS D 264 -16.46 -15.98 5.66
N ILE D 265 -17.28 -15.53 4.71
CA ILE D 265 -17.13 -15.93 3.32
C ILE D 265 -15.90 -15.27 2.68
N THR D 266 -15.69 -13.99 2.98
CA THR D 266 -14.59 -13.22 2.39
C THR D 266 -13.24 -13.85 2.70
N ILE D 267 -13.02 -14.15 3.98
CA ILE D 267 -11.83 -14.85 4.43
C ILE D 267 -11.65 -16.17 3.66
N ALA D 268 -12.73 -16.93 3.54
CA ALA D 268 -12.76 -18.18 2.77
C ALA D 268 -12.52 -17.95 1.27
N ILE D 269 -13.05 -16.86 0.71
CA ILE D 269 -12.79 -16.48 -0.69
C ILE D 269 -11.32 -16.12 -0.90
N LEU D 270 -10.76 -15.39 0.05
CA LEU D 270 -9.35 -15.01 0.03
C LEU D 270 -8.44 -16.22 0.19
N GLN D 271 -8.80 -17.11 1.11
CA GLN D 271 -8.07 -18.35 1.29
C GLN D 271 -7.99 -19.10 -0.03
N LEU D 272 -9.14 -19.47 -0.57
CA LEU D 272 -9.20 -20.15 -1.85
C LEU D 272 -8.33 -19.50 -2.92
N GLN D 273 -8.21 -18.18 -2.87
CA GLN D 273 -7.43 -17.43 -3.87
C GLN D 273 -5.95 -17.77 -3.78
N GLU D 274 -5.36 -17.49 -2.62
CA GLU D 274 -3.92 -17.67 -2.40
C GLU D 274 -3.48 -19.13 -2.51
N GLU D 275 -4.42 -20.04 -2.33
CA GLU D 275 -4.20 -21.47 -2.44
C GLU D 275 -4.08 -21.90 -3.89
N GLY D 276 -4.50 -21.02 -4.80
CA GLY D 276 -4.47 -21.29 -6.24
C GLY D 276 -5.77 -21.83 -6.79
N LYS D 277 -6.73 -22.10 -5.90
CA LYS D 277 -8.00 -22.70 -6.28
C LYS D 277 -8.78 -21.92 -7.34
N LEU D 278 -9.03 -20.64 -7.07
CA LEU D 278 -9.79 -19.78 -7.96
C LEU D 278 -9.15 -19.65 -9.31
N HIS D 279 -7.82 -19.73 -9.35
CA HIS D 279 -7.10 -19.69 -10.61
C HIS D 279 -7.37 -20.94 -11.45
N MET D 280 -7.35 -22.10 -10.81
CA MET D 280 -7.65 -23.36 -11.51
C MET D 280 -9.07 -23.36 -12.10
N MET D 281 -10.05 -23.03 -11.26
CA MET D 281 -11.45 -22.96 -11.67
C MET D 281 -11.66 -22.00 -12.82
N LYS D 282 -10.93 -20.88 -12.82
CA LYS D 282 -11.01 -19.92 -13.92
C LYS D 282 -10.52 -20.58 -15.19
N GLU D 283 -9.40 -21.28 -15.10
CA GLU D 283 -8.84 -22.01 -16.24
C GLU D 283 -9.74 -23.18 -16.65
N LYS D 284 -10.44 -23.77 -15.69
CA LYS D 284 -11.30 -24.92 -15.96
C LYS D 284 -12.47 -24.56 -16.88
N TRP D 285 -13.13 -23.45 -16.57
CA TRP D 285 -14.37 -23.03 -17.22
C TRP D 285 -14.19 -22.08 -18.39
N TRP D 286 -12.99 -21.53 -18.53
CA TRP D 286 -12.70 -20.57 -19.58
C TRP D 286 -11.79 -21.07 -20.70
N ARG D 287 -11.03 -22.11 -20.44
CA ARG D 287 -10.09 -22.57 -21.46
C ARG D 287 -10.84 -23.08 -22.67
N GLY D 288 -10.80 -22.25 -23.71
CA GLY D 288 -11.26 -22.61 -25.05
C GLY D 288 -10.09 -23.08 -25.90
N ASN D 289 -10.45 -23.62 -27.06
CA ASN D 289 -9.54 -24.28 -28.01
C ASN D 289 -8.22 -23.54 -28.36
N GLY D 290 -8.17 -22.25 -27.94
CA GLY D 290 -7.09 -21.34 -28.25
C GLY D 290 -7.48 -20.53 -29.51
N CYS D 291 -6.62 -19.60 -29.96
CA CYS D 291 -6.89 -18.83 -31.18
C CYS D 291 -5.80 -17.78 -31.48
N ASN E 5 -26.57 40.51 3.50
CA ASN E 5 -25.34 40.06 2.79
C ASN E 5 -25.53 38.71 2.08
N ILE E 6 -24.95 38.59 0.89
CA ILE E 6 -25.17 37.39 0.07
C ILE E 6 -23.89 36.70 -0.42
N THR E 7 -22.75 37.39 -0.37
CA THR E 7 -21.48 36.79 -0.74
C THR E 7 -21.22 35.69 0.29
N ASP E 8 -20.90 34.48 -0.20
CA ASP E 8 -20.75 33.29 0.64
C ASP E 8 -21.96 32.96 1.52
N SER E 9 -23.14 33.35 1.05
CA SER E 9 -24.40 33.00 1.71
C SER E 9 -24.56 31.47 1.86
N LEU E 10 -24.32 30.72 0.77
CA LEU E 10 -24.44 29.27 0.78
C LEU E 10 -23.08 28.57 0.80
N SER E 11 -22.20 29.00 1.72
CA SER E 11 -20.85 28.40 1.84
C SER E 11 -20.86 26.96 2.34
N ASN E 12 -21.83 26.63 3.18
CA ASN E 12 -22.02 25.28 3.70
C ASN E 12 -22.27 24.20 2.63
N ARG E 13 -22.88 24.58 1.52
CA ARG E 13 -23.56 23.63 0.62
C ARG E 13 -22.73 22.94 -0.44
N SER E 14 -23.21 21.79 -0.90
CA SER E 14 -22.73 21.16 -2.12
C SER E 14 -23.94 20.75 -2.98
N LEU E 15 -23.99 21.28 -4.19
CA LEU E 15 -25.19 21.21 -5.03
C LEU E 15 -25.04 20.31 -6.25
N ILE E 16 -26.15 19.74 -6.68
CA ILE E 16 -26.17 18.97 -7.90
C ILE E 16 -26.92 19.77 -8.98
N VAL E 17 -26.21 20.11 -10.05
CA VAL E 17 -26.78 20.88 -11.15
C VAL E 17 -27.08 19.97 -12.31
N THR E 18 -28.33 19.92 -12.73
CA THR E 18 -28.70 19.26 -13.98
C THR E 18 -28.65 20.25 -15.13
N THR E 19 -28.23 19.77 -16.29
CA THR E 19 -28.16 20.58 -17.51
C THR E 19 -28.37 19.72 -18.75
N ILE E 20 -28.44 20.36 -19.91
CA ILE E 20 -28.60 19.67 -21.19
C ILE E 20 -27.56 20.18 -22.18
N LEU E 21 -27.14 19.34 -23.12
CA LEU E 21 -26.19 19.77 -24.13
C LEU E 21 -26.87 20.64 -25.19
N GLU E 22 -26.41 21.88 -25.34
CA GLU E 22 -26.98 22.86 -26.29
C GLU E 22 -26.02 24.01 -26.52
N GLU E 23 -25.59 24.15 -27.77
CA GLU E 23 -24.63 25.17 -28.15
C GLU E 23 -25.26 26.58 -28.19
N PRO E 24 -24.58 27.59 -27.65
CA PRO E 24 -23.32 27.49 -26.97
C PRO E 24 -23.46 27.61 -25.45
N TYR E 25 -24.54 27.07 -24.90
CA TYR E 25 -24.76 27.15 -23.46
C TYR E 25 -23.96 26.11 -22.69
N VAL E 26 -24.03 24.85 -23.13
CA VAL E 26 -23.26 23.74 -22.55
C VAL E 26 -22.76 22.81 -23.64
N LEU E 27 -21.46 22.48 -23.64
CA LEU E 27 -20.87 21.51 -24.59
C LEU E 27 -19.71 20.74 -23.94
N PHE E 28 -19.54 19.47 -24.33
CA PHE E 28 -18.36 18.68 -23.93
C PHE E 28 -17.10 19.36 -24.46
N LYS E 29 -16.09 19.58 -23.63
CA LYS E 29 -14.91 20.32 -24.06
C LYS E 29 -14.02 19.50 -25.01
N LYS E 30 -13.43 20.16 -26.00
CA LYS E 30 -12.52 19.49 -26.93
C LYS E 30 -11.21 19.23 -26.18
N SER E 31 -10.71 18.01 -26.25
CA SER E 31 -9.50 17.61 -25.48
C SER E 31 -8.90 16.28 -25.93
N ASP E 32 -7.62 16.05 -25.61
CA ASP E 32 -6.93 14.79 -25.92
C ASP E 32 -6.46 14.07 -24.64
N LYS E 33 -6.76 14.64 -23.48
CA LYS E 33 -6.59 13.98 -22.20
C LYS E 33 -7.97 13.80 -21.56
N PRO E 34 -8.21 12.69 -20.87
CA PRO E 34 -9.53 12.47 -20.28
C PRO E 34 -9.82 13.59 -19.28
N LEU E 35 -10.98 14.25 -19.41
CA LEU E 35 -11.38 15.31 -18.51
C LEU E 35 -12.35 14.79 -17.44
N TYR E 36 -12.25 15.34 -16.22
CA TYR E 36 -13.12 14.87 -15.15
C TYR E 36 -13.96 15.99 -14.51
N GLY E 37 -15.16 15.64 -14.09
CA GLY E 37 -16.07 16.54 -13.38
C GLY E 37 -16.48 17.80 -14.14
N ASN E 38 -16.47 18.93 -13.45
CA ASN E 38 -16.90 20.17 -14.08
C ASN E 38 -15.97 20.63 -15.19
N ASP E 39 -14.70 20.25 -15.12
CA ASP E 39 -13.70 20.59 -16.13
C ASP E 39 -14.05 20.03 -17.52
N ARG E 40 -14.97 19.06 -17.55
CA ARG E 40 -15.30 18.36 -18.78
C ARG E 40 -16.20 19.17 -19.71
N PHE E 41 -16.91 20.14 -19.14
CA PHE E 41 -17.90 20.94 -19.85
C PHE E 41 -17.42 22.35 -20.09
N GLU E 42 -18.00 23.01 -21.10
CA GLU E 42 -17.80 24.44 -21.35
C GLU E 42 -19.04 25.10 -21.96
N GLY E 43 -19.11 26.42 -21.88
CA GLY E 43 -20.25 27.15 -22.43
C GLY E 43 -20.73 28.27 -21.54
N TYR E 44 -21.68 29.04 -22.06
CA TYR E 44 -22.22 30.20 -21.34
C TYR E 44 -22.72 29.80 -19.96
N CYS E 45 -23.56 28.76 -19.91
CA CYS E 45 -24.14 28.27 -18.65
C CYS E 45 -23.10 27.74 -17.67
N ILE E 46 -22.01 27.19 -18.19
CA ILE E 46 -20.87 26.73 -17.37
C ILE E 46 -20.17 27.91 -16.70
N ASP E 47 -19.92 28.98 -17.46
CA ASP E 47 -19.34 30.19 -16.89
C ASP E 47 -20.29 30.82 -15.89
N LEU E 48 -21.57 30.84 -16.25
CA LEU E 48 -22.58 31.35 -15.33
C LEU E 48 -22.48 30.64 -14.00
N LEU E 49 -22.41 29.32 -14.05
CA LEU E 49 -22.32 28.48 -12.85
C LEU E 49 -21.11 28.84 -12.03
N ARG E 50 -19.95 28.87 -12.69
CA ARG E 50 -18.71 29.20 -12.00
C ARG E 50 -18.86 30.54 -11.31
N GLU E 51 -19.45 31.50 -12.03
CA GLU E 51 -19.71 32.84 -11.50
C GLU E 51 -20.65 32.83 -10.29
N LEU E 52 -21.81 32.21 -10.45
CA LEU E 52 -22.76 32.07 -9.33
C LEU E 52 -22.09 31.40 -8.12
N SER E 53 -21.23 30.42 -8.40
CA SER E 53 -20.46 29.73 -7.38
C SER E 53 -19.51 30.67 -6.62
N THR E 54 -18.75 31.46 -7.37
CA THR E 54 -17.86 32.46 -6.78
C THR E 54 -18.61 33.32 -5.78
N ILE E 55 -19.72 33.90 -6.22
CA ILE E 55 -20.51 34.80 -5.40
C ILE E 55 -21.16 34.08 -4.20
N LEU E 56 -21.92 33.03 -4.46
CA LEU E 56 -22.68 32.35 -3.40
C LEU E 56 -21.86 31.35 -2.59
N GLY E 57 -20.69 30.99 -3.11
CA GLY E 57 -19.73 30.13 -2.41
C GLY E 57 -20.13 28.67 -2.14
N PHE E 58 -20.89 28.09 -3.05
CA PHE E 58 -21.26 26.67 -2.97
C PHE E 58 -20.36 25.82 -3.85
N THR E 59 -20.31 24.52 -3.57
CA THR E 59 -19.67 23.53 -4.46
C THR E 59 -20.74 22.81 -5.27
N TYR E 60 -20.43 22.46 -6.51
CA TYR E 60 -21.44 21.95 -7.44
C TYR E 60 -20.95 20.82 -8.34
N GLU E 61 -21.85 19.89 -8.65
CA GLU E 61 -21.55 18.80 -9.56
C GLU E 61 -22.51 18.89 -10.74
N ILE E 62 -21.97 19.07 -11.95
CA ILE E 62 -22.80 19.09 -13.15
C ILE E 62 -23.17 17.65 -13.57
N ARG E 63 -24.43 17.44 -13.91
CA ARG E 63 -24.87 16.17 -14.47
C ARG E 63 -25.90 16.40 -15.58
N LEU E 64 -25.66 15.81 -16.75
CA LEU E 64 -26.59 15.92 -17.87
C LEU E 64 -27.91 15.28 -17.51
N VAL E 65 -29.02 15.90 -17.92
CA VAL E 65 -30.34 15.32 -17.70
C VAL E 65 -30.35 13.87 -18.16
N GLU E 66 -30.68 12.98 -17.23
CA GLU E 66 -30.82 11.55 -17.45
C GLU E 66 -31.61 11.23 -18.71
N ASP E 67 -32.85 11.74 -18.75
CA ASP E 67 -33.74 11.45 -19.87
C ASP E 67 -33.47 12.34 -21.10
N GLY E 68 -32.64 13.38 -20.93
CA GLY E 68 -32.18 14.19 -22.05
C GLY E 68 -33.21 15.13 -22.65
N LYS E 69 -34.17 15.55 -21.83
CA LYS E 69 -35.21 16.48 -22.26
C LYS E 69 -35.33 17.67 -21.29
N TYR E 70 -35.89 18.79 -21.76
CA TYR E 70 -36.00 20.03 -20.98
C TYR E 70 -37.04 19.92 -19.90
N GLY E 71 -38.23 19.48 -20.29
CA GLY E 71 -39.35 19.38 -19.37
C GLY E 71 -40.65 19.83 -20.02
N ALA E 72 -41.41 18.86 -20.52
CA ALA E 72 -42.76 19.10 -20.98
C ALA E 72 -43.72 18.29 -20.11
N GLN E 73 -44.98 18.68 -20.09
CA GLN E 73 -46.00 17.96 -19.34
C GLN E 73 -46.61 16.97 -20.32
N ASP E 74 -46.63 15.69 -19.94
CA ASP E 74 -47.24 14.69 -20.81
C ASP E 74 -48.74 14.96 -20.96
N ASP E 75 -49.19 15.02 -22.21
CA ASP E 75 -50.61 15.25 -22.49
C ASP E 75 -51.57 14.21 -21.88
N VAL E 76 -51.32 12.92 -22.16
CA VAL E 76 -52.17 11.83 -21.63
C VAL E 76 -52.26 11.81 -20.09
N ASN E 77 -51.13 11.66 -19.39
CA ASN E 77 -51.17 11.47 -17.94
C ASN E 77 -50.62 12.65 -17.10
N GLY E 78 -50.45 13.80 -17.74
CA GLY E 78 -49.99 15.04 -17.08
C GLY E 78 -48.79 14.90 -16.18
N GLN E 79 -47.76 14.21 -16.66
CA GLN E 79 -46.54 14.04 -15.85
C GLN E 79 -45.36 14.78 -16.47
N TRP E 80 -44.50 15.34 -15.64
CA TRP E 80 -43.37 16.14 -16.13
C TRP E 80 -42.15 15.28 -16.41
N ASN E 81 -41.36 15.69 -17.40
CA ASN E 81 -40.35 14.80 -17.94
C ASN E 81 -38.88 15.20 -17.83
N GLY E 82 -38.43 16.34 -18.33
CA GLY E 82 -36.98 16.55 -18.41
C GLY E 82 -36.31 17.00 -17.13
N MET E 83 -35.51 18.05 -17.26
CA MET E 83 -34.94 18.76 -16.12
C MET E 83 -36.00 19.15 -15.11
N VAL E 84 -37.16 19.54 -15.63
CA VAL E 84 -38.30 19.93 -14.80
C VAL E 84 -38.58 18.81 -13.81
N ARG E 85 -38.64 17.58 -14.32
CA ARG E 85 -38.91 16.43 -13.49
C ARG E 85 -37.81 16.20 -12.47
N GLU E 86 -36.55 16.24 -12.93
CA GLU E 86 -35.42 15.97 -12.04
C GLU E 86 -35.47 16.86 -10.80
N LEU E 87 -36.02 18.06 -10.97
CA LEU E 87 -36.14 19.03 -9.88
C LEU E 87 -37.17 18.59 -8.86
N ILE E 88 -38.37 18.23 -9.32
CA ILE E 88 -39.44 17.79 -8.41
C ILE E 88 -38.96 16.66 -7.50
N ASP E 89 -38.31 15.67 -8.09
CA ASP E 89 -37.74 14.56 -7.31
C ASP E 89 -36.65 15.01 -6.34
N HIS E 90 -36.22 16.25 -6.45
CA HIS E 90 -35.07 16.74 -5.69
C HIS E 90 -33.78 16.00 -6.08
N LYS E 91 -33.83 15.27 -7.22
CA LYS E 91 -32.64 14.62 -7.80
C LYS E 91 -31.55 15.64 -8.11
N ALA E 92 -31.96 16.85 -8.49
CA ALA E 92 -31.02 17.99 -8.62
C ALA E 92 -31.50 19.22 -7.85
N ASP E 93 -30.56 20.09 -7.52
CA ASP E 93 -30.85 21.33 -6.81
C ASP E 93 -31.19 22.48 -7.76
N LEU E 94 -30.43 22.53 -8.86
CA LEU E 94 -30.46 23.64 -9.79
C LEU E 94 -30.52 23.10 -11.22
N ALA E 95 -31.20 23.82 -12.09
CA ALA E 95 -31.17 23.49 -13.52
C ALA E 95 -30.63 24.69 -14.30
N VAL E 96 -29.36 24.61 -14.69
CA VAL E 96 -28.75 25.70 -15.46
C VAL E 96 -28.66 25.33 -16.93
N ALA E 97 -29.58 25.86 -17.72
CA ALA E 97 -29.66 25.61 -19.17
C ALA E 97 -30.56 26.65 -19.83
N PRO E 98 -30.54 26.74 -21.16
CA PRO E 98 -31.52 27.55 -21.88
C PRO E 98 -32.95 27.07 -21.66
N LEU E 99 -33.36 27.00 -20.39
CA LEU E 99 -34.70 26.56 -20.00
C LEU E 99 -35.59 27.78 -19.89
N ALA E 100 -36.60 27.89 -20.74
CA ALA E 100 -37.44 29.08 -20.77
C ALA E 100 -38.39 29.12 -19.56
N ILE E 101 -38.47 30.29 -18.93
CA ILE E 101 -39.45 30.55 -17.86
C ILE E 101 -40.84 30.62 -18.48
N THR E 102 -41.62 29.57 -18.25
CA THR E 102 -42.95 29.36 -18.82
C THR E 102 -43.98 29.35 -17.71
N TYR E 103 -45.19 29.82 -18.01
CA TYR E 103 -46.28 29.80 -17.06
C TYR E 103 -46.56 28.36 -16.57
N VAL E 104 -46.65 27.41 -17.50
CA VAL E 104 -46.89 26.00 -17.15
C VAL E 104 -45.76 25.43 -16.29
N ARG E 105 -44.52 25.71 -16.69
CA ARG E 105 -43.35 25.25 -15.96
C ARG E 105 -43.30 25.86 -14.54
N GLU E 106 -43.69 27.13 -14.42
CA GLU E 106 -43.64 27.85 -13.14
C GLU E 106 -44.63 27.27 -12.12
N LYS E 107 -45.71 26.65 -12.61
CA LYS E 107 -46.72 26.04 -11.74
C LYS E 107 -46.18 24.90 -10.88
N VAL E 108 -45.13 24.24 -11.35
CA VAL E 108 -44.61 23.02 -10.73
C VAL E 108 -43.17 23.18 -10.21
N ILE E 109 -42.53 24.25 -10.66
CA ILE E 109 -41.14 24.54 -10.35
C ILE E 109 -40.93 26.02 -10.04
N ASP E 110 -39.92 26.32 -9.21
CA ASP E 110 -39.46 27.69 -9.00
C ASP E 110 -38.38 28.08 -10.01
N PHE E 111 -38.48 29.30 -10.52
CA PHE E 111 -37.45 29.84 -11.40
C PHE E 111 -36.77 31.04 -10.74
N SER E 112 -35.47 31.21 -10.97
CA SER E 112 -34.81 32.46 -10.64
C SER E 112 -35.28 33.50 -11.65
N LYS E 113 -34.91 34.76 -11.44
CA LYS E 113 -35.18 35.80 -12.42
C LYS E 113 -34.23 35.56 -13.59
N PRO E 114 -34.61 35.98 -14.79
CA PRO E 114 -33.84 35.70 -16.01
C PRO E 114 -32.38 36.11 -15.93
N PHE E 115 -31.50 35.28 -16.49
CA PHE E 115 -30.12 35.67 -16.71
C PHE E 115 -29.93 36.09 -18.16
N MET E 116 -30.93 35.78 -18.98
CA MET E 116 -31.00 36.24 -20.36
C MET E 116 -32.46 36.47 -20.73
N THR E 117 -32.71 37.53 -21.50
CA THR E 117 -34.05 37.73 -22.08
C THR E 117 -34.02 37.52 -23.57
N LEU E 118 -35.12 36.99 -24.10
CA LEU E 118 -35.22 36.64 -25.49
C LEU E 118 -36.67 36.66 -25.95
N GLY E 119 -36.91 36.13 -27.14
CA GLY E 119 -38.27 35.94 -27.67
C GLY E 119 -38.24 35.13 -28.95
N ILE E 120 -39.42 34.64 -29.37
CA ILE E 120 -39.54 33.87 -30.60
C ILE E 120 -39.27 34.73 -31.82
N SER E 121 -38.58 34.17 -32.81
CA SER E 121 -38.41 34.86 -34.08
C SER E 121 -38.30 33.88 -35.24
N ILE E 122 -37.96 34.42 -36.42
CA ILE E 122 -38.00 33.68 -37.67
C ILE E 122 -36.58 33.46 -38.21
N LEU E 123 -36.26 32.20 -38.54
CA LEU E 123 -34.97 31.88 -39.13
C LEU E 123 -35.16 31.40 -40.58
N TYR E 124 -34.43 32.04 -41.51
CA TYR E 124 -34.65 31.88 -42.96
C TYR E 124 -33.44 32.21 -43.85
N ARG E 125 -33.60 31.92 -45.15
CA ARG E 125 -32.65 32.22 -46.21
C ARG E 125 -32.57 33.73 -46.52
N LYS E 126 -31.34 34.27 -46.58
CA LYS E 126 -31.10 35.67 -46.90
C LYS E 126 -31.46 35.98 -48.35
N PRO E 127 -32.45 36.86 -48.55
CA PRO E 127 -32.84 37.32 -49.91
C PRO E 127 -31.84 38.32 -50.50
N ILE E 155 -43.34 38.85 -46.44
CA ILE E 155 -42.00 38.27 -46.45
C ILE E 155 -41.16 38.83 -45.29
N ASP E 156 -41.79 39.67 -44.45
CA ASP E 156 -41.11 40.44 -43.40
C ASP E 156 -41.62 40.16 -41.97
N SER E 157 -42.91 39.85 -41.86
CA SER E 157 -43.58 39.59 -40.58
C SER E 157 -43.77 38.10 -40.26
N ALA E 158 -44.29 37.82 -39.05
CA ALA E 158 -44.78 36.49 -38.70
C ALA E 158 -46.06 36.26 -39.48
N ASP E 159 -47.12 36.93 -39.04
CA ASP E 159 -48.46 36.86 -39.65
C ASP E 159 -48.51 37.02 -41.18
N ASP E 160 -47.71 37.94 -41.74
CA ASP E 160 -47.73 38.10 -43.20
C ASP E 160 -47.21 36.82 -43.88
N LEU E 161 -46.05 36.34 -43.43
CA LEU E 161 -45.48 35.06 -43.89
C LEU E 161 -46.44 33.91 -43.57
N ALA E 162 -47.27 34.10 -42.55
CA ALA E 162 -48.19 33.07 -42.08
C ALA E 162 -49.50 33.00 -42.87
N LYS E 163 -49.68 33.93 -43.80
CA LYS E 163 -50.79 33.85 -44.74
C LYS E 163 -50.34 33.40 -46.15
N GLN E 164 -49.08 32.99 -46.26
CA GLN E 164 -48.52 32.41 -47.50
C GLN E 164 -48.53 30.88 -47.43
N THR E 165 -49.43 30.29 -48.23
CA THR E 165 -49.65 28.82 -48.29
C THR E 165 -48.39 28.03 -48.70
N LYS E 166 -47.52 28.68 -49.46
CA LYS E 166 -46.32 28.03 -50.00
C LYS E 166 -45.25 27.85 -48.92
N ILE E 167 -44.55 28.92 -48.53
CA ILE E 167 -43.41 28.75 -47.61
C ILE E 167 -43.85 28.15 -46.28
N GLU E 168 -43.42 26.91 -46.04
CA GLU E 168 -43.77 26.17 -44.83
C GLU E 168 -43.02 26.72 -43.58
N TYR E 169 -43.65 26.60 -42.41
CA TYR E 169 -43.03 27.04 -41.15
C TYR E 169 -43.40 26.13 -39.97
N GLY E 170 -42.49 26.01 -39.00
CA GLY E 170 -42.74 25.24 -37.78
C GLY E 170 -41.79 25.53 -36.61
N ALA E 171 -41.97 24.78 -35.52
CA ALA E 171 -41.16 24.95 -34.33
C ALA E 171 -40.75 23.60 -33.75
N VAL E 172 -39.96 23.64 -32.67
CA VAL E 172 -39.63 22.43 -31.90
C VAL E 172 -40.85 21.93 -31.13
N GLU E 173 -41.24 20.68 -31.42
CA GLU E 173 -42.37 19.97 -30.82
C GLU E 173 -42.35 20.02 -29.29
N ASP E 174 -43.45 20.46 -28.68
CA ASP E 174 -43.59 20.48 -27.21
C ASP E 174 -42.62 21.42 -26.49
N GLY E 175 -42.01 22.34 -27.23
CA GLY E 175 -41.09 23.32 -26.66
C GLY E 175 -41.85 24.59 -26.29
N ALA E 176 -41.17 25.50 -25.60
CA ALA E 176 -41.77 26.78 -25.22
C ALA E 176 -42.26 27.55 -26.45
N THR E 177 -41.51 27.48 -27.55
CA THR E 177 -41.93 28.12 -28.79
C THR E 177 -43.29 27.61 -29.25
N MET E 178 -43.43 26.29 -29.35
CA MET E 178 -44.70 25.68 -29.75
C MET E 178 -45.80 26.02 -28.75
N THR E 179 -45.54 25.76 -27.47
CA THR E 179 -46.48 26.06 -26.37
C THR E 179 -47.04 27.49 -26.42
N PHE E 180 -46.22 28.45 -26.88
CA PHE E 180 -46.69 29.82 -27.03
C PHE E 180 -47.87 29.91 -27.97
N PHE E 181 -47.73 29.31 -29.16
CA PHE E 181 -48.78 29.33 -30.18
C PHE E 181 -50.01 28.51 -29.77
N LYS E 182 -49.73 27.26 -29.37
CA LYS E 182 -50.71 26.25 -28.93
C LYS E 182 -51.74 26.81 -27.95
N LYS E 183 -51.29 27.65 -27.02
CA LYS E 183 -52.15 28.33 -26.06
C LYS E 183 -52.63 29.70 -26.56
N SER E 184 -51.69 30.55 -26.99
CA SER E 184 -51.97 31.97 -27.29
C SER E 184 -53.28 32.27 -28.03
N LYS E 185 -54.13 33.04 -27.35
CA LYS E 185 -55.35 33.59 -27.92
C LYS E 185 -55.14 35.02 -28.49
N ILE E 186 -53.99 35.24 -29.12
CA ILE E 186 -53.72 36.51 -29.77
C ILE E 186 -54.15 36.42 -31.23
N SER E 187 -54.47 37.58 -31.80
CA SER E 187 -54.80 37.72 -33.23
C SER E 187 -53.61 37.30 -34.11
N THR E 188 -53.88 36.37 -35.05
CA THR E 188 -52.92 35.89 -36.07
C THR E 188 -51.76 35.04 -35.53
N TYR E 189 -51.91 34.53 -34.31
CA TYR E 189 -50.93 33.61 -33.72
C TYR E 189 -51.58 32.25 -33.54
N ASP E 190 -52.86 32.26 -33.16
CA ASP E 190 -53.68 31.06 -33.20
C ASP E 190 -53.95 30.71 -34.65
N LYS E 191 -53.91 31.71 -35.53
CA LYS E 191 -53.87 31.40 -36.94
C LYS E 191 -52.75 30.40 -37.24
N MET E 192 -51.52 30.77 -36.87
CA MET E 192 -50.32 29.99 -37.20
C MET E 192 -50.32 28.64 -36.51
N TRP E 193 -50.85 28.60 -35.30
CA TRP E 193 -50.88 27.35 -34.54
C TRP E 193 -51.81 26.35 -35.20
N ALA E 194 -52.95 26.83 -35.71
CA ALA E 194 -53.86 25.95 -36.44
C ALA E 194 -53.13 25.32 -37.64
N PHE E 195 -52.39 26.16 -38.37
CA PHE E 195 -51.56 25.75 -39.50
C PHE E 195 -50.66 24.56 -39.14
N MET E 196 -49.76 24.77 -38.16
CA MET E 196 -48.80 23.72 -37.79
C MET E 196 -49.42 22.55 -37.00
N SER E 197 -50.52 22.80 -36.28
CA SER E 197 -51.27 21.73 -35.63
C SER E 197 -51.72 20.72 -36.67
N SER E 198 -52.37 21.23 -37.71
CA SER E 198 -52.91 20.39 -38.79
C SER E 198 -51.80 19.65 -39.55
N ARG E 199 -50.60 20.22 -39.61
CA ARG E 199 -49.48 19.55 -40.29
C ARG E 199 -48.38 19.15 -39.30
N ARG E 200 -48.80 18.64 -38.14
CA ARG E 200 -47.94 18.23 -37.02
C ARG E 200 -46.65 17.49 -37.42
N GLN E 201 -46.82 16.37 -38.12
CA GLN E 201 -45.70 15.47 -38.39
C GLN E 201 -44.78 15.91 -39.52
N SER E 202 -45.25 16.83 -40.36
CA SER E 202 -44.44 17.32 -41.46
C SER E 202 -43.70 18.61 -41.12
N VAL E 203 -44.27 19.42 -40.22
CA VAL E 203 -43.73 20.76 -39.94
C VAL E 203 -42.95 20.86 -38.62
N LEU E 204 -43.48 20.24 -37.57
CA LEU E 204 -42.82 20.32 -36.26
C LEU E 204 -41.55 19.46 -36.25
N VAL E 205 -40.47 20.07 -35.79
CA VAL E 205 -39.16 19.45 -35.76
C VAL E 205 -38.85 18.99 -34.32
N LYS E 206 -37.79 18.19 -34.14
CA LYS E 206 -37.51 17.60 -32.82
C LYS E 206 -36.38 18.31 -32.04
N SER E 207 -35.61 19.13 -32.73
CA SER E 207 -34.46 19.81 -32.15
C SER E 207 -34.06 21.05 -32.96
N ASN E 208 -33.27 21.91 -32.35
CA ASN E 208 -32.76 23.11 -32.99
C ASN E 208 -32.01 22.77 -34.28
N GLU E 209 -31.08 21.83 -34.19
CA GLU E 209 -30.22 21.43 -35.32
C GLU E 209 -31.08 20.92 -36.49
N GLU E 210 -32.11 20.15 -36.14
CA GLU E 210 -33.03 19.61 -37.13
C GLU E 210 -33.76 20.74 -37.85
N GLY E 211 -34.20 21.74 -37.08
CA GLY E 211 -34.84 22.94 -37.66
C GLY E 211 -33.92 23.70 -38.60
N ILE E 212 -32.70 23.99 -38.13
CA ILE E 212 -31.69 24.72 -38.88
C ILE E 212 -31.47 24.07 -40.23
N GLN E 213 -31.17 22.77 -40.21
CA GLN E 213 -30.87 22.11 -41.48
C GLN E 213 -32.12 21.86 -42.33
N ARG E 214 -33.31 21.89 -41.71
CA ARG E 214 -34.57 21.87 -42.49
C ARG E 214 -34.89 23.23 -43.14
N VAL E 215 -34.25 24.30 -42.66
CA VAL E 215 -34.33 25.61 -43.32
C VAL E 215 -33.38 25.60 -44.51
N LEU E 216 -32.17 25.11 -44.28
CA LEU E 216 -31.14 25.04 -45.29
C LEU E 216 -31.51 24.09 -46.45
N THR E 217 -32.30 23.07 -46.12
CA THR E 217 -32.60 21.96 -47.04
C THR E 217 -33.91 22.14 -47.81
N SER E 218 -34.93 22.66 -47.15
CA SER E 218 -36.27 22.83 -47.72
C SER E 218 -36.56 24.33 -47.94
N ASP E 219 -37.83 24.68 -48.21
CA ASP E 219 -38.22 26.08 -48.14
C ASP E 219 -39.09 26.36 -46.93
N TYR E 220 -38.39 26.67 -45.84
CA TYR E 220 -38.90 26.53 -44.48
C TYR E 220 -38.47 27.68 -43.60
N ALA E 221 -39.45 28.28 -42.93
CA ALA E 221 -39.18 29.29 -41.91
C ALA E 221 -39.24 28.62 -40.54
N PHE E 222 -38.14 28.69 -39.80
CA PHE E 222 -38.06 28.04 -38.50
C PHE E 222 -38.31 29.03 -37.35
N LEU E 223 -39.33 28.73 -36.56
CA LEU E 223 -39.69 29.50 -35.37
C LEU E 223 -38.80 29.10 -34.19
N MET E 224 -37.74 29.87 -33.98
CA MET E 224 -36.79 29.57 -32.94
C MET E 224 -36.46 30.79 -32.10
N GLU E 225 -35.88 30.54 -30.93
CA GLU E 225 -35.63 31.58 -29.95
C GLU E 225 -34.51 32.52 -30.43
N SER E 226 -34.82 33.82 -30.44
CA SER E 226 -33.93 34.87 -30.95
C SER E 226 -32.49 34.68 -30.51
N THR E 227 -32.35 34.37 -29.23
CA THR E 227 -31.09 34.14 -28.59
C THR E 227 -30.24 33.10 -29.35
N THR E 228 -30.84 31.98 -29.73
CA THR E 228 -30.16 30.94 -30.52
C THR E 228 -30.01 31.29 -32.00
N ILE E 229 -30.94 32.09 -32.53
CA ILE E 229 -30.85 32.62 -33.90
C ILE E 229 -29.58 33.45 -34.05
N GLU E 230 -29.44 34.43 -33.17
CA GLU E 230 -28.31 35.33 -33.13
C GLU E 230 -26.98 34.59 -33.11
N PHE E 231 -26.98 33.36 -32.58
CA PHE E 231 -25.75 32.58 -32.55
C PHE E 231 -25.44 31.93 -33.89
N VAL E 232 -26.45 31.28 -34.48
CA VAL E 232 -26.36 30.64 -35.79
C VAL E 232 -26.09 31.64 -36.93
N THR E 233 -26.71 32.82 -36.82
CA THR E 233 -26.60 33.89 -37.82
C THR E 233 -25.17 34.33 -38.06
N GLN E 234 -24.40 34.46 -36.98
CA GLN E 234 -23.02 34.89 -37.08
C GLN E 234 -22.05 33.73 -37.29
N ARG E 235 -22.59 32.55 -37.62
CA ARG E 235 -21.75 31.38 -37.83
C ARG E 235 -22.02 30.75 -39.20
N ASN E 236 -23.20 31.03 -39.73
CA ASN E 236 -23.64 30.55 -41.05
C ASN E 236 -24.10 31.79 -41.81
N CYS E 237 -23.46 32.09 -42.93
CA CYS E 237 -23.78 33.38 -43.57
C CYS E 237 -24.95 33.36 -44.58
N ASN E 238 -25.63 32.22 -44.72
CA ASN E 238 -26.80 32.14 -45.61
C ASN E 238 -28.12 32.19 -44.83
N LEU E 239 -28.01 32.26 -43.50
CA LEU E 239 -29.19 32.29 -42.64
C LEU E 239 -29.37 33.68 -42.08
N THR E 240 -30.62 34.15 -42.06
CA THR E 240 -30.94 35.41 -41.41
C THR E 240 -32.22 35.35 -40.57
N GLN E 241 -32.33 36.30 -39.65
CA GLN E 241 -33.54 36.47 -38.88
C GLN E 241 -34.49 37.38 -39.65
N ILE E 242 -35.76 37.00 -39.70
CA ILE E 242 -36.74 37.89 -40.30
C ILE E 242 -37.73 38.40 -39.26
N GLY E 243 -37.87 39.73 -39.24
CA GLY E 243 -38.75 40.38 -38.28
C GLY E 243 -38.08 40.52 -36.93
N GLY E 244 -38.82 41.04 -35.96
CA GLY E 244 -38.34 41.19 -34.59
C GLY E 244 -38.78 40.05 -33.69
N LEU E 245 -39.15 40.38 -32.46
CA LEU E 245 -39.54 39.39 -31.45
C LEU E 245 -41.04 39.17 -31.41
N ILE E 246 -41.44 37.92 -31.20
CA ILE E 246 -42.84 37.53 -31.21
C ILE E 246 -43.44 37.42 -29.81
N ASP E 247 -42.59 37.40 -28.78
CA ASP E 247 -43.03 37.50 -27.38
C ASP E 247 -41.84 37.84 -26.50
N SER E 248 -42.07 37.93 -25.19
CA SER E 248 -41.03 38.27 -24.22
C SER E 248 -40.84 37.07 -23.31
N LYS E 249 -39.62 36.55 -23.22
CA LYS E 249 -39.42 35.27 -22.55
C LYS E 249 -38.49 35.25 -21.33
N GLY E 250 -37.18 35.28 -21.56
CA GLY E 250 -36.23 35.07 -20.45
C GLY E 250 -36.03 33.62 -19.96
N TYR E 251 -34.75 33.21 -19.89
CA TYR E 251 -34.32 31.94 -19.27
C TYR E 251 -33.95 32.20 -17.83
N GLY E 252 -34.15 31.22 -16.96
CA GLY E 252 -33.79 31.38 -15.55
C GLY E 252 -33.33 30.10 -14.92
N VAL E 253 -32.49 30.21 -13.89
CA VAL E 253 -32.00 29.05 -13.13
C VAL E 253 -33.15 28.32 -12.45
N GLY E 254 -33.40 27.09 -12.91
CA GLY E 254 -34.47 26.23 -12.40
C GLY E 254 -34.22 25.61 -11.02
N THR E 255 -35.30 25.39 -10.30
CA THR E 255 -35.25 25.08 -8.88
C THR E 255 -36.53 24.38 -8.44
N PRO E 256 -36.41 23.43 -7.52
CA PRO E 256 -37.58 22.71 -7.00
C PRO E 256 -38.61 23.66 -6.39
N MET E 257 -39.88 23.37 -6.66
CA MET E 257 -41.00 24.13 -6.14
C MET E 257 -40.73 24.55 -4.71
N GLY E 258 -40.52 25.85 -4.51
CA GLY E 258 -40.17 26.42 -3.20
C GLY E 258 -38.86 25.88 -2.65
N SER E 259 -37.80 26.68 -2.70
CA SER E 259 -36.48 26.26 -2.24
C SER E 259 -35.68 27.42 -1.70
N PRO E 260 -34.94 27.20 -0.62
CA PRO E 260 -34.17 28.29 0.02
C PRO E 260 -33.02 28.83 -0.85
N TYR E 261 -32.83 28.28 -2.04
CA TYR E 261 -31.67 28.64 -2.83
C TYR E 261 -31.92 29.74 -3.87
N ARG E 262 -33.12 29.71 -4.45
CA ARG E 262 -33.46 30.59 -5.54
C ARG E 262 -33.16 32.07 -5.24
N ASP E 263 -33.77 32.60 -4.18
CA ASP E 263 -33.65 34.02 -3.85
C ASP E 263 -32.21 34.53 -3.85
N LYS E 264 -31.29 33.73 -3.32
CA LYS E 264 -29.87 34.07 -3.35
C LYS E 264 -29.35 34.15 -4.79
N ILE E 265 -29.76 33.18 -5.62
CA ILE E 265 -29.36 33.13 -7.03
C ILE E 265 -29.95 34.31 -7.80
N THR E 266 -31.21 34.61 -7.53
CA THR E 266 -31.87 35.79 -8.10
C THR E 266 -30.96 37.01 -7.92
N ILE E 267 -30.70 37.37 -6.66
CA ILE E 267 -29.78 38.43 -6.29
C ILE E 267 -28.46 38.31 -7.04
N ALA E 268 -27.89 37.11 -7.05
CA ALA E 268 -26.58 36.86 -7.62
C ALA E 268 -26.53 37.03 -9.15
N ILE E 269 -27.62 36.67 -9.83
CA ILE E 269 -27.76 36.90 -11.27
C ILE E 269 -27.75 38.41 -11.56
N LEU E 270 -28.52 39.17 -10.78
CA LEU E 270 -28.56 40.62 -10.88
C LEU E 270 -27.18 41.21 -10.60
N GLN E 271 -26.59 40.80 -9.48
CA GLN E 271 -25.22 41.12 -9.14
C GLN E 271 -24.27 41.03 -10.35
N LEU E 272 -24.45 40.03 -11.19
CA LEU E 272 -23.56 39.81 -12.32
C LEU E 272 -23.94 40.67 -13.51
N GLN E 273 -25.23 40.99 -13.60
CA GLN E 273 -25.72 41.87 -14.65
C GLN E 273 -25.17 43.27 -14.38
N GLU E 274 -25.31 43.68 -13.12
CA GLU E 274 -24.89 44.99 -12.65
C GLU E 274 -23.45 45.25 -13.06
N GLU E 275 -22.60 44.26 -12.85
CA GLU E 275 -21.18 44.41 -13.09
C GLU E 275 -20.76 44.21 -14.56
N GLY E 276 -21.71 43.80 -15.39
CA GLY E 276 -21.44 43.56 -16.81
C GLY E 276 -20.81 42.21 -17.16
N LYS E 277 -20.73 41.29 -16.19
CA LYS E 277 -20.26 39.93 -16.47
C LYS E 277 -21.19 39.18 -17.41
N LEU E 278 -22.49 39.40 -17.21
CA LEU E 278 -23.52 38.84 -18.07
C LEU E 278 -23.39 39.34 -19.51
N HIS E 279 -22.85 40.53 -19.71
CA HIS E 279 -22.59 40.98 -21.07
C HIS E 279 -21.38 40.26 -21.61
N MET E 280 -20.27 40.38 -20.91
CA MET E 280 -19.04 39.71 -21.31
C MET E 280 -19.31 38.29 -21.79
N MET E 281 -19.86 37.46 -20.92
CA MET E 281 -20.15 36.07 -21.23
C MET E 281 -20.84 35.85 -22.58
N LYS E 282 -21.89 36.62 -22.88
CA LYS E 282 -22.55 36.57 -24.21
C LYS E 282 -21.60 36.97 -25.36
N GLU E 283 -20.85 38.05 -25.13
CA GLU E 283 -19.88 38.54 -26.09
C GLU E 283 -18.87 37.43 -26.37
N LYS E 284 -18.58 36.65 -25.34
CA LYS E 284 -17.69 35.49 -25.44
C LYS E 284 -18.30 34.43 -26.34
N TRP E 285 -19.48 33.96 -25.99
CA TRP E 285 -20.02 32.78 -26.63
C TRP E 285 -20.80 33.03 -27.93
N TRP E 286 -21.16 34.27 -28.20
CA TRP E 286 -21.94 34.59 -29.41
C TRP E 286 -21.12 35.19 -30.56
N ARG E 287 -19.97 35.78 -30.24
CA ARG E 287 -18.98 36.26 -31.22
C ARG E 287 -18.96 35.45 -32.54
N GLY E 288 -18.91 36.18 -33.66
CA GLY E 288 -18.83 35.58 -34.99
C GLY E 288 -17.71 36.14 -35.87
N ASN F 5 -11.04 -53.81 11.86
CA ASN F 5 -11.18 -53.41 10.43
C ASN F 5 -10.72 -51.97 10.18
N ILE F 6 -10.31 -51.71 8.94
CA ILE F 6 -9.80 -50.35 8.58
C ILE F 6 -10.16 -49.80 7.19
N THR F 7 -10.79 -50.59 6.33
CA THR F 7 -11.24 -50.08 5.04
C THR F 7 -12.20 -48.93 5.31
N ASP F 8 -11.96 -47.80 4.65
CA ASP F 8 -12.69 -46.56 4.92
C ASP F 8 -12.52 -46.00 6.34
N SER F 9 -11.94 -46.79 7.25
CA SER F 9 -11.83 -46.43 8.68
C SER F 9 -11.36 -45.00 8.95
N LEU F 10 -10.96 -44.30 7.89
CA LEU F 10 -10.49 -42.92 8.00
C LEU F 10 -11.17 -42.03 6.96
N SER F 11 -12.43 -42.33 6.68
CA SER F 11 -13.32 -41.47 5.88
C SER F 11 -13.45 -40.13 6.60
N ASN F 12 -14.50 -39.37 6.31
CA ASN F 12 -14.76 -38.09 6.99
C ASN F 12 -13.58 -37.36 7.74
N ARG F 13 -12.38 -37.38 7.16
CA ARG F 13 -11.18 -36.67 7.69
C ARG F 13 -10.31 -36.12 6.54
N SER F 14 -9.71 -34.96 6.75
CA SER F 14 -8.79 -34.36 5.76
C SER F 14 -7.43 -34.04 6.38
N LEU F 15 -6.37 -34.58 5.77
CA LEU F 15 -5.05 -34.54 6.38
C LEU F 15 -4.04 -33.67 5.64
N ILE F 16 -3.08 -33.13 6.39
CA ILE F 16 -1.97 -32.36 5.84
C ILE F 16 -0.72 -33.22 5.91
N VAL F 17 -0.19 -33.59 4.74
CA VAL F 17 1.07 -34.33 4.72
C VAL F 17 2.24 -33.43 4.34
N THR F 18 3.25 -33.40 5.22
CA THR F 18 4.51 -32.75 4.88
C THR F 18 5.43 -33.79 4.28
N THR F 19 6.25 -33.34 3.34
CA THR F 19 7.23 -34.20 2.67
C THR F 19 8.42 -33.37 2.19
N ILE F 20 9.41 -34.03 1.61
CA ILE F 20 10.59 -33.32 1.11
C ILE F 20 10.93 -33.83 -0.29
N LEU F 21 11.58 -32.99 -1.10
CA LEU F 21 11.92 -33.39 -2.46
C LEU F 21 13.15 -34.28 -2.42
N GLU F 22 13.03 -35.47 -2.98
CA GLU F 22 14.10 -36.47 -2.94
C GLU F 22 13.80 -37.59 -3.93
N GLU F 23 14.61 -37.72 -4.98
CA GLU F 23 14.35 -38.73 -6.01
C GLU F 23 14.70 -40.16 -5.52
N PRO F 24 13.88 -41.17 -5.85
CA PRO F 24 12.65 -41.00 -6.61
C PRO F 24 11.40 -41.13 -5.72
N TYR F 25 11.52 -40.61 -4.50
CA TYR F 25 10.43 -40.69 -3.52
C TYR F 25 9.40 -39.61 -3.78
N VAL F 26 9.88 -38.38 -3.91
CA VAL F 26 9.03 -37.21 -4.19
C VAL F 26 9.65 -36.28 -5.24
N LEU F 27 8.86 -35.92 -6.25
CA LEU F 27 9.27 -35.03 -7.35
C LEU F 27 8.17 -34.04 -7.75
N PHE F 28 8.56 -32.86 -8.24
CA PHE F 28 7.64 -32.05 -9.07
C PHE F 28 7.47 -32.74 -10.41
N LYS F 29 6.22 -33.05 -10.78
CA LYS F 29 5.95 -33.69 -12.08
C LYS F 29 6.42 -32.82 -13.24
N LYS F 30 7.02 -33.44 -14.26
CA LYS F 30 7.30 -32.74 -15.53
C LYS F 30 5.95 -32.46 -16.22
N SER F 31 5.84 -31.32 -16.91
CA SER F 31 4.56 -30.92 -17.51
C SER F 31 4.60 -29.60 -18.25
N ASP F 32 3.59 -29.42 -19.11
CA ASP F 32 3.48 -28.29 -20.01
C ASP F 32 2.29 -27.42 -19.63
N LYS F 33 1.47 -27.95 -18.74
CA LYS F 33 0.36 -27.25 -18.18
C LYS F 33 0.60 -27.16 -16.68
N PRO F 34 0.12 -26.07 -16.05
CA PRO F 34 0.13 -25.96 -14.57
C PRO F 34 -0.69 -27.05 -13.87
N LEU F 35 -0.15 -27.65 -12.82
CA LEU F 35 -0.87 -28.70 -12.04
C LEU F 35 -1.19 -28.23 -10.61
N TYR F 36 -2.37 -28.61 -10.10
CA TYR F 36 -2.81 -28.17 -8.76
C TYR F 36 -2.82 -29.29 -7.71
N GLY F 37 -2.53 -28.92 -6.45
CA GLY F 37 -2.68 -29.82 -5.30
C GLY F 37 -1.72 -31.00 -5.34
N ASN F 38 -2.18 -32.15 -4.83
CA ASN F 38 -1.41 -33.39 -4.93
C ASN F 38 -0.91 -33.67 -6.36
N ASP F 39 -1.71 -33.30 -7.35
CA ASP F 39 -1.35 -33.47 -8.76
C ASP F 39 -0.04 -32.78 -9.20
N ARG F 40 0.56 -31.96 -8.32
CA ARG F 40 1.91 -31.37 -8.51
C ARG F 40 3.00 -32.43 -8.59
N PHE F 41 2.83 -33.48 -7.80
CA PHE F 41 3.94 -34.34 -7.37
C PHE F 41 3.94 -35.76 -7.94
N GLU F 42 5.14 -36.26 -8.20
CA GLU F 42 5.40 -37.64 -8.64
C GLU F 42 6.25 -38.41 -7.61
N GLY F 43 6.18 -39.73 -7.62
CA GLY F 43 7.20 -40.53 -6.91
C GLY F 43 6.66 -41.63 -6.04
N TYR F 44 7.58 -42.47 -5.55
CA TYR F 44 7.23 -43.61 -4.72
C TYR F 44 6.28 -43.21 -3.57
N CYS F 45 6.68 -42.22 -2.77
CA CYS F 45 5.87 -41.81 -1.62
C CYS F 45 4.53 -41.22 -2.01
N ILE F 46 4.47 -40.61 -3.21
CA ILE F 46 3.24 -40.06 -3.79
C ILE F 46 2.22 -41.19 -4.07
N ASP F 47 2.66 -42.24 -4.74
CA ASP F 47 1.74 -43.37 -4.91
C ASP F 47 1.47 -44.12 -3.62
N LEU F 48 2.47 -44.24 -2.73
CA LEU F 48 2.20 -44.75 -1.40
C LEU F 48 1.02 -44.00 -0.77
N LEU F 49 1.04 -42.67 -0.84
CA LEU F 49 0.00 -41.85 -0.23
C LEU F 49 -1.34 -42.09 -0.89
N ARG F 50 -1.33 -42.12 -2.23
CA ARG F 50 -2.52 -42.43 -3.03
C ARG F 50 -3.11 -43.74 -2.52
N GLU F 51 -2.24 -44.75 -2.40
CA GLU F 51 -2.63 -46.08 -1.88
C GLU F 51 -3.21 -46.06 -0.48
N LEU F 52 -2.44 -45.50 0.46
CA LEU F 52 -2.90 -45.34 1.83
C LEU F 52 -4.27 -44.67 1.86
N SER F 53 -4.45 -43.68 0.99
CA SER F 53 -5.70 -42.93 0.90
C SER F 53 -6.84 -43.84 0.45
N THR F 54 -6.60 -44.59 -0.64
CA THR F 54 -7.58 -45.55 -1.14
C THR F 54 -8.11 -46.42 0.01
N ILE F 55 -7.18 -47.07 0.72
CA ILE F 55 -7.51 -47.99 1.82
C ILE F 55 -8.21 -47.26 2.97
N LEU F 56 -7.57 -46.23 3.52
CA LEU F 56 -8.05 -45.58 4.74
C LEU F 56 -9.14 -44.56 4.49
N GLY F 57 -9.28 -44.14 3.23
CA GLY F 57 -10.37 -43.23 2.78
C GLY F 57 -10.32 -41.81 3.29
N PHE F 58 -9.12 -41.28 3.49
CA PHE F 58 -8.93 -39.90 3.92
C PHE F 58 -8.63 -39.02 2.71
N THR F 59 -8.85 -37.71 2.87
CA THR F 59 -8.42 -36.73 1.88
C THR F 59 -7.18 -35.98 2.41
N TYR F 60 -6.26 -35.64 1.52
CA TYR F 60 -4.94 -35.13 1.95
C TYR F 60 -4.40 -33.99 1.07
N GLU F 61 -3.62 -33.12 1.70
CA GLU F 61 -2.91 -32.04 1.03
C GLU F 61 -1.42 -32.26 1.25
N ILE F 62 -0.66 -32.40 0.17
CA ILE F 62 0.81 -32.46 0.29
C ILE F 62 1.42 -31.05 0.40
N ARG F 63 2.33 -30.88 1.35
CA ARG F 63 3.06 -29.62 1.50
C ARG F 63 4.54 -29.92 1.77
N LEU F 64 5.43 -29.32 1.00
CA LEU F 64 6.87 -29.46 1.20
C LEU F 64 7.24 -28.87 2.55
N VAL F 65 8.13 -29.56 3.28
CA VAL F 65 8.61 -29.06 4.57
C VAL F 65 9.13 -27.64 4.40
N GLU F 66 8.55 -26.72 5.17
CA GLU F 66 8.79 -25.30 5.05
C GLU F 66 10.28 -24.99 5.20
N ASP F 67 10.91 -25.53 6.25
CA ASP F 67 12.35 -25.32 6.48
C ASP F 67 13.25 -26.20 5.58
N GLY F 68 12.66 -27.21 4.94
CA GLY F 68 13.38 -28.00 3.95
C GLY F 68 14.38 -29.00 4.50
N LYS F 69 14.21 -29.41 5.76
CA LYS F 69 15.04 -30.52 6.28
C LYS F 69 14.21 -31.66 6.91
N TYR F 70 14.87 -32.81 7.07
CA TYR F 70 14.18 -34.02 7.55
C TYR F 70 13.89 -33.81 9.01
N GLY F 71 14.92 -33.62 9.80
CA GLY F 71 14.66 -33.35 11.17
C GLY F 71 15.70 -33.84 12.21
N ALA F 72 16.76 -33.05 12.47
CA ALA F 72 17.74 -33.39 13.49
C ALA F 72 17.44 -32.57 14.75
N GLN F 73 18.05 -32.99 15.83
CA GLN F 73 17.98 -32.32 17.10
C GLN F 73 19.16 -31.36 17.16
N ASP F 74 18.88 -30.08 17.40
CA ASP F 74 19.92 -29.06 17.53
C ASP F 74 20.83 -29.40 18.74
N ASP F 75 22.13 -29.49 18.47
CA ASP F 75 23.15 -29.78 19.49
C ASP F 75 23.08 -28.80 20.68
N VAL F 76 23.21 -27.50 20.38
CA VAL F 76 23.27 -26.44 21.39
C VAL F 76 22.02 -26.40 22.29
N ASN F 77 20.83 -26.18 21.74
CA ASN F 77 19.67 -26.23 22.64
C ASN F 77 18.54 -27.20 22.42
N GLY F 78 18.96 -28.35 21.86
CA GLY F 78 18.10 -29.54 21.74
C GLY F 78 16.70 -29.29 21.21
N GLN F 79 16.62 -28.56 20.10
CA GLN F 79 15.32 -28.31 19.45
C GLN F 79 15.27 -29.03 18.11
N TRP F 80 14.12 -29.54 17.77
CA TRP F 80 14.07 -30.31 16.52
C TRP F 80 13.86 -29.44 15.28
N ASN F 81 14.14 -29.97 14.09
CA ASN F 81 13.82 -29.14 12.91
C ASN F 81 13.12 -29.93 11.84
N GLY F 82 12.73 -29.20 10.82
CA GLY F 82 12.07 -29.73 9.64
C GLY F 82 10.79 -30.51 9.93
N MET F 83 10.71 -31.66 9.29
CA MET F 83 9.58 -32.53 9.43
C MET F 83 9.47 -33.06 10.83
N VAL F 84 10.58 -33.16 11.47
CA VAL F 84 10.54 -33.71 12.83
C VAL F 84 9.89 -32.71 13.73
N ARG F 85 9.94 -31.47 13.29
CA ARG F 85 9.37 -30.40 14.04
C ARG F 85 7.96 -30.14 13.61
N GLU F 86 7.72 -30.07 12.30
CA GLU F 86 6.38 -29.82 11.78
C GLU F 86 5.32 -30.63 12.53
N LEU F 87 5.62 -31.91 12.72
CA LEU F 87 4.69 -32.82 13.36
C LEU F 87 4.40 -32.39 14.81
N ILE F 88 5.46 -31.91 15.52
CA ILE F 88 5.24 -31.50 16.90
C ILE F 88 3.92 -30.75 17.00
N ASP F 93 -0.05 -33.65 9.89
CA ASP F 93 -0.59 -34.90 10.42
C ASP F 93 0.35 -36.08 10.14
N LEU F 94 0.81 -36.18 8.90
CA LEU F 94 1.71 -37.26 8.52
C LEU F 94 2.94 -36.74 7.76
N ALA F 95 4.04 -37.47 7.90
CA ALA F 95 5.25 -37.18 7.17
C ALA F 95 5.60 -38.35 6.28
N VAL F 96 5.32 -38.21 5.00
CA VAL F 96 5.59 -39.27 4.04
C VAL F 96 6.83 -38.94 3.21
N ALA F 97 7.96 -39.50 3.60
CA ALA F 97 9.24 -39.28 2.91
C ALA F 97 10.25 -40.36 3.30
N PRO F 98 11.39 -40.42 2.64
CA PRO F 98 12.47 -41.33 3.06
C PRO F 98 13.05 -40.90 4.41
N LEU F 99 12.17 -40.85 5.41
CA LEU F 99 12.48 -40.49 6.78
C LEU F 99 12.81 -41.76 7.57
N ALA F 100 14.06 -41.90 7.97
CA ALA F 100 14.51 -43.10 8.70
C ALA F 100 13.94 -43.15 10.12
N ILE F 101 13.37 -44.30 10.50
CA ILE F 101 12.94 -44.55 11.90
C ILE F 101 14.20 -44.70 12.73
N THR F 102 14.47 -43.72 13.56
CA THR F 102 15.64 -43.76 14.42
C THR F 102 15.23 -43.64 15.88
N TYR F 103 16.11 -44.12 16.77
CA TYR F 103 15.86 -44.05 18.21
C TYR F 103 15.54 -42.62 18.66
N VAL F 104 16.45 -41.69 18.35
CA VAL F 104 16.30 -40.28 18.77
C VAL F 104 14.98 -39.71 18.26
N ARG F 105 14.70 -39.94 16.97
CA ARG F 105 13.46 -39.44 16.37
C ARG F 105 12.20 -40.05 17.03
N GLU F 106 12.27 -41.35 17.33
CA GLU F 106 11.18 -42.08 17.97
C GLU F 106 10.78 -41.48 19.33
N LYS F 107 11.76 -40.88 20.01
CA LYS F 107 11.55 -40.34 21.34
C LYS F 107 10.61 -39.13 21.32
N ILE F 109 8.60 -38.34 18.39
CA ILE F 109 7.52 -38.54 17.42
C ILE F 109 7.13 -40.02 17.27
N ASP F 110 5.91 -40.27 16.79
CA ASP F 110 5.49 -41.64 16.51
C ASP F 110 5.77 -42.00 15.05
N PHE F 111 6.18 -43.24 14.83
CA PHE F 111 6.36 -43.75 13.48
C PHE F 111 5.40 -44.87 13.21
N SER F 112 5.01 -45.03 11.95
CA SER F 112 4.36 -46.24 11.48
C SER F 112 5.46 -47.31 11.37
N LYS F 113 5.05 -48.56 11.14
CA LYS F 113 6.00 -49.62 10.81
C LYS F 113 6.54 -49.33 9.39
N PRO F 114 7.78 -49.73 9.10
CA PRO F 114 8.41 -49.39 7.82
C PRO F 114 7.59 -49.81 6.59
N PHE F 115 7.60 -48.95 5.57
CA PHE F 115 7.05 -49.31 4.27
C PHE F 115 8.19 -49.75 3.38
N MET F 116 9.41 -49.51 3.85
CA MET F 116 10.62 -49.90 3.13
C MET F 116 11.71 -50.19 4.16
N THR F 117 12.46 -51.27 3.93
CA THR F 117 13.55 -51.61 4.83
C THR F 117 14.87 -51.43 4.08
N LEU F 118 15.91 -51.00 4.80
CA LEU F 118 17.18 -50.65 4.16
C LEU F 118 18.34 -50.74 5.18
N GLY F 119 19.51 -50.24 4.77
CA GLY F 119 20.67 -50.11 5.66
C GLY F 119 21.78 -49.26 5.03
N ILE F 120 22.75 -48.82 5.86
CA ILE F 120 23.94 -48.08 5.39
C ILE F 120 24.77 -48.96 4.44
N SER F 121 25.29 -48.38 3.38
CA SER F 121 26.23 -49.09 2.51
C SER F 121 27.25 -48.13 1.92
N ILE F 122 28.12 -48.61 1.03
CA ILE F 122 29.07 -47.69 0.42
C ILE F 122 28.93 -47.57 -1.09
N LEU F 123 29.05 -46.32 -1.57
CA LEU F 123 29.01 -46.04 -3.00
C LEU F 123 30.36 -45.57 -3.52
N TYR F 124 30.81 -46.20 -4.61
CA TYR F 124 31.94 -45.74 -5.45
C TYR F 124 31.56 -45.73 -6.95
N ILE F 167 41.92 -43.79 0.65
CA ILE F 167 40.70 -43.22 0.10
C ILE F 167 39.73 -42.73 1.19
N GLU F 168 39.31 -41.47 1.02
CA GLU F 168 38.47 -40.78 2.00
C GLU F 168 37.01 -41.22 1.95
N TYR F 169 36.32 -41.10 3.08
CA TYR F 169 34.93 -41.55 3.19
C TYR F 169 34.13 -40.66 4.13
N GLY F 170 32.84 -40.51 3.85
CA GLY F 170 31.93 -39.70 4.67
C GLY F 170 30.44 -39.94 4.46
N ALA F 171 29.63 -39.18 5.19
CA ALA F 171 28.16 -39.31 5.14
C ALA F 171 27.50 -37.92 5.10
N VAL F 172 26.18 -37.88 4.93
CA VAL F 172 25.46 -36.63 5.03
C VAL F 172 25.39 -36.22 6.51
N GLU F 173 25.86 -35.01 6.80
CA GLU F 173 25.96 -34.59 8.18
C GLU F 173 24.63 -34.39 8.90
N ASP F 174 24.63 -34.85 10.16
CA ASP F 174 23.46 -34.89 11.03
C ASP F 174 22.28 -35.72 10.50
N GLY F 175 22.58 -36.60 9.53
CA GLY F 175 21.59 -37.55 9.00
C GLY F 175 21.64 -38.86 9.76
N ALA F 176 20.65 -39.72 9.53
CA ALA F 176 20.60 -41.00 10.23
C ALA F 176 21.87 -41.82 10.01
N THR F 177 22.43 -41.75 8.79
CA THR F 177 23.69 -42.42 8.48
C THR F 177 24.78 -41.96 9.44
N MET F 178 24.96 -40.63 9.54
CA MET F 178 25.95 -40.08 10.46
C MET F 178 25.66 -40.49 11.91
N THR F 179 24.43 -40.24 12.36
CA THR F 179 24.05 -40.51 13.75
C THR F 179 24.26 -41.97 14.13
N PHE F 180 24.20 -42.88 13.16
CA PHE F 180 24.53 -44.29 13.43
C PHE F 180 25.96 -44.45 13.96
N PHE F 181 26.94 -43.84 13.28
CA PHE F 181 28.35 -43.95 13.70
C PHE F 181 28.61 -43.12 14.94
N LYS F 191 36.78 -46.98 14.98
CA LYS F 191 35.91 -45.85 14.87
C LYS F 191 36.17 -45.10 13.59
N MET F 192 35.27 -45.35 12.66
CA MET F 192 35.23 -44.65 11.39
C MET F 192 34.61 -43.32 11.75
N TRP F 193 33.84 -43.33 12.84
CA TRP F 193 33.22 -42.08 13.34
C TRP F 193 34.31 -41.12 13.77
N ALA F 194 35.30 -41.66 14.48
CA ALA F 194 36.46 -40.87 14.92
C ALA F 194 37.12 -40.20 13.71
N PHE F 195 37.34 -40.98 12.65
CA PHE F 195 37.94 -40.45 11.43
C PHE F 195 37.15 -39.29 10.83
N MET F 196 35.85 -39.49 10.62
CA MET F 196 35.01 -38.46 10.00
C MET F 196 34.75 -37.28 10.92
N SER F 197 34.65 -37.54 12.23
CA SER F 197 34.52 -36.50 13.25
C SER F 197 35.69 -35.52 13.16
N SER F 198 36.91 -36.05 13.19
CA SER F 198 38.14 -35.26 13.07
C SER F 198 38.25 -34.47 11.76
N ARG F 199 37.72 -35.00 10.66
CA ARG F 199 37.72 -34.21 9.42
C ARG F 199 36.31 -33.84 8.93
N ARG F 200 35.51 -33.35 9.89
CA ARG F 200 34.10 -33.00 9.67
C ARG F 200 33.83 -32.09 8.45
N GLN F 201 34.60 -31.00 8.31
CA GLN F 201 34.41 -29.99 7.26
C GLN F 201 34.75 -30.49 5.85
N SER F 202 35.65 -31.47 5.80
CA SER F 202 36.21 -31.98 4.55
C SER F 202 35.42 -33.15 4.01
N LEU F 204 32.30 -34.74 5.56
CA LEU F 204 30.85 -34.73 5.67
C LEU F 204 30.20 -33.85 4.60
N VAL F 205 29.23 -34.41 3.89
CA VAL F 205 28.53 -33.73 2.81
C VAL F 205 27.17 -33.22 3.29
N LYS F 206 26.51 -32.37 2.51
CA LYS F 206 25.24 -31.75 2.93
C LYS F 206 23.96 -32.41 2.35
N SER F 207 24.11 -33.19 1.28
CA SER F 207 22.99 -33.87 0.62
C SER F 207 23.46 -35.07 -0.19
N ASN F 208 22.51 -35.91 -0.59
CA ASN F 208 22.85 -37.08 -1.39
C ASN F 208 23.57 -36.73 -2.69
N GLU F 209 23.04 -35.75 -3.44
CA GLU F 209 23.63 -35.32 -4.73
C GLU F 209 25.07 -34.85 -4.54
N GLU F 210 25.28 -34.09 -3.47
CA GLU F 210 26.60 -33.63 -3.03
C GLU F 210 27.55 -34.82 -2.92
N GLY F 211 27.11 -35.85 -2.19
CA GLY F 211 27.89 -37.06 -1.96
C GLY F 211 28.21 -37.78 -3.26
N ILE F 212 27.17 -38.03 -4.08
CA ILE F 212 27.30 -38.69 -5.39
C ILE F 212 28.36 -38.03 -6.26
N GLN F 213 28.21 -36.71 -6.43
CA GLN F 213 29.14 -35.87 -7.19
C GLN F 213 30.55 -35.94 -6.62
N ARG F 214 30.66 -35.98 -5.30
CA ARG F 214 31.98 -36.04 -4.64
C ARG F 214 32.64 -37.42 -4.75
N VAL F 215 31.85 -38.44 -5.08
CA VAL F 215 32.36 -39.77 -5.37
C VAL F 215 32.92 -39.76 -6.79
N LEU F 216 32.11 -39.24 -7.72
CA LEU F 216 32.51 -39.11 -9.13
C LEU F 216 33.70 -38.16 -9.33
N THR F 217 33.84 -37.16 -8.46
CA THR F 217 34.82 -36.08 -8.60
C THR F 217 36.15 -36.39 -7.92
N SER F 218 36.07 -36.92 -6.70
CA SER F 218 37.25 -37.16 -5.88
C SER F 218 37.53 -38.66 -5.77
N ASP F 219 38.36 -39.04 -4.80
CA ASP F 219 38.58 -40.45 -4.49
C ASP F 219 37.93 -40.75 -3.13
N TYR F 220 36.61 -40.97 -3.22
CA TYR F 220 35.72 -40.82 -2.08
C TYR F 220 34.70 -41.96 -2.02
N ALA F 221 34.59 -42.60 -0.85
CA ALA F 221 33.55 -43.59 -0.61
C ALA F 221 32.43 -42.91 0.16
N PHE F 222 31.22 -42.93 -0.40
CA PHE F 222 30.08 -42.28 0.23
C PHE F 222 29.23 -43.27 0.99
N LEU F 223 29.08 -43.01 2.29
CA LEU F 223 28.20 -43.80 3.15
C LEU F 223 26.76 -43.31 2.98
N MET F 224 26.02 -44.00 2.12
CA MET F 224 24.60 -43.68 1.95
C MET F 224 23.68 -44.89 2.03
N GLU F 225 22.38 -44.60 2.16
CA GLU F 225 21.37 -45.64 2.36
C GLU F 225 21.20 -46.54 1.12
N SER F 226 21.33 -47.84 1.36
CA SER F 226 21.25 -48.90 0.35
C SER F 226 20.16 -48.64 -0.70
N THR F 227 19.00 -48.28 -0.17
CA THR F 227 17.80 -47.96 -0.93
C THR F 227 18.08 -46.93 -2.03
N THR F 228 18.77 -45.85 -1.66
CA THR F 228 19.12 -44.77 -2.58
C THR F 228 20.29 -45.16 -3.49
N ILE F 229 21.22 -45.98 -2.97
CA ILE F 229 22.35 -46.49 -3.77
C ILE F 229 21.82 -47.29 -4.95
N GLU F 230 20.95 -48.24 -4.66
CA GLU F 230 20.41 -49.08 -5.72
C GLU F 230 19.62 -48.33 -6.78
N PHE F 231 19.16 -47.11 -6.45
CA PHE F 231 18.57 -46.23 -7.46
C PHE F 231 19.60 -45.63 -8.41
N VAL F 232 20.66 -45.01 -7.84
CA VAL F 232 21.71 -44.37 -8.65
C VAL F 232 22.56 -45.37 -9.43
N THR F 233 22.71 -46.56 -8.86
CA THR F 233 23.50 -47.63 -9.46
C THR F 233 22.96 -48.00 -10.84
N GLN F 234 21.64 -48.13 -10.93
CA GLN F 234 20.96 -48.53 -12.18
C GLN F 234 20.71 -47.34 -13.12
N ARG F 235 21.34 -46.20 -12.82
CA ARG F 235 21.13 -44.94 -13.54
C ARG F 235 22.45 -44.33 -14.01
N ASN F 236 23.51 -44.61 -13.26
CA ASN F 236 24.85 -44.29 -13.70
C ASN F 236 25.72 -45.54 -13.61
N CYS F 237 26.38 -45.82 -14.73
CA CYS F 237 27.06 -47.11 -14.85
C CYS F 237 28.48 -47.16 -14.32
N ASN F 238 28.97 -46.04 -13.76
CA ASN F 238 30.34 -45.96 -13.22
C ASN F 238 30.36 -46.05 -11.70
N LEU F 239 29.17 -46.14 -11.12
CA LEU F 239 29.04 -46.19 -9.67
C LEU F 239 28.59 -47.58 -9.23
N THR F 240 29.20 -48.08 -8.15
CA THR F 240 28.79 -49.39 -7.63
C THR F 240 28.69 -49.36 -6.12
N GLN F 241 27.93 -50.33 -5.60
CA GLN F 241 27.84 -50.56 -4.16
C GLN F 241 28.98 -51.49 -3.70
N ILE F 242 29.63 -51.13 -2.61
CA ILE F 242 30.68 -52.00 -2.05
C ILE F 242 30.24 -52.61 -0.72
N GLY F 243 30.28 -53.93 -0.65
CA GLY F 243 29.86 -54.66 0.54
C GLY F 243 28.35 -54.70 0.66
N GLY F 244 27.87 -55.26 1.76
CA GLY F 244 26.42 -55.39 2.04
C GLY F 244 25.94 -54.24 2.90
N LEU F 245 24.98 -54.52 3.80
CA LEU F 245 24.54 -53.49 4.76
C LEU F 245 25.61 -53.21 5.81
N ILE F 246 25.20 -52.54 6.89
CA ILE F 246 26.07 -52.13 7.99
C ILE F 246 25.14 -51.97 9.18
N ASP F 247 23.91 -51.57 8.90
CA ASP F 247 22.83 -51.69 9.88
C ASP F 247 21.48 -52.08 9.26
N SER F 248 20.48 -52.15 10.14
CA SER F 248 19.09 -52.48 9.82
C SER F 248 18.22 -51.22 10.02
N LYS F 249 17.72 -50.66 8.91
CA LYS F 249 17.09 -49.32 8.96
C LYS F 249 15.55 -49.27 9.00
N GLY F 250 14.89 -49.45 7.86
CA GLY F 250 13.46 -49.16 7.75
C GLY F 250 13.13 -47.67 7.66
N TYR F 251 12.14 -47.31 6.83
CA TYR F 251 11.63 -45.93 6.82
C TYR F 251 10.43 -45.84 7.75
N GLY F 252 9.25 -45.57 7.20
CA GLY F 252 8.05 -45.48 8.02
C GLY F 252 7.54 -44.07 8.27
N VAL F 253 6.30 -43.85 7.82
CA VAL F 253 5.53 -42.60 7.93
C VAL F 253 5.53 -41.92 9.30
N GLY F 254 5.57 -40.59 9.27
CA GLY F 254 5.66 -39.76 10.48
C GLY F 254 4.33 -39.42 11.13
N THR F 255 4.33 -39.39 12.47
CA THR F 255 3.14 -39.04 13.24
C THR F 255 3.45 -38.46 14.63
N PRO F 256 2.76 -37.37 14.99
CA PRO F 256 2.92 -36.73 16.32
C PRO F 256 2.75 -37.68 17.51
N MET F 257 3.54 -37.43 18.57
CA MET F 257 3.36 -38.11 19.87
C MET F 257 1.88 -38.30 20.20
N GLY F 258 1.47 -39.57 20.20
CA GLY F 258 0.06 -39.98 20.38
C GLY F 258 -0.84 -39.46 19.27
N SER F 259 -1.18 -40.33 18.31
CA SER F 259 -2.11 -39.94 17.23
C SER F 259 -3.05 -41.08 16.83
N PRO F 260 -4.33 -40.75 16.65
CA PRO F 260 -5.32 -41.70 16.11
C PRO F 260 -4.82 -42.49 14.88
N TYR F 261 -4.25 -41.79 13.91
CA TYR F 261 -3.94 -42.41 12.61
C TYR F 261 -2.78 -43.40 12.65
N ARG F 262 -1.74 -43.05 13.41
CA ARG F 262 -0.59 -43.92 13.69
C ARG F 262 -0.82 -45.40 13.35
N ASP F 263 -1.68 -46.05 14.14
CA ASP F 263 -1.89 -47.50 14.07
C ASP F 263 -2.47 -47.96 12.73
N LYS F 264 -3.64 -47.43 12.39
CA LYS F 264 -4.33 -47.74 11.13
C LYS F 264 -3.40 -47.59 9.91
N ILE F 265 -2.38 -46.74 10.03
CA ILE F 265 -1.37 -46.62 9.00
C ILE F 265 -0.67 -47.97 8.90
N THR F 266 0.06 -48.31 9.97
CA THR F 266 0.84 -49.57 10.10
C THR F 266 0.18 -50.78 9.43
N ILE F 267 -1.09 -50.99 9.80
CA ILE F 267 -1.98 -51.99 9.19
C ILE F 267 -1.93 -51.87 7.66
N ALA F 268 -2.42 -50.74 7.15
CA ALA F 268 -2.54 -50.45 5.72
C ALA F 268 -1.25 -50.69 4.95
N ILE F 269 -0.14 -50.25 5.54
CA ILE F 269 1.15 -50.53 4.95
C ILE F 269 1.35 -52.04 4.85
N LEU F 270 1.32 -52.73 6.01
CA LEU F 270 1.48 -54.19 6.10
C LEU F 270 0.69 -54.94 5.04
N GLN F 271 -0.61 -54.64 4.99
CA GLN F 271 -1.50 -55.07 3.91
C GLN F 271 -1.00 -54.73 2.47
N LEU F 272 -0.52 -53.50 2.27
CA LEU F 272 0.05 -53.11 0.96
C LEU F 272 1.34 -53.89 0.61
N GLN F 273 2.02 -54.38 1.64
CA GLN F 273 3.14 -55.31 1.44
C GLN F 273 2.67 -56.66 0.90
N GLU F 274 1.72 -57.27 1.59
CA GLU F 274 1.31 -58.64 1.28
C GLU F 274 0.67 -58.80 -0.11
N GLU F 275 -0.16 -57.83 -0.53
CA GLU F 275 -0.69 -57.86 -1.90
C GLU F 275 0.38 -57.51 -2.96
N GLY F 276 1.55 -57.08 -2.52
CA GLY F 276 2.66 -56.81 -3.43
C GLY F 276 2.58 -55.46 -4.14
N LYS F 277 1.83 -54.54 -3.54
CA LYS F 277 1.79 -53.16 -4.01
C LYS F 277 3.11 -52.46 -3.70
N LEU F 278 3.48 -52.39 -2.42
CA LEU F 278 4.80 -51.90 -2.06
C LEU F 278 5.83 -52.33 -3.09
N HIS F 279 5.78 -53.59 -3.52
CA HIS F 279 6.75 -54.12 -4.49
C HIS F 279 6.55 -53.57 -5.91
N MET F 280 5.29 -53.47 -6.34
CA MET F 280 4.86 -52.84 -7.61
C MET F 280 5.55 -51.49 -7.85
N MET F 281 5.53 -50.65 -6.80
CA MET F 281 5.93 -49.25 -6.84
C MET F 281 7.45 -49.12 -6.84
N LYS F 282 8.10 -49.87 -5.95
CA LYS F 282 9.55 -50.02 -5.92
C LYS F 282 10.14 -50.39 -7.29
N GLU F 283 9.49 -51.33 -7.97
CA GLU F 283 9.86 -51.73 -9.33
C GLU F 283 9.70 -50.55 -10.25
N LYS F 284 8.49 -49.97 -10.17
CA LYS F 284 8.04 -48.82 -10.98
C LYS F 284 9.06 -47.69 -10.99
N TRP F 285 9.56 -47.35 -9.80
CA TRP F 285 10.43 -46.18 -9.67
C TRP F 285 11.93 -46.38 -9.98
N TRP F 286 12.48 -47.52 -9.53
CA TRP F 286 13.90 -47.86 -9.70
C TRP F 286 14.25 -48.48 -11.07
N ARG F 287 15.15 -47.81 -11.80
CA ARG F 287 15.52 -48.13 -13.21
C ARG F 287 14.34 -48.01 -14.21
#